data_1YRJ
# 
_entry.id   1YRJ 
# 
_audit_conform.dict_name       mmcif_pdbx.dic 
_audit_conform.dict_version    5.376 
_audit_conform.dict_location   http://mmcif.pdb.org/dictionaries/ascii/mmcif_pdbx.dic 
# 
loop_
_database_2.database_id 
_database_2.database_code 
_database_2.pdbx_database_accession 
_database_2.pdbx_DOI 
PDB   1YRJ         pdb_00001yrj 10.2210/pdb1yrj/pdb 
NDB   DR0011       ?            ?                   
RCSB  RCSB031848   ?            ?                   
WWPDB D_1000031848 ?            ?                   
# 
_pdbx_database_related.db_name        NDB 
_pdbx_database_related.db_id          DR0008 
_pdbx_database_related.details        'The same rna complexed with Geneticin' 
_pdbx_database_related.content_type   unspecified 
# 
_pdbx_database_status.status_code                     REL 
_pdbx_database_status.entry_id                        1YRJ 
_pdbx_database_status.recvd_initial_deposition_date   2005-02-03 
_pdbx_database_status.deposit_site                    RCSB 
_pdbx_database_status.process_site                    RCSB 
_pdbx_database_status.status_code_sf                  ? 
_pdbx_database_status.status_code_mr                  ? 
_pdbx_database_status.SG_entry                        N 
_pdbx_database_status.status_code_cs                  ? 
_pdbx_database_status.methods_development_category    ? 
_pdbx_database_status.pdb_format_compatible           Y 
_pdbx_database_status.status_code_nmr_data            ? 
# 
loop_
_audit_author.name 
_audit_author.pdbx_ordinal 
'Han, Q.'        1 
'Zhao, Q.'       2 
'Fish, S.'       3 
'Simonsen, K.B.' 4 
'Vourloumis, D.' 5 
'Froelich, J.M.' 6 
'Wall, D.'       7 
'Hermann, T.'    8 
# 
_citation.id                        primary 
_citation.title                     'Molecular recognition by glycoside pseudo base pairs and triples in an apramycin-RNA complex.' 
_citation.journal_abbrev            Angew.Chem.Int.Ed.Engl. 
_citation.journal_volume            44 
_citation.page_first                2694 
_citation.page_last                 2700 
_citation.year                      2005 
_citation.journal_id_ASTM           ? 
_citation.country                   GE 
_citation.journal_id_ISSN           1433-7851 
_citation.journal_id_CSD            9999 
_citation.book_publisher            ? 
_citation.pdbx_database_id_PubMed   15849690 
_citation.pdbx_database_id_DOI      10.1002/anie.200500028 
# 
loop_
_citation_author.citation_id 
_citation_author.name 
_citation_author.ordinal 
_citation_author.identifier_ORCID 
primary 'Han, Q.'        1 ? 
primary 'Zhao, Q.'       2 ? 
primary 'Fish, S.'       3 ? 
primary 'Simonsen, K.B.' 4 ? 
primary 'Vourloumis, D.' 5 ? 
primary 'Froelich, J.M.' 6 ? 
primary 'Wall, D.'       7 ? 
primary 'Hermann, T.'    8 ? 
# 
_cell.entry_id           1YRJ 
_cell.length_a           92.250 
_cell.length_b           30.900 
_cell.length_c           45.810 
_cell.angle_alpha        90.00 
_cell.angle_beta         90.00 
_cell.angle_gamma        90.00 
_cell.Z_PDB              8 
_cell.pdbx_unique_axis   ? 
_cell.length_a_esd       ? 
_cell.length_b_esd       ? 
_cell.length_c_esd       ? 
_cell.angle_alpha_esd    ? 
_cell.angle_beta_esd     ? 
_cell.angle_gamma_esd    ? 
# 
_symmetry.entry_id                         1YRJ 
_symmetry.space_group_name_H-M             'P 21 21 2' 
_symmetry.pdbx_full_space_group_name_H-M   ? 
_symmetry.cell_setting                     ? 
_symmetry.Int_Tables_number                18 
_symmetry.space_group_name_Hall            ? 
# 
loop_
_entity.id 
_entity.type 
_entity.src_method 
_entity.pdbx_description 
_entity.formula_weight 
_entity.pdbx_number_of_molecules 
_entity.pdbx_ec 
_entity.pdbx_mutation 
_entity.pdbx_fragment 
_entity.details 
1 polymer     syn 'Bacterial 16 S Ribosomal RNA A Site Oligonucleotide' 7355.409 2  ? ? ? ? 
2 non-polymer syn APRAMYCIN                                             539.577  2  ? ? ? ? 
3 non-polymer syn 'MAGNESIUM ION'                                       24.305   1  ? ? ? ? 
4 non-polymer syn 'POTASSIUM ION'                                       39.098   1  ? ? ? ? 
5 water       nat water                                                 18.015   65 ? ? ? ? 
# 
_entity_poly.entity_id                      1 
_entity_poly.type                           polyribonucleotide 
_entity_poly.nstd_linkage                   no 
_entity_poly.nstd_monomer                   no 
_entity_poly.pdbx_seq_one_letter_code       UUGCGUCACACCGGUGAAGUCGC 
_entity_poly.pdbx_seq_one_letter_code_can   UUGCGUCACACCGGUGAAGUCGC 
_entity_poly.pdbx_strand_id                 A,B 
_entity_poly.pdbx_target_identifier         ? 
# 
loop_
_entity_poly_seq.entity_id 
_entity_poly_seq.num 
_entity_poly_seq.mon_id 
_entity_poly_seq.hetero 
1 1  U n 
1 2  U n 
1 3  G n 
1 4  C n 
1 5  G n 
1 6  U n 
1 7  C n 
1 8  A n 
1 9  C n 
1 10 A n 
1 11 C n 
1 12 C n 
1 13 G n 
1 14 G n 
1 15 U n 
1 16 G n 
1 17 A n 
1 18 A n 
1 19 G n 
1 20 U n 
1 21 C n 
1 22 G n 
1 23 C n 
# 
_struct_ref.id                         1 
_struct_ref.entity_id                  1 
_struct_ref.db_name                    PDB 
_struct_ref.db_code                    1YRJ 
_struct_ref.pdbx_db_accession          1YRJ 
_struct_ref.pdbx_align_begin           ? 
_struct_ref.pdbx_seq_one_letter_code   ? 
_struct_ref.pdbx_db_isoform            ? 
# 
loop_
_struct_ref_seq.align_id 
_struct_ref_seq.ref_id 
_struct_ref_seq.pdbx_PDB_id_code 
_struct_ref_seq.pdbx_strand_id 
_struct_ref_seq.seq_align_beg 
_struct_ref_seq.pdbx_seq_align_beg_ins_code 
_struct_ref_seq.seq_align_end 
_struct_ref_seq.pdbx_seq_align_end_ins_code 
_struct_ref_seq.pdbx_db_accession 
_struct_ref_seq.db_align_beg 
_struct_ref_seq.pdbx_db_align_beg_ins_code 
_struct_ref_seq.db_align_end 
_struct_ref_seq.pdbx_db_align_end_ins_code 
_struct_ref_seq.pdbx_auth_seq_align_beg 
_struct_ref_seq.pdbx_auth_seq_align_end 
1 1 1YRJ A 1 ? 23 ? 1YRJ 1  ? 23 ? 1  23 
2 1 1YRJ B 1 ? 23 ? 1YRJ 24 ? 46 ? 24 46 
# 
loop_
_chem_comp.id 
_chem_comp.type 
_chem_comp.mon_nstd_flag 
_chem_comp.name 
_chem_comp.pdbx_synonyms 
_chem_comp.formula 
_chem_comp.formula_weight 
A   'RNA linking' y "ADENOSINE-5'-MONOPHOSPHATE" ? 'C10 H14 N5 O7 P' 347.221 
AM2 non-polymer   . APRAMYCIN                    
;NEBRAMYCIN II; 4-O-(3ALPHA-AMINO-6ALPHA-((4-AMINO-4-DEOXY-ALPHA-D-GLUCOPYRANOSYL)OXY)-2,3,4,5ABETA,6,7,8,8AALPHA-OCTAHYDRO-8BETA-HYDROXY-7BETA-(METHYLAMINO)PYRANO(3,2-B)PYRAN-2ALPHA-YL)-2-DEOXY-D-STREPTAMINE
;
'C21 H41 N5 O11'  539.577 
C   'RNA linking' y "CYTIDINE-5'-MONOPHOSPHATE"  ? 'C9 H14 N3 O8 P'  323.197 
G   'RNA linking' y "GUANOSINE-5'-MONOPHOSPHATE" ? 'C10 H14 N5 O8 P' 363.221 
HOH non-polymer   . WATER                        ? 'H2 O'            18.015  
K   non-polymer   . 'POTASSIUM ION'              ? 'K 1'             39.098  
MG  non-polymer   . 'MAGNESIUM ION'              ? 'Mg 2'            24.305  
U   'RNA linking' y "URIDINE-5'-MONOPHOSPHATE"   ? 'C9 H13 N2 O9 P'  324.181 
# 
_exptl.entry_id          1YRJ 
_exptl.method            'X-RAY DIFFRACTION' 
_exptl.crystals_number   1 
# 
_exptl_crystal.id                    1 
_exptl_crystal.density_meas          ? 
_exptl_crystal.density_Matthews      2.22 
_exptl_crystal.density_percent_sol   44.57 
_exptl_crystal.description           ? 
_exptl_crystal.F_000                 ? 
_exptl_crystal.preparation           ? 
# 
_exptl_crystal_grow.crystal_id      1 
_exptl_crystal_grow.method          EVAPORATION 
_exptl_crystal_grow.temp            310 
_exptl_crystal_grow.temp_details    ? 
_exptl_crystal_grow.pH              6.5 
_exptl_crystal_grow.pdbx_details    'MPD, sodium cacodylate, NaCl, KCl, MgSO4, pH 6.5, EVAPORATION, temperature 310K' 
_exptl_crystal_grow.pdbx_pH_range   . 
# 
loop_
_exptl_crystal_grow_comp.crystal_id 
_exptl_crystal_grow_comp.id 
_exptl_crystal_grow_comp.sol_id 
_exptl_crystal_grow_comp.name 
_exptl_crystal_grow_comp.volume 
_exptl_crystal_grow_comp.conc 
_exptl_crystal_grow_comp.details 
1 1 1 MPD                 ? ? ? 
1 2 1 'sodium cacodylate' ? ? ? 
1 3 1 NaCl                ? ? ? 
1 4 1 KCl                 ? ? ? 
1 5 1 MgSO4               ? ? ? 
1 6 1 H2O                 ? ? ? 
# 
_diffrn.id                     1 
_diffrn.ambient_temp           100 
_diffrn.ambient_temp_details   ? 
_diffrn.crystal_id             1 
# 
_diffrn_detector.diffrn_id              1 
_diffrn_detector.detector               CCD 
_diffrn_detector.type                   'ADSC QUANTUM 4' 
_diffrn_detector.pdbx_collection_date   2004-10-30 
_diffrn_detector.details                mirrors 
# 
_diffrn_radiation.diffrn_id                        1 
_diffrn_radiation.wavelength_id                    1 
_diffrn_radiation.pdbx_monochromatic_or_laue_m_l   M 
_diffrn_radiation.monochromator                    MIRRORS 
_diffrn_radiation.pdbx_diffrn_protocol             'SINGLE WAVELENGTH' 
_diffrn_radiation.pdbx_scattering_type             x-ray 
# 
_diffrn_radiation_wavelength.id           1 
_diffrn_radiation_wavelength.wavelength   1.127 
_diffrn_radiation_wavelength.wt           1.0 
# 
_diffrn_source.diffrn_id                   1 
_diffrn_source.source                      SYNCHROTRON 
_diffrn_source.type                        'APS BEAMLINE 14-ID-B' 
_diffrn_source.pdbx_synchrotron_site       APS 
_diffrn_source.pdbx_synchrotron_beamline   14-ID-B 
_diffrn_source.pdbx_wavelength             ? 
_diffrn_source.pdbx_wavelength_list        1.127 
# 
_reflns.entry_id                     1YRJ 
_reflns.observed_criterion_sigma_F   1.5 
_reflns.observed_criterion_sigma_I   0.0 
_reflns.d_resolution_high            2.7 
_reflns.d_resolution_low             8 
_reflns.number_all                   ? 
_reflns.number_obs                   3802 
_reflns.percent_possible_obs         99.0 
_reflns.pdbx_Rmerge_I_obs            0.073 
_reflns.pdbx_Rsym_value              ? 
_reflns.pdbx_netI_over_sigmaI        43 
_reflns.B_iso_Wilson_estimate        ? 
_reflns.pdbx_redundancy              5.5 
_reflns.R_free_details               ? 
_reflns.pdbx_chi_squared             ? 
_reflns.pdbx_scaling_rejects         ? 
_reflns.pdbx_ordinal                 1 
_reflns.pdbx_diffrn_id               1 
# 
_reflns_shell.d_res_high             2.7 
_reflns_shell.d_res_low              2.79 
_reflns_shell.percent_possible_all   99.0 
_reflns_shell.Rmerge_I_obs           0.17 
_reflns_shell.pdbx_Rsym_value        ? 
_reflns_shell.meanI_over_sigI_obs    ? 
_reflns_shell.pdbx_redundancy        6.5 
_reflns_shell.percent_possible_obs   ? 
_reflns_shell.number_unique_all      ? 
_reflns_shell.number_measured_all    ? 
_reflns_shell.number_measured_obs    ? 
_reflns_shell.number_unique_obs      ? 
_reflns_shell.pdbx_chi_squared       ? 
_reflns_shell.pdbx_ordinal           1 
_reflns_shell.pdbx_diffrn_id         1 
# 
_refine.entry_id                                 1YRJ 
_refine.ls_d_res_high                            2.7 
_refine.ls_d_res_low                             8.0 
_refine.pdbx_ls_sigma_F                          1.5 
_refine.pdbx_ls_sigma_I                          1.5 
_refine.ls_number_reflns_all                     ? 
_refine.ls_number_reflns_obs                     3712 
_refine.ls_number_reflns_R_free                  ? 
_refine.ls_percent_reflns_obs                    99.0 
_refine.ls_R_factor_all                          ? 
_refine.ls_R_factor_obs                          ? 
_refine.ls_R_factor_R_work                       0.246 
_refine.ls_R_factor_R_free                       0.307 
_refine.ls_redundancy_reflns_obs                 ? 
_refine.pdbx_data_cutoff_high_absF               ? 
_refine.pdbx_data_cutoff_low_absF                ? 
_refine.ls_number_parameters                     ? 
_refine.ls_number_restraints                     ? 
_refine.ls_percent_reflns_R_free                 10 
_refine.ls_R_factor_R_free_error                 ? 
_refine.ls_R_factor_R_free_error_details         ? 
_refine.pdbx_method_to_determine_struct          MIR 
_refine.pdbx_starting_model                      'PDB entry 1LC4' 
_refine.pdbx_ls_cross_valid_method               ? 
_refine.pdbx_R_Free_selection_details            RANDOM 
_refine.pdbx_stereochem_target_val_spec_case     ? 
_refine.pdbx_stereochemistry_target_values       ? 
_refine.solvent_model_details                    ? 
_refine.solvent_model_param_bsol                 ? 
_refine.solvent_model_param_ksol                 ? 
_refine.occupancy_max                            ? 
_refine.occupancy_min                            ? 
_refine.pdbx_isotropic_thermal_model             ? 
_refine.B_iso_mean                               ? 
_refine.aniso_B[1][1]                            ? 
_refine.aniso_B[1][2]                            ? 
_refine.aniso_B[1][3]                            ? 
_refine.aniso_B[2][2]                            ? 
_refine.aniso_B[2][3]                            ? 
_refine.aniso_B[3][3]                            ? 
_refine.details                                  ? 
_refine.correlation_coeff_Fo_to_Fc               ? 
_refine.correlation_coeff_Fo_to_Fc_free          ? 
_refine.pdbx_solvent_vdw_probe_radii             ? 
_refine.pdbx_solvent_ion_probe_radii             ? 
_refine.pdbx_solvent_shrinkage_radii             ? 
_refine.overall_SU_R_Cruickshank_DPI             ? 
_refine.overall_SU_R_free                        ? 
_refine.overall_SU_B                             ? 
_refine.overall_SU_ML                            ? 
_refine.pdbx_overall_ESU_R                       ? 
_refine.pdbx_overall_ESU_R_Free                  ? 
_refine.pdbx_data_cutoff_high_rms_absF           ? 
_refine.ls_wR_factor_R_free                      ? 
_refine.ls_wR_factor_R_work                      ? 
_refine.overall_FOM_free_R_set                   ? 
_refine.overall_FOM_work_R_set                   ? 
_refine.pdbx_refine_id                           'X-RAY DIFFRACTION' 
_refine.pdbx_overall_phase_error                 ? 
_refine.pdbx_diffrn_id                           1 
_refine.pdbx_TLS_residual_ADP_flag               ? 
_refine.pdbx_overall_SU_R_free_Cruickshank_DPI   ? 
_refine.pdbx_overall_SU_R_Blow_DPI               ? 
_refine.pdbx_overall_SU_R_free_Blow_DPI          ? 
# 
_refine_hist.pdbx_refine_id                   'X-RAY DIFFRACTION' 
_refine_hist.cycle_id                         LAST 
_refine_hist.pdbx_number_atoms_protein        0 
_refine_hist.pdbx_number_atoms_nucleic_acid   952 
_refine_hist.pdbx_number_atoms_ligand         76 
_refine_hist.number_atoms_solvent             65 
_refine_hist.number_atoms_total               1093 
_refine_hist.d_res_high                       2.7 
_refine_hist.d_res_low                        8.0 
# 
loop_
_refine_ls_restr.type 
_refine_ls_restr.dev_ideal 
_refine_ls_restr.dev_ideal_target 
_refine_ls_restr.weight 
_refine_ls_restr.number 
_refine_ls_restr.pdbx_refine_id 
_refine_ls_restr.pdbx_restraint_function 
c_bond_d    0.01 ? ? ? 'X-RAY DIFFRACTION' ? 
c_angle_deg 1.63 ? ? ? 'X-RAY DIFFRACTION' ? 
# 
_struct.entry_id                  1YRJ 
_struct.title                     'Crystal Structure of Apramycin bound to a Ribosomal RNA A site oligonucleotide' 
_struct.pdbx_model_details        ? 
_struct.pdbx_CASP_flag            ? 
_struct.pdbx_model_type_details   ? 
# 
_struct_keywords.entry_id        1YRJ 
_struct_keywords.pdbx_keywords   RNA 
_struct_keywords.text            'RNA complex, Apramycin-RNA Complex, Molecular Recognition, RNA' 
# 
loop_
_struct_asym.id 
_struct_asym.pdbx_blank_PDB_chainid_flag 
_struct_asym.pdbx_modified 
_struct_asym.entity_id 
_struct_asym.details 
A N N 1 ? 
B N N 1 ? 
C N N 2 ? 
D N N 3 ? 
E N N 2 ? 
F N N 4 ? 
G N N 5 ? 
H N N 5 ? 
# 
_struct_biol.id                    1 
_struct_biol.details               ? 
_struct_biol.pdbx_parent_biol_id   ? 
# 
loop_
_struct_conn.id 
_struct_conn.conn_type_id 
_struct_conn.pdbx_leaving_atom_flag 
_struct_conn.pdbx_PDB_id 
_struct_conn.ptnr1_label_asym_id 
_struct_conn.ptnr1_label_comp_id 
_struct_conn.ptnr1_label_seq_id 
_struct_conn.ptnr1_label_atom_id 
_struct_conn.pdbx_ptnr1_label_alt_id 
_struct_conn.pdbx_ptnr1_PDB_ins_code 
_struct_conn.pdbx_ptnr1_standard_comp_id 
_struct_conn.ptnr1_symmetry 
_struct_conn.ptnr2_label_asym_id 
_struct_conn.ptnr2_label_comp_id 
_struct_conn.ptnr2_label_seq_id 
_struct_conn.ptnr2_label_atom_id 
_struct_conn.pdbx_ptnr2_label_alt_id 
_struct_conn.pdbx_ptnr2_PDB_ins_code 
_struct_conn.ptnr1_auth_asym_id 
_struct_conn.ptnr1_auth_comp_id 
_struct_conn.ptnr1_auth_seq_id 
_struct_conn.ptnr2_auth_asym_id 
_struct_conn.ptnr2_auth_comp_id 
_struct_conn.ptnr2_auth_seq_id 
_struct_conn.ptnr2_symmetry 
_struct_conn.pdbx_ptnr3_label_atom_id 
_struct_conn.pdbx_ptnr3_label_seq_id 
_struct_conn.pdbx_ptnr3_label_comp_id 
_struct_conn.pdbx_ptnr3_label_asym_id 
_struct_conn.pdbx_ptnr3_label_alt_id 
_struct_conn.pdbx_ptnr3_PDB_ins_code 
_struct_conn.details 
_struct_conn.pdbx_dist_value 
_struct_conn.pdbx_value_order 
_struct_conn.pdbx_role 
metalc1  metalc ? ? A U 6  O2    ? ? ? 1_555 F K  .  K  ? ? A U 6  B K  100 1_555 ? ? ? ? ? ? ?            2.851 ? ? 
metalc2  metalc ? ? A U 15 O4    ? ? ? 1_555 D MG .  MG ? ? A U 15 A MG 101 1_555 ? ? ? ? ? ? ?            2.935 ? ? 
metalc3  metalc ? ? A G 16 O6    ? ? ? 1_555 D MG .  MG ? ? A G 16 A MG 101 1_555 ? ? ? ? ? ? ?            2.482 ? ? 
metalc4  metalc ? ? A A 18 "O2'" ? ? ? 3_556 F K  .  K  ? ? A A 18 B K  100 1_555 ? ? ? ? ? ? ?            2.375 ? ? 
metalc5  metalc ? ? A A 18 "O3'" ? ? ? 3_556 F K  .  K  ? ? A A 18 B K  100 1_555 ? ? ? ? ? ? ?            2.847 ? ? 
metalc6  metalc ? ? A G 19 OP1   ? ? ? 3_556 F K  .  K  ? ? A G 19 B K  100 1_555 ? ? ? ? ? ? ?            3.089 ? ? 
metalc7  metalc ? ? B C 21 "O4'" ? ? ? 1_555 F K  .  K  ? ? B C 44 B K  100 1_555 ? ? ? ? ? ? ?            3.023 ? ? 
metalc8  metalc ? ? B C 21 N1    ? ? ? 1_555 F K  .  K  ? ? B C 44 B K  100 1_555 ? ? ? ? ? ? ?            3.403 ? ? 
metalc9  metalc ? ? B C 21 O2    ? ? ? 1_555 F K  .  K  ? ? B C 44 B K  100 1_555 ? ? ? ? ? ? ?            2.932 ? ? 
hydrog1  hydrog ? ? A G 3  N1    ? ? ? 1_555 B C  23 N3 ? ? A G 3  B C  46  1_555 ? ? ? ? ? ? WATSON-CRICK ?     ? ? 
hydrog2  hydrog ? ? A G 3  N2    ? ? ? 1_555 B C  23 O2 ? ? A G 3  B C  46  1_555 ? ? ? ? ? ? WATSON-CRICK ?     ? ? 
hydrog3  hydrog ? ? A G 3  O6    ? ? ? 1_555 B C  23 N4 ? ? A G 3  B C  46  1_555 ? ? ? ? ? ? WATSON-CRICK ?     ? ? 
hydrog4  hydrog ? ? A C 4  N3    ? ? ? 1_555 B G  22 N1 ? ? A C 4  B G  45  1_555 ? ? ? ? ? ? WATSON-CRICK ?     ? ? 
hydrog5  hydrog ? ? A C 4  N4    ? ? ? 1_555 B G  22 O6 ? ? A C 4  B G  45  1_555 ? ? ? ? ? ? WATSON-CRICK ?     ? ? 
hydrog6  hydrog ? ? A C 4  O2    ? ? ? 1_555 B G  22 N2 ? ? A C 4  B G  45  1_555 ? ? ? ? ? ? WATSON-CRICK ?     ? ? 
hydrog7  hydrog ? ? A G 5  N1    ? ? ? 1_555 B C  21 N3 ? ? A G 5  B C  44  1_555 ? ? ? ? ? ? WATSON-CRICK ?     ? ? 
hydrog8  hydrog ? ? A G 5  N2    ? ? ? 1_555 B C  21 O2 ? ? A G 5  B C  44  1_555 ? ? ? ? ? ? WATSON-CRICK ?     ? ? 
hydrog9  hydrog ? ? A G 5  O6    ? ? ? 1_555 B C  21 N4 ? ? A G 5  B C  44  1_555 ? ? ? ? ? ? WATSON-CRICK ?     ? ? 
hydrog10 hydrog ? ? A U 6  N3    ? ? ? 1_555 B U  20 O2 ? ? A U 6  B U  43  1_555 ? ? ? ? ? ? TYPE_16_PAIR ?     ? ? 
hydrog11 hydrog ? ? A U 6  O4    ? ? ? 1_555 B U  20 N3 ? ? A U 6  B U  43  1_555 ? ? ? ? ? ? TYPE_16_PAIR ?     ? ? 
hydrog12 hydrog ? ? A C 7  N3    ? ? ? 1_555 B G  19 N1 ? ? A C 7  B G  42  1_555 ? ? ? ? ? ? WATSON-CRICK ?     ? ? 
hydrog13 hydrog ? ? A C 7  N4    ? ? ? 1_555 B G  19 O6 ? ? A C 7  B G  42  1_555 ? ? ? ? ? ? WATSON-CRICK ?     ? ? 
hydrog14 hydrog ? ? A C 7  O2    ? ? ? 1_555 B G  19 N2 ? ? A C 7  B G  42  1_555 ? ? ? ? ? ? WATSON-CRICK ?     ? ? 
hydrog15 hydrog ? ? A C 9  N3    ? ? ? 1_555 B G  16 N1 ? ? A C 9  B G  39  1_555 ? ? ? ? ? ? WATSON-CRICK ?     ? ? 
hydrog16 hydrog ? ? A C 9  N4    ? ? ? 1_555 B G  16 O6 ? ? A C 9  B G  39  1_555 ? ? ? ? ? ? WATSON-CRICK ?     ? ? 
hydrog17 hydrog ? ? A C 9  O2    ? ? ? 1_555 B G  16 N2 ? ? A C 9  B G  39  1_555 ? ? ? ? ? ? WATSON-CRICK ?     ? ? 
hydrog18 hydrog ? ? A A 10 N1    ? ? ? 1_555 B U  15 N3 ? ? A A 10 B U  38  1_555 ? ? ? ? ? ? WATSON-CRICK ?     ? ? 
hydrog19 hydrog ? ? A A 10 N6    ? ? ? 1_555 B U  15 O4 ? ? A A 10 B U  38  1_555 ? ? ? ? ? ? WATSON-CRICK ?     ? ? 
hydrog20 hydrog ? ? A C 11 N3    ? ? ? 1_555 B G  14 N1 ? ? A C 11 B G  37  1_555 ? ? ? ? ? ? WATSON-CRICK ?     ? ? 
hydrog21 hydrog ? ? A C 11 N4    ? ? ? 1_555 B G  14 O6 ? ? A C 11 B G  37  1_555 ? ? ? ? ? ? WATSON-CRICK ?     ? ? 
hydrog22 hydrog ? ? A C 11 O2    ? ? ? 1_555 B G  14 N2 ? ? A C 11 B G  37  1_555 ? ? ? ? ? ? WATSON-CRICK ?     ? ? 
hydrog23 hydrog ? ? A C 12 N3    ? ? ? 1_555 B G  13 N1 ? ? A C 12 B G  36  1_555 ? ? ? ? ? ? WATSON-CRICK ?     ? ? 
hydrog24 hydrog ? ? A C 12 N4    ? ? ? 1_555 B G  13 O6 ? ? A C 12 B G  36  1_555 ? ? ? ? ? ? WATSON-CRICK ?     ? ? 
hydrog25 hydrog ? ? A C 12 O2    ? ? ? 1_555 B G  13 N2 ? ? A C 12 B G  36  1_555 ? ? ? ? ? ? WATSON-CRICK ?     ? ? 
hydrog26 hydrog ? ? A G 13 N1    ? ? ? 1_555 B C  12 N3 ? ? A G 13 B C  35  1_555 ? ? ? ? ? ? WATSON-CRICK ?     ? ? 
hydrog27 hydrog ? ? A G 13 N2    ? ? ? 1_555 B C  12 O2 ? ? A G 13 B C  35  1_555 ? ? ? ? ? ? WATSON-CRICK ?     ? ? 
hydrog28 hydrog ? ? A G 13 O6    ? ? ? 1_555 B C  12 N4 ? ? A G 13 B C  35  1_555 ? ? ? ? ? ? WATSON-CRICK ?     ? ? 
hydrog29 hydrog ? ? A G 14 N1    ? ? ? 1_555 B C  11 N3 ? ? A G 14 B C  34  1_555 ? ? ? ? ? ? WATSON-CRICK ?     ? ? 
hydrog30 hydrog ? ? A G 14 N2    ? ? ? 1_555 B C  11 O2 ? ? A G 14 B C  34  1_555 ? ? ? ? ? ? WATSON-CRICK ?     ? ? 
hydrog31 hydrog ? ? A G 14 O6    ? ? ? 1_555 B C  11 N4 ? ? A G 14 B C  34  1_555 ? ? ? ? ? ? WATSON-CRICK ?     ? ? 
hydrog32 hydrog ? ? A U 15 N3    ? ? ? 1_555 B A  10 N1 ? ? A U 15 B A  33  1_555 ? ? ? ? ? ? WATSON-CRICK ?     ? ? 
hydrog33 hydrog ? ? A U 15 O4    ? ? ? 1_555 B A  10 N6 ? ? A U 15 B A  33  1_555 ? ? ? ? ? ? WATSON-CRICK ?     ? ? 
hydrog34 hydrog ? ? A G 16 N1    ? ? ? 1_555 B C  9  N3 ? ? A G 16 B C  32  1_555 ? ? ? ? ? ? WATSON-CRICK ?     ? ? 
hydrog35 hydrog ? ? A G 16 N2    ? ? ? 1_555 B C  9  O2 ? ? A G 16 B C  32  1_555 ? ? ? ? ? ? WATSON-CRICK ?     ? ? 
hydrog36 hydrog ? ? A G 16 O6    ? ? ? 1_555 B C  9  N4 ? ? A G 16 B C  32  1_555 ? ? ? ? ? ? WATSON-CRICK ?     ? ? 
hydrog37 hydrog ? ? A G 19 N1    ? ? ? 1_555 B C  7  N3 ? ? A G 19 B C  30  1_555 ? ? ? ? ? ? WATSON-CRICK ?     ? ? 
hydrog38 hydrog ? ? A G 19 N2    ? ? ? 1_555 B C  7  O2 ? ? A G 19 B C  30  1_555 ? ? ? ? ? ? WATSON-CRICK ?     ? ? 
hydrog39 hydrog ? ? A G 19 O6    ? ? ? 1_555 B C  7  N4 ? ? A G 19 B C  30  1_555 ? ? ? ? ? ? WATSON-CRICK ?     ? ? 
hydrog40 hydrog ? ? A U 20 N3    ? ? ? 1_555 B U  6  O4 ? ? A U 20 B U  29  1_555 ? ? ? ? ? ? TYPE_16_PAIR ?     ? ? 
hydrog41 hydrog ? ? A U 20 O2    ? ? ? 1_555 B U  6  N3 ? ? A U 20 B U  29  1_555 ? ? ? ? ? ? TYPE_16_PAIR ?     ? ? 
hydrog42 hydrog ? ? A C 21 N3    ? ? ? 1_555 B G  5  N1 ? ? A C 21 B G  28  1_555 ? ? ? ? ? ? WATSON-CRICK ?     ? ? 
hydrog43 hydrog ? ? A C 21 N4    ? ? ? 1_555 B G  5  O6 ? ? A C 21 B G  28  1_555 ? ? ? ? ? ? WATSON-CRICK ?     ? ? 
hydrog44 hydrog ? ? A C 21 O2    ? ? ? 1_555 B G  5  N2 ? ? A C 21 B G  28  1_555 ? ? ? ? ? ? WATSON-CRICK ?     ? ? 
hydrog45 hydrog ? ? A G 22 N1    ? ? ? 1_555 B C  4  N3 ? ? A G 22 B C  27  1_555 ? ? ? ? ? ? WATSON-CRICK ?     ? ? 
hydrog46 hydrog ? ? A G 22 N2    ? ? ? 1_555 B C  4  O2 ? ? A G 22 B C  27  1_555 ? ? ? ? ? ? WATSON-CRICK ?     ? ? 
hydrog47 hydrog ? ? A G 22 O6    ? ? ? 1_555 B C  4  N4 ? ? A G 22 B C  27  1_555 ? ? ? ? ? ? WATSON-CRICK ?     ? ? 
hydrog48 hydrog ? ? A C 23 N3    ? ? ? 1_555 B G  3  N1 ? ? A C 23 B G  26  1_555 ? ? ? ? ? ? WATSON-CRICK ?     ? ? 
hydrog49 hydrog ? ? A C 23 N4    ? ? ? 1_555 B G  3  O6 ? ? A C 23 B G  26  1_555 ? ? ? ? ? ? WATSON-CRICK ?     ? ? 
hydrog50 hydrog ? ? A C 23 O2    ? ? ? 1_555 B G  3  N2 ? ? A C 23 B G  26  1_555 ? ? ? ? ? ? WATSON-CRICK ?     ? ? 
# 
loop_
_struct_conn_type.id 
_struct_conn_type.criteria 
_struct_conn_type.reference 
metalc ? ? 
hydrog ? ? 
# 
loop_
_struct_site.id 
_struct_site.pdbx_evidence_code 
_struct_site.pdbx_auth_asym_id 
_struct_site.pdbx_auth_comp_id 
_struct_site.pdbx_auth_seq_id 
_struct_site.pdbx_auth_ins_code 
_struct_site.pdbx_num_residues 
_struct_site.details 
AC1 Software B AM2 150 ? 16 'BINDING SITE FOR RESIDUE AM2 B 150' 
AC2 Software A AM2 151 ? 12 'BINDING SITE FOR RESIDUE AM2 A 151' 
AC3 Software B K   100 ? 4  'BINDING SITE FOR RESIDUE K B 100'   
AC4 Software A MG  101 ? 2  'BINDING SITE FOR RESIDUE MG A 101'  
1   ?        ? ?   ?   ? ?  ?                                    
# 
loop_
_struct_site_gen.id 
_struct_site_gen.site_id 
_struct_site_gen.pdbx_num_res 
_struct_site_gen.label_comp_id 
_struct_site_gen.label_asym_id 
_struct_site_gen.label_seq_id 
_struct_site_gen.pdbx_auth_ins_code 
_struct_site_gen.auth_comp_id 
_struct_site_gen.auth_asym_id 
_struct_site_gen.auth_seq_id 
_struct_site_gen.label_atom_id 
_struct_site_gen.label_alt_id 
_struct_site_gen.symmetry 
_struct_site_gen.details 
1  AC1 16 C   A 4  ? C   A 4   . ? 1_555 ? 
2  AC1 16 G   A 5  ? G   A 5   . ? 1_555 ? 
3  AC1 16 A   A 8  ? A   A 8   . ? 1_555 ? 
4  AC1 16 A   A 10 ? A   A 10  . ? 1_555 ? 
5  AC1 16 HOH G .  ? HOH A 152 . ? 1_555 ? 
6  AC1 16 HOH G .  ? HOH A 157 . ? 1_555 ? 
7  AC1 16 G   B 16 ? G   B 39  . ? 2_655 ? 
8  AC1 16 G   B 16 ? G   B 39  . ? 1_555 ? 
9  AC1 16 A   B 17 ? A   B 40  . ? 2_655 ? 
10 AC1 16 A   B 17 ? A   B 40  . ? 1_555 ? 
11 AC1 16 A   B 18 ? A   B 41  . ? 1_555 ? 
12 AC1 16 G   B 19 ? G   B 42  . ? 1_555 ? 
13 AC1 16 U   B 20 ? U   B 43  . ? 1_555 ? 
14 AC1 16 HOH H .  ? HOH B 164 . ? 1_555 ? 
15 AC1 16 HOH H .  ? HOH B 169 . ? 1_555 ? 
16 AC1 16 HOH H .  ? HOH B 176 . ? 1_555 ? 
17 AC2 12 G   A 16 ? G   A 16  . ? 1_555 ? 
18 AC2 12 A   A 17 ? A   A 17  . ? 1_555 ? 
19 AC2 12 A   A 18 ? A   A 18  . ? 1_555 ? 
20 AC2 12 G   A 19 ? G   A 19  . ? 1_555 ? 
21 AC2 12 U   A 20 ? U   A 20  . ? 1_555 ? 
22 AC2 12 HOH G .  ? HOH A 169 . ? 1_555 ? 
23 AC2 12 HOH G .  ? HOH A 172 . ? 1_555 ? 
24 AC2 12 HOH G .  ? HOH A 180 . ? 1_555 ? 
25 AC2 12 U   B 2  ? U   B 25  . ? 3_557 ? 
26 AC2 12 A   B 8  ? A   B 31  . ? 1_555 ? 
27 AC2 12 C   B 9  ? C   B 32  . ? 1_555 ? 
28 AC2 12 A   B 10 ? A   B 33  . ? 1_555 ? 
29 AC3 4  U   A 6  ? U   A 6   . ? 1_555 ? 
30 AC3 4  A   A 18 ? A   A 18  . ? 3_556 ? 
31 AC3 4  G   A 19 ? G   A 19  . ? 3_556 ? 
32 AC3 4  C   B 21 ? C   B 44  . ? 1_555 ? 
33 AC4 2  U   A 15 ? U   A 15  . ? 1_555 ? 
34 AC4 2  G   A 16 ? G   A 16  . ? 1_555 ? 
# 
_atom_sites.entry_id                    1YRJ 
_atom_sites.fract_transf_matrix[1][1]   0.00604863 
_atom_sites.fract_transf_matrix[1][2]   0.00253735 
_atom_sites.fract_transf_matrix[1][3]   -0.00863026 
_atom_sites.fract_transf_matrix[2][1]   0.01971122 
_atom_sites.fract_transf_matrix[2][2]   -0.02482557 
_atom_sites.fract_transf_matrix[2][3]   0.00651599 
_atom_sites.fract_transf_matrix[3][1]   -0.01230311 
_atom_sites.fract_transf_matrix[3][2]   -0.01303788 
_atom_sites.fract_transf_matrix[3][3]   -0.01245602 
_atom_sites.fract_transf_vector[1]      0.372476 
_atom_sites.fract_transf_vector[2]      0.037582 
_atom_sites.fract_transf_vector[3]      0.481081 
# 
loop_
_atom_type.symbol 
C  
K  
MG 
N  
O  
P  
# 
loop_
_atom_site.group_PDB 
_atom_site.id 
_atom_site.type_symbol 
_atom_site.label_atom_id 
_atom_site.label_alt_id 
_atom_site.label_comp_id 
_atom_site.label_asym_id 
_atom_site.label_entity_id 
_atom_site.label_seq_id 
_atom_site.pdbx_PDB_ins_code 
_atom_site.Cartn_x 
_atom_site.Cartn_y 
_atom_site.Cartn_z 
_atom_site.occupancy 
_atom_site.B_iso_or_equiv 
_atom_site.pdbx_formal_charge 
_atom_site.auth_seq_id 
_atom_site.auth_comp_id 
_atom_site.auth_asym_id 
_atom_site.auth_atom_id 
_atom_site.pdbx_PDB_model_num 
ATOM   1    O  "O5'" . U   A 1 1  ? 29.777  7.154   5.572   1.00 45.14 ? 1   U   A "O5'" 1 
ATOM   2    C  "C5'" . U   A 1 1  ? 28.817  8.210   5.507   1.00 48.24 ? 1   U   A "C5'" 1 
ATOM   3    C  "C4'" . U   A 1 1  ? 29.512  9.535   5.340   1.00 49.61 ? 1   U   A "C4'" 1 
ATOM   4    O  "O4'" . U   A 1 1  ? 30.790  9.450   5.991   1.00 49.75 ? 1   U   A "O4'" 1 
ATOM   5    C  "C3'" . U   A 1 1  ? 29.801  9.978   3.909   1.00 51.73 ? 1   U   A "C3'" 1 
ATOM   6    O  "O3'" . U   A 1 1  ? 28.678  10.808  3.512   1.00 51.42 ? 1   U   A "O3'" 1 
ATOM   7    C  "C2'" . U   A 1 1  ? 31.113  10.803  4.034   1.00 52.27 ? 1   U   A "C2'" 1 
ATOM   8    O  "O2'" . U   A 1 1  ? 30.978  12.235  4.045   1.00 51.31 ? 1   U   A "O2'" 1 
ATOM   9    C  "C1'" . U   A 1 1  ? 31.662  10.372  5.406   1.00 51.24 ? 1   U   A "C1'" 1 
ATOM   10   N  N1    . U   A 1 1  ? 33.026  9.870   5.600   1.00 54.89 ? 1   U   A N1    1 
ATOM   11   C  C2    . U   A 1 1  ? 34.107  10.685  5.261   1.00 56.80 ? 1   U   A C2    1 
ATOM   12   O  O2    . U   A 1 1  ? 33.988  11.746  4.652   1.00 54.46 ? 1   U   A O2    1 
ATOM   13   N  N3    . U   A 1 1  ? 35.336  10.190  5.656   1.00 58.71 ? 1   U   A N3    1 
ATOM   14   C  C4    . U   A 1 1  ? 35.594  8.973   6.313   1.00 58.21 ? 1   U   A C4    1 
ATOM   15   O  O4    . U   A 1 1  ? 36.728  8.750   6.781   1.00 57.65 ? 1   U   A O4    1 
ATOM   16   C  C5    . U   A 1 1  ? 34.431  8.162   6.530   1.00 56.73 ? 1   U   A C5    1 
ATOM   17   C  C6    . U   A 1 1  ? 33.221  8.626   6.176   1.00 56.18 ? 1   U   A C6    1 
ATOM   18   P  P     . U   A 1 2  ? 27.523  10.255  2.517   1.00 48.55 ? 2   U   A P     1 
ATOM   19   O  OP1   . U   A 1 2  ? 28.209  9.761   1.296   1.00 45.79 ? 2   U   A OP1   1 
ATOM   20   O  OP2   . U   A 1 2  ? 26.537  11.358  2.403   1.00 50.71 ? 2   U   A OP2   1 
ATOM   21   O  "O5'" . U   A 1 2  ? 26.763  9.050   3.262   1.00 46.76 ? 2   U   A "O5'" 1 
ATOM   22   C  "C5'" . U   A 1 2  ? 26.029  9.244   4.494   1.00 45.04 ? 2   U   A "C5'" 1 
ATOM   23   C  "C4'" . U   A 1 2  ? 24.767  8.366   4.545   1.00 45.41 ? 2   U   A "C4'" 1 
ATOM   24   O  "O4'" . U   A 1 2  ? 23.716  9.020   3.802   1.00 45.00 ? 2   U   A "O4'" 1 
ATOM   25   C  "C3'" . U   A 1 2  ? 24.878  6.954   3.975   1.00 45.71 ? 2   U   A "C3'" 1 
ATOM   26   O  "O3'" . U   A 1 2  ? 25.179  5.898   4.918   1.00 46.49 ? 2   U   A "O3'" 1 
ATOM   27   C  "C2'" . U   A 1 2  ? 23.494  6.671   3.387   1.00 45.82 ? 2   U   A "C2'" 1 
ATOM   28   O  "O2'" . U   A 1 2  ? 22.639  5.953   4.250   1.00 52.04 ? 2   U   A "O2'" 1 
ATOM   29   C  "C1'" . U   A 1 2  ? 22.917  8.065   3.154   1.00 45.28 ? 2   U   A "C1'" 1 
ATOM   30   N  N1    . U   A 1 2  ? 22.785  8.465   1.754   1.00 46.66 ? 2   U   A N1    1 
ATOM   31   C  C2    . U   A 1 2  ? 21.728  7.957   1.030   1.00 47.33 ? 2   U   A C2    1 
ATOM   32   O  O2    . U   A 1 2  ? 20.906  7.178   1.489   1.00 48.28 ? 2   U   A O2    1 
ATOM   33   N  N3    . U   A 1 2  ? 21.655  8.406   -0.262  1.00 49.15 ? 2   U   A N3    1 
ATOM   34   C  C4    . U   A 1 2  ? 22.502  9.294   -0.883  1.00 49.34 ? 2   U   A C4    1 
ATOM   35   O  O4    . U   A 1 2  ? 22.253  9.657   -2.037  1.00 52.00 ? 2   U   A O4    1 
ATOM   36   C  C5    . U   A 1 2  ? 23.573  9.766   -0.065  1.00 47.22 ? 2   U   A C5    1 
ATOM   37   C  C6    . U   A 1 2  ? 23.678  9.336   1.192   1.00 46.52 ? 2   U   A C6    1 
ATOM   38   P  P     . G   A 1 3  ? 24.780  6.016   6.497   1.00 49.39 ? 3   G   A P     1 
ATOM   39   O  OP1   . G   A 1 3  ? 23.368  6.470   6.644   1.00 45.99 ? 3   G   A OP1   1 
ATOM   40   O  OP2   . G   A 1 3  ? 25.867  6.746   7.210   1.00 47.25 ? 3   G   A OP2   1 
ATOM   41   O  "O5'" . G   A 1 3  ? 24.810  4.499   6.968   1.00 38.64 ? 3   G   A "O5'" 1 
ATOM   42   C  "C5'" . G   A 1 3  ? 25.515  3.570   6.184   1.00 39.63 ? 3   G   A "C5'" 1 
ATOM   43   C  "C4'" . G   A 1 3  ? 25.531  2.226   6.837   1.00 38.25 ? 3   G   A "C4'" 1 
ATOM   44   O  "O4'" . G   A 1 3  ? 26.093  2.340   8.168   1.00 36.42 ? 3   G   A "O4'" 1 
ATOM   45   C  "C3'" . G   A 1 3  ? 24.170  1.604   7.032   1.00 36.85 ? 3   G   A "C3'" 1 
ATOM   46   O  "O3'" . G   A 1 3  ? 23.826  0.898   5.849   1.00 38.18 ? 3   G   A "O3'" 1 
ATOM   47   C  "C2'" . G   A 1 3  ? 24.419  0.658   8.192   1.00 35.69 ? 3   G   A "C2'" 1 
ATOM   48   O  "O2'" . G   A 1 3  ? 24.991  -0.547  7.761   1.00 37.02 ? 3   G   A "O2'" 1 
ATOM   49   C  "C1'" . G   A 1 3  ? 25.420  1.458   9.031   1.00 35.47 ? 3   G   A "C1'" 1 
ATOM   50   N  N9    . G   A 1 3  ? 24.729  2.272   10.012  1.00 33.19 ? 3   G   A N9    1 
ATOM   51   C  C8    . G   A 1 3  ? 24.853  3.622   10.220  1.00 32.87 ? 3   G   A C8    1 
ATOM   52   N  N7    . G   A 1 3  ? 24.062  4.066   11.155  1.00 31.55 ? 3   G   A N7    1 
ATOM   53   C  C5    . G   A 1 3  ? 23.382  2.939   11.585  1.00 30.83 ? 3   G   A C5    1 
ATOM   54   C  C6    . G   A 1 3  ? 22.393  2.803   12.563  1.00 29.24 ? 3   G   A C6    1 
ATOM   55   O  O6    . G   A 1 3  ? 21.888  3.680   13.241  1.00 27.74 ? 3   G   A O6    1 
ATOM   56   N  N1    . G   A 1 3  ? 21.986  1.476   12.705  1.00 29.09 ? 3   G   A N1    1 
ATOM   57   C  C2    . G   A 1 3  ? 22.479  0.418   11.965  1.00 30.36 ? 3   G   A C2    1 
ATOM   58   N  N2    . G   A 1 3  ? 21.991  -0.778  12.234  1.00 31.18 ? 3   G   A N2    1 
ATOM   59   N  N3    . G   A 1 3  ? 23.394  0.541   11.028  1.00 30.20 ? 3   G   A N3    1 
ATOM   60   C  C4    . G   A 1 3  ? 23.799  1.823   10.895  1.00 32.08 ? 3   G   A C4    1 
ATOM   61   P  P     . C   A 1 4  ? 22.296  0.825   5.391   1.00 37.95 ? 4   C   A P     1 
ATOM   62   O  OP1   . C   A 1 4  ? 22.217  0.468   3.950   1.00 37.96 ? 4   C   A OP1   1 
ATOM   63   O  OP2   . C   A 1 4  ? 21.658  2.062   5.900   1.00 39.76 ? 4   C   A OP2   1 
ATOM   64   O  "O5'" . C   A 1 4  ? 21.657  -0.375  6.211   1.00 37.78 ? 4   C   A "O5'" 1 
ATOM   65   C  "C5'" . C   A 1 4  ? 22.328  -1.603  6.369   1.00 31.04 ? 4   C   A "C5'" 1 
ATOM   66   C  "C4'" . C   A 1 4  ? 21.671  -2.365  7.471   1.00 29.12 ? 4   C   A "C4'" 1 
ATOM   67   O  "O4'" . C   A 1 4  ? 21.869  -1.684  8.732   1.00 25.20 ? 4   C   A "O4'" 1 
ATOM   68   C  "C3'" . C   A 1 4  ? 20.176  -2.354  7.338   1.00 27.80 ? 4   C   A "C3'" 1 
ATOM   69   O  "O3'" . C   A 1 4  ? 19.782  -3.316  6.396   1.00 31.77 ? 4   C   A "O3'" 1 
ATOM   70   C  "C2'" . C   A 1 4  ? 19.722  -2.666  8.752   1.00 26.43 ? 4   C   A "C2'" 1 
ATOM   71   O  "O2'" . C   A 1 4  ? 19.817  -4.031  9.090   1.00 29.97 ? 4   C   A "O2'" 1 
ATOM   72   C  "C1'" . C   A 1 4  ? 20.751  -1.891  9.565   1.00 26.24 ? 4   C   A "C1'" 1 
ATOM   73   N  N1    . C   A 1 4  ? 20.267  -0.585  9.997   1.00 25.95 ? 4   C   A N1    1 
ATOM   74   C  C2    . C   A 1 4  ? 19.351  -0.508  11.048  1.00 24.97 ? 4   C   A C2    1 
ATOM   75   O  O2    . C   A 1 4  ? 18.952  -1.552  11.584  1.00 25.66 ? 4   C   A O2    1 
ATOM   76   N  N3    . C   A 1 4  ? 18.920  0.704   11.444  1.00 23.34 ? 4   C   A N3    1 
ATOM   77   C  C4    . C   A 1 4  ? 19.356  1.796   10.830  1.00 19.73 ? 4   C   A C4    1 
ATOM   78   N  N4    . C   A 1 4  ? 18.905  2.953   11.247  1.00 20.67 ? 4   C   A N4    1 
ATOM   79   C  C5    . C   A 1 4  ? 20.270  1.744   9.761   1.00 21.95 ? 4   C   A C5    1 
ATOM   80   C  C6    . C   A 1 4  ? 20.701  0.548   9.379   1.00 25.39 ? 4   C   A C6    1 
ATOM   81   P  P     . G   A 1 5  ? 18.396  -3.129  5.649   1.00 35.89 ? 5   G   A P     1 
ATOM   82   O  OP1   . G   A 1 5  ? 18.444  -3.998  4.465   1.00 33.17 ? 5   G   A OP1   1 
ATOM   83   O  OP2   . G   A 1 5  ? 18.152  -1.673  5.504   1.00 35.53 ? 5   G   A OP2   1 
ATOM   84   O  "O5'" . G   A 1 5  ? 17.328  -3.675  6.692   1.00 32.77 ? 5   G   A "O5'" 1 
ATOM   85   C  "C5'" . G   A 1 5  ? 16.143  -2.947  6.971   1.00 28.67 ? 5   G   A "C5'" 1 
ATOM   86   C  "C4'" . G   A 1 5  ? 15.676  -3.248  8.372   1.00 30.23 ? 5   G   A "C4'" 1 
ATOM   87   O  "O4'" . G   A 1 5  ? 16.510  -2.530  9.324   1.00 31.82 ? 5   G   A "O4'" 1 
ATOM   88   C  "C3'" . G   A 1 5  ? 14.271  -2.782  8.710   1.00 30.17 ? 5   G   A "C3'" 1 
ATOM   89   O  "O3'" . G   A 1 5  ? 13.322  -3.732  8.232   1.00 31.89 ? 5   G   A "O3'" 1 
ATOM   90   C  "C2'" . G   A 1 5  ? 14.335  -2.699  10.232  1.00 28.16 ? 5   G   A "C2'" 1 
ATOM   91   O  "O2'" . G   A 1 5  ? 14.330  -3.974  10.836  1.00 24.68 ? 5   G   A "O2'" 1 
ATOM   92   C  "C1'" . G   A 1 5  ? 15.722  -2.091  10.426  1.00 28.58 ? 5   G   A "C1'" 1 
ATOM   93   N  N9    . G   A 1 5  ? 15.718  -0.635  10.420  1.00 26.92 ? 5   G   A N9    1 
ATOM   94   C  C8    . G   A 1 5  ? 16.433  0.189   9.584   1.00 25.96 ? 5   G   A C8    1 
ATOM   95   N  N7    . G   A 1 5  ? 16.231  1.454   9.815   1.00 25.67 ? 5   G   A N7    1 
ATOM   96   C  C5    . G   A 1 5  ? 15.332  1.465   10.875  1.00 29.23 ? 5   G   A C5    1 
ATOM   97   C  C6    . G   A 1 5  ? 14.732  2.565   11.603  1.00 27.21 ? 5   G   A C6    1 
ATOM   98   O  O6    . G   A 1 5  ? 14.897  3.779   11.450  1.00 24.71 ? 5   G   A O6    1 
ATOM   99   N  N1    . G   A 1 5  ? 13.865  2.108   12.592  1.00 24.53 ? 5   G   A N1    1 
ATOM   100  C  C2    . G   A 1 5  ? 13.598  0.801   12.848  1.00 25.70 ? 5   G   A C2    1 
ATOM   101  N  N2    . G   A 1 5  ? 12.705  0.573   13.800  1.00 31.95 ? 5   G   A N2    1 
ATOM   102  N  N3    . G   A 1 5  ? 14.152  -0.219  12.210  1.00 28.07 ? 5   G   A N3    1 
ATOM   103  C  C4    . G   A 1 5  ? 15.002  0.180   11.246  1.00 27.97 ? 5   G   A C4    1 
ATOM   104  P  P     . U   A 1 6  ? 11.897  -3.230  7.691   1.00 33.65 ? 6   U   A P     1 
ATOM   105  O  OP1   . U   A 1 6  ? 11.166  -4.432  7.253   1.00 35.63 ? 6   U   A OP1   1 
ATOM   106  O  OP2   . U   A 1 6  ? 12.085  -2.078  6.750   1.00 33.84 ? 6   U   A OP2   1 
ATOM   107  O  "O5'" . U   A 1 6  ? 11.167  -2.697  8.993   1.00 30.96 ? 6   U   A "O5'" 1 
ATOM   108  C  "C5'" . U   A 1 6  ? 10.927  -3.560  10.077  1.00 31.59 ? 6   U   A "C5'" 1 
ATOM   109  C  "C4'" . U   A 1 6  ? 10.261  -2.797  11.185  1.00 34.39 ? 6   U   A "C4'" 1 
ATOM   110  O  "O4'" . U   A 1 6  ? 11.148  -1.762  11.700  1.00 32.56 ? 6   U   A "O4'" 1 
ATOM   111  C  "C3'" . U   A 1 6  ? 9.029   -2.023  10.765  1.00 34.53 ? 6   U   A "C3'" 1 
ATOM   112  O  "O3'" . U   A 1 6  ? 7.931   -2.907  10.573  1.00 33.64 ? 6   U   A "O3'" 1 
ATOM   113  C  "C2'" . U   A 1 6  ? 8.893   -1.034  11.924  1.00 35.83 ? 6   U   A "C2'" 1 
ATOM   114  O  "O2'" . U   A 1 6  ? 8.332   -1.529  13.124  1.00 39.57 ? 6   U   A "O2'" 1 
ATOM   115  C  "C1'" . U   A 1 6  ? 10.362  -0.688  12.191  1.00 35.93 ? 6   U   A "C1'" 1 
ATOM   116  N  N1    . U   A 1 6  ? 10.719  0.548   11.480  1.00 37.12 ? 6   U   A N1    1 
ATOM   117  C  C2    . U   A 1 6  ? 10.172  1.719   11.969  1.00 36.72 ? 6   U   A C2    1 
ATOM   118  O  O2    . U   A 1 6  ? 9.475   1.753   12.974  1.00 36.39 ? 6   U   A O2    1 
ATOM   119  N  N3    . U   A 1 6  ? 10.473  2.847   11.246  1.00 37.53 ? 6   U   A N3    1 
ATOM   120  C  C4    . U   A 1 6  ? 11.268  2.923   10.120  1.00 34.79 ? 6   U   A C4    1 
ATOM   121  O  O4    . U   A 1 6  ? 11.410  4.008   9.559   1.00 36.19 ? 6   U   A O4    1 
ATOM   122  C  C5    . U   A 1 6  ? 11.815  1.678   9.692   1.00 31.26 ? 6   U   A C5    1 
ATOM   123  C  C6    . U   A 1 6  ? 11.531  0.558   10.369  1.00 35.12 ? 6   U   A C6    1 
ATOM   124  P  P     . C   A 1 7  ? 6.909   -2.677  9.349   1.00 35.95 ? 7   C   A P     1 
ATOM   125  O  OP1   . C   A 1 7  ? 6.000   -3.846  9.312   1.00 37.97 ? 7   C   A OP1   1 
ATOM   126  O  OP2   . C   A 1 7  ? 7.592   -2.269  8.103   1.00 33.84 ? 7   C   A OP2   1 
ATOM   127  O  "O5'" . C   A 1 7  ? 6.042   -1.456  9.868   1.00 29.43 ? 7   C   A "O5'" 1 
ATOM   128  C  "C5'" . C   A 1 7  ? 5.418   -1.528  11.126  1.00 24.37 ? 7   C   A "C5'" 1 
ATOM   129  C  "C4'" . C   A 1 7  ? 4.958   -0.182  11.524  1.00 24.75 ? 7   C   A "C4'" 1 
ATOM   130  O  "O4'" . C   A 1 7  ? 6.122   0.594   11.894  1.00 27.74 ? 7   C   A "O4'" 1 
ATOM   131  C  "C3'" . C   A 1 7  ? 4.386   0.584   10.358  1.00 27.71 ? 7   C   A "C3'" 1 
ATOM   132  O  "O3'" . C   A 1 7  ? 3.034   0.267   10.154  1.00 29.44 ? 7   C   A "O3'" 1 
ATOM   133  C  "C2'" . C   A 1 7  ? 4.573   2.010   10.825  1.00 25.51 ? 7   C   A "C2'" 1 
ATOM   134  O  "O2'" . C   A 1 7  ? 3.646   2.309   11.831  1.00 24.49 ? 7   C   A "O2'" 1 
ATOM   135  C  "C1'" . C   A 1 7  ? 5.965   1.926   11.432  1.00 27.52 ? 7   C   A "C1'" 1 
ATOM   136  N  N1    . C   A 1 7  ? 6.986   2.205   10.414  1.00 26.63 ? 7   C   A N1    1 
ATOM   137  C  C2    . C   A 1 7  ? 7.398   3.511   10.251  1.00 25.75 ? 7   C   A C2    1 
ATOM   138  O  O2    . C   A 1 7  ? 6.989   4.349   11.037  1.00 26.43 ? 7   C   A O2    1 
ATOM   139  N  N3    . C   A 1 7  ? 8.240   3.830   9.244   1.00 27.63 ? 7   C   A N3    1 
ATOM   140  C  C4    . C   A 1 7  ? 8.700   2.875   8.439   1.00 28.35 ? 7   C   A C4    1 
ATOM   141  N  N4    . C   A 1 7  ? 9.497   3.240   7.444   1.00 30.51 ? 7   C   A N4    1 
ATOM   142  C  C5    . C   A 1 7  ? 8.351   1.502   8.624   1.00 29.41 ? 7   C   A C5    1 
ATOM   143  C  C6    . C   A 1 7  ? 7.494   1.215   9.618   1.00 29.72 ? 7   C   A C6    1 
ATOM   144  P  P     . A   A 1 8  ? 2.279   0.810   8.842   1.00 33.67 ? 8   A   A P     1 
ATOM   145  O  OP1   . A   A 1 8  ? 0.838   0.535   9.121   1.00 41.81 ? 8   A   A OP1   1 
ATOM   146  O  OP2   . A   A 1 8  ? 2.904   0.278   7.605   1.00 38.25 ? 8   A   A OP2   1 
ATOM   147  O  "O5'" . A   A 1 8  ? 2.447   2.391   8.850   1.00 35.79 ? 8   A   A "O5'" 1 
ATOM   148  C  "C5'" . A   A 1 8  ? 1.791   3.186   9.835   1.00 33.61 ? 8   A   A "C5'" 1 
ATOM   149  C  "C4'" . A   A 1 8  ? 2.055   4.649   9.582   1.00 32.63 ? 8   A   A "C4'" 1 
ATOM   150  O  "O4'" . A   A 1 8  ? 3.447   4.948   9.815   1.00 31.16 ? 8   A   A "O4'" 1 
ATOM   151  C  "C3'" . A   A 1 8  ? 1.836   5.070   8.155   1.00 32.76 ? 8   A   A "C3'" 1 
ATOM   152  O  "O3'" . A   A 1 8  ? 0.492   5.360   7.939   1.00 34.28 ? 8   A   A "O3'" 1 
ATOM   153  C  "C2'" . A   A 1 8  ? 2.686   6.315   8.045   1.00 33.26 ? 8   A   A "C2'" 1 
ATOM   154  O  "O2'" . A   A 1 8  ? 2.091   7.489   8.540   1.00 32.58 ? 8   A   A "O2'" 1 
ATOM   155  C  "C1'" . A   A 1 8  ? 3.878   5.925   8.901   1.00 32.67 ? 8   A   A "C1'" 1 
ATOM   156  N  N9    . A   A 1 8  ? 4.930   5.356   8.077   1.00 33.04 ? 8   A   A N9    1 
ATOM   157  C  C8    . A   A 1 8  ? 5.186   4.047   7.776   1.00 33.81 ? 8   A   A C8    1 
ATOM   158  N  N7    . A   A 1 8  ? 6.246   3.882   7.020   1.00 36.23 ? 8   A   A N7    1 
ATOM   159  C  C5    . A   A 1 8  ? 6.708   5.175   6.810   1.00 36.44 ? 8   A   A C5    1 
ATOM   160  C  C6    . A   A 1 8  ? 7.801   5.690   6.088   1.00 37.63 ? 8   A   A C6    1 
ATOM   161  N  N6    . A   A 1 8  ? 8.677   4.932   5.429   1.00 36.61 ? 8   A   A N6    1 
ATOM   162  N  N1    . A   A 1 8  ? 7.966   7.030   6.069   1.00 38.71 ? 8   A   A N1    1 
ATOM   163  C  C2    . A   A 1 8  ? 7.081   7.798   6.732   1.00 36.85 ? 8   A   A C2    1 
ATOM   164  N  N3    . A   A 1 8  ? 6.023   7.430   7.441   1.00 33.80 ? 8   A   A N3    1 
ATOM   165  C  C4    . A   A 1 8  ? 5.895   6.090   7.444   1.00 34.05 ? 8   A   A C4    1 
ATOM   166  P  P     . C   A 1 9  ? -0.006  5.695   6.464   1.00 36.80 ? 9   C   A P     1 
ATOM   167  O  OP1   . C   A 1 9  ? -1.204  6.504   6.760   1.00 43.62 ? 9   C   A OP1   1 
ATOM   168  O  OP2   . C   A 1 9  ? -0.119  4.506   5.579   1.00 37.14 ? 9   C   A OP2   1 
ATOM   169  O  "O5'" . C   A 1 9  ? 1.078   6.691   5.892   1.00 36.61 ? 9   C   A "O5'" 1 
ATOM   170  C  "C5'" . C   A 1 9  ? 0.864   8.085   5.955   1.00 37.99 ? 9   C   A "C5'" 1 
ATOM   171  C  "C4'" . C   A 1 9  ? 1.600   8.761   4.830   1.00 38.24 ? 9   C   A "C4'" 1 
ATOM   172  O  "O4'" . C   A 1 9  ? 3.031   8.639   5.060   1.00 35.72 ? 9   C   A "O4'" 1 
ATOM   173  C  "C3'" . C   A 1 9  ? 1.401   8.187   3.436   1.00 38.20 ? 9   C   A "C3'" 1 
ATOM   174  O  "O3'" . C   A 1 9  ? 0.215   8.750   2.853   1.00 42.12 ? 9   C   A "O3'" 1 
ATOM   175  C  "C2'" . C   A 1 9  ? 2.628   8.775   2.777   1.00 37.79 ? 9   C   A "C2'" 1 
ATOM   176  O  "O2'" . C   A 1 9  ? 2.388   10.161  2.839   1.00 39.32 ? 9   C   A "O2'" 1 
ATOM   177  C  "C1'" . C   A 1 9  ? 3.699   8.497   3.830   1.00 33.85 ? 9   C   A "C1'" 1 
ATOM   178  N  N1    . C   A 1 9  ? 4.302   7.149   3.806   1.00 33.24 ? 9   C   A N1    1 
ATOM   179  C  C2    . C   A 1 9  ? 5.402   6.881   2.948   1.00 28.75 ? 9   C   A C2    1 
ATOM   180  O  O2    . C   A 1 9  ? 5.866   7.784   2.258   1.00 27.28 ? 9   C   A O2    1 
ATOM   181  N  N3    . C   A 1 9  ? 5.924   5.639   2.923   1.00 26.13 ? 9   C   A N3    1 
ATOM   182  C  C4    . C   A 1 9  ? 5.428   4.687   3.721   1.00 24.00 ? 9   C   A C4    1 
ATOM   183  N  N4    . C   A 1 9  ? 5.969   3.488   3.649   1.00 22.58 ? 9   C   A N4    1 
ATOM   184  C  C5    . C   A 1 9  ? 4.350   4.929   4.618   1.00 23.58 ? 9   C   A C5    1 
ATOM   185  C  C6    . C   A 1 9  ? 3.811   6.158   4.619   1.00 29.78 ? 9   C   A C6    1 
ATOM   186  P  P     . A   A 1 10 ? -0.344  8.228   1.411   1.00 42.63 ? 10  A   A P     1 
ATOM   187  O  OP1   . A   A 1 10 ? -1.555  9.035   1.112   1.00 43.07 ? 10  A   A OP1   1 
ATOM   188  O  OP2   . A   A 1 10 ? -0.415  6.750   1.368   1.00 40.37 ? 10  A   A OP2   1 
ATOM   189  O  "O5'" . A   A 1 10 ? 0.743   8.698   0.350   1.00 40.44 ? 10  A   A "O5'" 1 
ATOM   190  C  "C5'" . A   A 1 10 ? 0.814   10.045  -0.081  1.00 36.26 ? 10  A   A "C5'" 1 
ATOM   191  C  "C4'" . A   A 1 10 ? 1.918   10.188  -1.093  1.00 38.45 ? 10  A   A "C4'" 1 
ATOM   192  O  "O4'" . A   A 1 10 ? 3.193   9.794   -0.486  1.00 36.58 ? 10  A   A "O4'" 1 
ATOM   193  C  "C3'" . A   A 1 10 ? 1.794   9.243   -2.276  1.00 38.87 ? 10  A   A "C3'" 1 
ATOM   194  O  "O3'" . A   A 1 10 ? 0.904   9.734   -3.253  1.00 41.82 ? 10  A   A "O3'" 1 
ATOM   195  C  "C2'" . A   A 1 10 ? 3.234   9.170   -2.773  1.00 35.44 ? 10  A   A "C2'" 1 
ATOM   196  O  "O2'" . A   A 1 10 ? 3.605   10.343  -3.485  1.00 34.80 ? 10  A   A "O2'" 1 
ATOM   197  C  "C1'" . A   A 1 10 ? 3.978   9.072   -1.442  1.00 30.34 ? 10  A   A "C1'" 1 
ATOM   198  N  N9    . A   A 1 10 ? 4.091   7.687   -0.982  1.00 27.18 ? 10  A   A N9    1 
ATOM   199  C  C8    . A   A 1 10 ? 3.317   7.012   -0.071  1.00 23.86 ? 10  A   A C8    1 
ATOM   200  N  N7    . A   A 1 10 ? 3.667   5.760   0.103   1.00 18.87 ? 10  A   A N7    1 
ATOM   201  C  C5    . A   A 1 10 ? 4.740   5.602   -0.743  1.00 19.11 ? 10  A   A C5    1 
ATOM   202  C  C6    . A   A 1 10 ? 5.570   4.517   -1.003  1.00 22.17 ? 10  A   A C6    1 
ATOM   203  N  N6    . A   A 1 10 ? 5.395   3.294   -0.462  1.00 21.35 ? 10  A   A N6    1 
ATOM   204  N  N1    . A   A 1 10 ? 6.603   4.713   -1.853  1.00 20.53 ? 10  A   A N1    1 
ATOM   205  C  C2    . A   A 1 10 ? 6.757   5.919   -2.411  1.00 20.78 ? 10  A   A C2    1 
ATOM   206  N  N3    . A   A 1 10 ? 6.030   7.011   -2.263  1.00 22.13 ? 10  A   A N3    1 
ATOM   207  C  C4    . A   A 1 10 ? 5.027   6.785   -1.404  1.00 23.75 ? 10  A   A C4    1 
ATOM   208  P  P     . C   A 1 11 ? 0.002   8.695   -4.080  1.00 48.12 ? 11  C   A P     1 
ATOM   209  O  OP1   . C   A 1 11 ? -0.731  9.484   -5.104  1.00 48.41 ? 11  C   A OP1   1 
ATOM   210  O  OP2   . C   A 1 11 ? -0.742  7.823   -3.136  1.00 49.45 ? 11  C   A OP2   1 
ATOM   211  O  "O5'" . C   A 1 11 ? 1.041   7.746   -4.826  1.00 49.60 ? 11  C   A "O5'" 1 
ATOM   212  C  "C5'" . C   A 1 11 ? 1.836   8.234   -5.894  1.00 49.83 ? 11  C   A "C5'" 1 
ATOM   213  C  "C4'" . C   A 1 11 ? 2.740   7.149   -6.389  1.00 48.97 ? 11  C   A "C4'" 1 
ATOM   214  O  "O4'" . C   A 1 11 ? 3.576   6.686   -5.301  1.00 48.13 ? 11  C   A "O4'" 1 
ATOM   215  C  "C3'" . C   A 1 11 ? 2.050   5.874   -6.824  1.00 49.41 ? 11  C   A "C3'" 1 
ATOM   216  O  "O3'" . C   A 1 11 ? 1.521   6.045   -8.130  1.00 52.99 ? 11  C   A "O3'" 1 
ATOM   217  C  "C2'" . C   A 1 11 ? 3.213   4.893   -6.804  1.00 47.64 ? 11  C   A "C2'" 1 
ATOM   218  O  "O2'" . C   A 1 11 ? 4.028   5.050   -7.949  1.00 48.37 ? 11  C   A "O2'" 1 
ATOM   219  C  "C1'" . C   A 1 11 ? 3.974   5.351   -5.551  1.00 45.86 ? 11  C   A "C1'" 1 
ATOM   220  N  N1    . C   A 1 11 ? 3.648   4.549   -4.370  1.00 41.31 ? 11  C   A N1    1 
ATOM   221  C  C2    . C   A 1 11 ? 4.380   3.381   -4.107  1.00 42.14 ? 11  C   A C2    1 
ATOM   222  O  O2    . C   A 1 11 ? 5.347   3.087   -4.839  1.00 40.71 ? 11  C   A O2    1 
ATOM   223  N  N3    . C   A 1 11 ? 4.018   2.606   -3.061  1.00 41.60 ? 11  C   A N3    1 
ATOM   224  C  C4    . C   A 1 11 ? 3.001   2.973   -2.279  1.00 42.26 ? 11  C   A C4    1 
ATOM   225  N  N4    . C   A 1 11 ? 2.687   2.190   -1.255  1.00 44.64 ? 11  C   A N4    1 
ATOM   226  C  C5    . C   A 1 11 ? 2.269   4.160   -2.507  1.00 43.19 ? 11  C   A C5    1 
ATOM   227  C  C6    . C   A 1 11 ? 2.625   4.916   -3.554  1.00 41.87 ? 11  C   A C6    1 
ATOM   228  P  P     . C   A 1 12 ? 0.732   4.841   -8.840  1.00 53.02 ? 12  C   A P     1 
ATOM   229  O  OP1   . C   A 1 12 ? -0.006  5.411   -9.984  1.00 55.79 ? 12  C   A OP1   1 
ATOM   230  O  OP2   . C   A 1 12 ? 0.007   4.022   -7.837  1.00 52.68 ? 12  C   A OP2   1 
ATOM   231  O  "O5'" . C   A 1 12 ? 1.890   3.954   -9.448  1.00 49.55 ? 12  C   A "O5'" 1 
ATOM   232  C  "C5'" . C   A 1 12 ? 1.601   2.649   -9.855  1.00 46.62 ? 12  C   A "C5'" 1 
ATOM   233  C  "C4'" . C   A 1 12 ? 2.799   1.770   -9.682  1.00 46.07 ? 12  C   A "C4'" 1 
ATOM   234  O  "O4'" . C   A 1 12 ? 3.400   1.922   -8.372  1.00 44.31 ? 12  C   A "O4'" 1 
ATOM   235  C  "C3'" . C   A 1 12 ? 2.364   0.335   -9.660  1.00 46.19 ? 12  C   A "C3'" 1 
ATOM   236  O  "O3'" . C   A 1 12 ? 1.941   -0.032  -10.939 1.00 47.58 ? 12  C   A "O3'" 1 
ATOM   237  C  "C2'" . C   A 1 12 ? 3.544   -0.374  -9.018  1.00 44.71 ? 12  C   A "C2'" 1 
ATOM   238  O  "O2'" . C   A 1 12 ? 4.615   -0.696  -9.877  1.00 44.22 ? 12  C   A "O2'" 1 
ATOM   239  C  "C1'" . C   A 1 12 ? 3.945   0.666   -7.964  1.00 41.95 ? 12  C   A "C1'" 1 
ATOM   240  N  N1    . C   A 1 12 ? 3.422   0.324   -6.629  1.00 34.34 ? 12  C   A N1    1 
ATOM   241  C  C2    . C   A 1 12 ? 3.759   -0.904  -6.102  1.00 29.50 ? 12  C   A C2    1 
ATOM   242  O  O2    . C   A 1 12 ? 4.448   -1.656  -6.767  1.00 29.75 ? 12  C   A O2    1 
ATOM   243  N  N3    . C   A 1 12 ? 3.315   -1.257  -4.899  1.00 30.22 ? 12  C   A N3    1 
ATOM   244  C  C4    . C   A 1 12 ? 2.519   -0.443  -4.226  1.00 30.57 ? 12  C   A C4    1 
ATOM   245  N  N4    . C   A 1 12 ? 2.050   -0.880  -3.065  1.00 32.03 ? 12  C   A N4    1 
ATOM   246  C  C5    . C   A 1 12 ? 2.155   0.837   -4.727  1.00 31.82 ? 12  C   A C5    1 
ATOM   247  C  C6    . C   A 1 12 ? 2.627   1.181   -5.928  1.00 31.77 ? 12  C   A C6    1 
ATOM   248  P  P     . G   A 1 13 ? 0.375   -0.262  -11.181 1.00 48.09 ? 13  G   A P     1 
ATOM   249  O  OP1   . G   A 1 13 ? 0.177   0.068   -12.604 1.00 52.74 ? 13  G   A OP1   1 
ATOM   250  O  OP2   . G   A 1 13 ? -0.444  0.438   -10.162 1.00 49.63 ? 13  G   A OP2   1 
ATOM   251  O  "O5'" . G   A 1 13 ? 0.257   -1.832  -10.979 1.00 45.60 ? 13  G   A "O5'" 1 
ATOM   252  C  "C5'" . G   A 1 13 ? 0.997   -2.671  -11.847 1.00 47.43 ? 13  G   A "C5'" 1 
ATOM   253  C  "C4'" . G   A 1 13 ? 1.549   -3.859  -11.117 1.00 47.01 ? 13  G   A "C4'" 1 
ATOM   254  O  "O4'" . G   A 1 13 ? 2.274   -3.427  -9.943  1.00 46.20 ? 13  G   A "O4'" 1 
ATOM   255  C  "C3'" . G   A 1 13 ? 0.536   -4.811  -10.532 1.00 47.22 ? 13  G   A "C3'" 1 
ATOM   256  O  "O3'" . G   A 1 13 ? -0.011  -5.627  -11.539 1.00 47.56 ? 13  G   A "O3'" 1 
ATOM   257  C  "C2'" . G   A 1 13 ? 1.402   -5.594  -9.563  1.00 46.63 ? 13  G   A "C2'" 1 
ATOM   258  O  "O2'" . G   A 1 13 ? 2.249   -6.515  -10.229 1.00 46.18 ? 13  G   A "O2'" 1 
ATOM   259  C  "C1'" . G   A 1 13 ? 2.255   -4.467  -8.973  1.00 44.41 ? 13  G   A "C1'" 1 
ATOM   260  N  N9    . G   A 1 13 ? 1.691   -3.931  -7.739  1.00 39.93 ? 13  G   A N9    1 
ATOM   261  C  C8    . G   A 1 13 ? 1.116   -2.696  -7.566  1.00 39.55 ? 13  G   A C8    1 
ATOM   262  N  N7    . G   A 1 13 ? 0.647   -2.510  -6.362  1.00 35.61 ? 13  G   A N7    1 
ATOM   263  C  C5    . G   A 1 13 ? 0.940   -3.686  -5.699  1.00 33.40 ? 13  G   A C5    1 
ATOM   264  C  C6    . G   A 1 13 ? 0.659   -4.062  -4.390  1.00 31.79 ? 13  G   A C6    1 
ATOM   265  O  O6    . G   A 1 13 ? 0.104   -3.395  -3.506  1.00 33.30 ? 13  G   A O6    1 
ATOM   266  N  N1    . G   A 1 13 ? 1.101   -5.359  -4.126  1.00 29.39 ? 13  G   A N1    1 
ATOM   267  C  C2    . G   A 1 13 ? 1.751   -6.167  -5.020  1.00 29.45 ? 13  G   A C2    1 
ATOM   268  N  N2    . G   A 1 13 ? 2.078   -7.367  -4.580  1.00 28.06 ? 13  G   A N2    1 
ATOM   269  N  N3    . G   A 1 13 ? 2.046   -5.814  -6.255  1.00 29.82 ? 13  G   A N3    1 
ATOM   270  C  C4    . G   A 1 13 ? 1.602   -4.571  -6.530  1.00 35.68 ? 13  G   A C4    1 
ATOM   271  P  P     . G   A 1 14 ? -1.514  -6.143  -11.383 1.00 54.00 ? 14  G   A P     1 
ATOM   272  O  OP1   . G   A 1 14 ? -1.790  -7.001  -12.557 1.00 57.62 ? 14  G   A OP1   1 
ATOM   273  O  OP2   . G   A 1 14 ? -2.439  -5.021  -11.053 1.00 53.01 ? 14  G   A OP2   1 
ATOM   274  O  "O5'" . G   A 1 14 ? -1.423  -7.150  -10.162 1.00 51.94 ? 14  G   A "O5'" 1 
ATOM   275  C  "C5'" . G   A 1 14 ? -0.818  -8.407  -10.372 1.00 48.85 ? 14  G   A "C5'" 1 
ATOM   276  C  "C4'" . G   A 1 14 ? -0.832  -9.237  -9.115  1.00 48.70 ? 14  G   A "C4'" 1 
ATOM   277  O  "O4'" . G   A 1 14 ? -0.190  -8.531  -8.023  1.00 46.61 ? 14  G   A "O4'" 1 
ATOM   278  C  "C3'" . G   A 1 14 ? -2.170  -9.573  -8.504  1.00 46.61 ? 14  G   A "C3'" 1 
ATOM   279  O  "O3'" . G   A 1 14 ? -2.854  -10.565 -9.237  1.00 45.73 ? 14  G   A "O3'" 1 
ATOM   280  C  "C2'" . G   A 1 14 ? -1.735  -10.088 -7.143  1.00 47.19 ? 14  G   A "C2'" 1 
ATOM   281  O  "O2'" . G   A 1 14 ? -1.147  -11.373 -7.218  1.00 46.61 ? 14  G   A "O2'" 1 
ATOM   282  C  "C1'" . G   A 1 14 ? -0.644  -9.077  -6.799  1.00 44.59 ? 14  G   A "C1'" 1 
ATOM   283  N  N9    . G   A 1 14 ? -1.197  -8.002  -6.003  1.00 40.25 ? 14  G   A N9    1 
ATOM   284  C  C8    . G   A 1 14 ? -1.636  -6.786  -6.444  1.00 38.91 ? 14  G   A C8    1 
ATOM   285  N  N7    . G   A 1 14 ? -2.093  -6.038  -5.484  1.00 38.33 ? 14  G   A N7    1 
ATOM   286  C  C5    . G   A 1 14 ? -1.931  -6.809  -4.347  1.00 35.59 ? 14  G   A C5    1 
ATOM   287  C  C6    . G   A 1 14 ? -2.229  -6.518  -3.021  1.00 34.54 ? 14  G   A C6    1 
ATOM   288  O  O6    . G   A 1 14 ? -2.683  -5.481  -2.566  1.00 35.12 ? 14  G   A O6    1 
ATOM   289  N  N1    . G   A 1 14 ? -1.936  -7.581  -2.179  1.00 34.61 ? 14  G   A N1    1 
ATOM   290  C  C2    . G   A 1 14 ? -1.403  -8.773  -2.583  1.00 34.47 ? 14  G   A C2    1 
ATOM   291  N  N2    . G   A 1 14 ? -1.220  -9.690  -1.631  1.00 32.52 ? 14  G   A N2    1 
ATOM   292  N  N3    . G   A 1 14 ? -1.081  -9.046  -3.835  1.00 35.92 ? 14  G   A N3    1 
ATOM   293  C  C4    . G   A 1 14 ? -1.382  -8.022  -4.657  1.00 36.95 ? 14  G   A C4    1 
ATOM   294  P  P     . U   A 1 15 ? -4.453  -10.510 -9.268  1.00 45.46 ? 15  U   A P     1 
ATOM   295  O  OP1   . U   A 1 15 ? -4.949  -11.504 -10.264 1.00 42.57 ? 15  U   A OP1   1 
ATOM   296  O  OP2   . U   A 1 15 ? -4.761  -9.056  -9.435  1.00 46.00 ? 15  U   A OP2   1 
ATOM   297  O  "O5'" . U   A 1 15 ? -4.826  -11.024 -7.810  1.00 40.43 ? 15  U   A "O5'" 1 
ATOM   298  C  "C5'" . U   A 1 15 ? -4.367  -12.314 -7.427  1.00 41.07 ? 15  U   A "C5'" 1 
ATOM   299  C  "C4'" . U   A 1 15 ? -4.553  -12.529 -5.964  1.00 40.66 ? 15  U   A "C4'" 1 
ATOM   300  O  "O4'" . U   A 1 15 ? -3.798  -11.538 -5.226  1.00 42.81 ? 15  U   A "O4'" 1 
ATOM   301  C  "C3'" . U   A 1 15 ? -5.961  -12.302 -5.467  1.00 40.55 ? 15  U   A "C3'" 1 
ATOM   302  O  "O3'" . U   A 1 15 ? -6.749  -13.414 -5.804  1.00 39.96 ? 15  U   A "O3'" 1 
ATOM   303  C  "C2'" . U   A 1 15 ? -5.726  -12.139 -3.973  1.00 41.15 ? 15  U   A "C2'" 1 
ATOM   304  O  "O2'" . U   A 1 15 ? -5.449  -13.370 -3.317  1.00 37.41 ? 15  U   A "O2'" 1 
ATOM   305  C  "C1'" . U   A 1 15 ? -4.457  -11.280 -3.988  1.00 41.41 ? 15  U   A "C1'" 1 
ATOM   306  N  N1    . U   A 1 15 ? -4.739  -9.843  -3.915  1.00 36.18 ? 15  U   A N1    1 
ATOM   307  C  C2    . U   A 1 15 ? -4.902  -9.317  -2.683  1.00 32.30 ? 15  U   A C2    1 
ATOM   308  O  O2    . U   A 1 15 ? -4.820  -9.986  -1.684  1.00 25.91 ? 15  U   A O2    1 
ATOM   309  N  N3    . U   A 1 15 ? -5.165  -7.976  -2.650  1.00 35.21 ? 15  U   A N3    1 
ATOM   310  C  C4    . U   A 1 15 ? -5.291  -7.123  -3.726  1.00 36.57 ? 15  U   A C4    1 
ATOM   311  O  O4    . U   A 1 15 ? -5.612  -5.941  -3.535  1.00 35.60 ? 15  U   A O4    1 
ATOM   312  C  C5    . U   A 1 15 ? -5.097  -7.753  -4.992  1.00 36.27 ? 15  U   A C5    1 
ATOM   313  C  C6    . U   A 1 15 ? -4.832  -9.067  -5.039  1.00 35.55 ? 15  U   A C6    1 
ATOM   314  P  P     . G   A 1 16 ? -8.308  -13.218 -6.036  1.00 39.03 ? 16  G   A P     1 
ATOM   315  O  OP1   . G   A 1 16 ? -8.804  -14.513 -6.560  1.00 38.98 ? 16  G   A OP1   1 
ATOM   316  O  OP2   . G   A 1 16 ? -8.500  -11.979 -6.838  1.00 40.76 ? 16  G   A OP2   1 
ATOM   317  O  "O5'" . G   A 1 16 ? -8.827  -12.995 -4.543  1.00 35.97 ? 16  G   A "O5'" 1 
ATOM   318  C  "C5'" . G   A 1 16 ? -8.668  -14.037 -3.579  1.00 33.56 ? 16  G   A "C5'" 1 
ATOM   319  C  "C4'" . G   A 1 16 ? -9.026  -13.556 -2.186  1.00 31.77 ? 16  G   A "C4'" 1 
ATOM   320  O  "O4'" . G   A 1 16 ? -8.077  -12.541 -1.760  1.00 27.85 ? 16  G   A "O4'" 1 
ATOM   321  C  "C3'" . G   A 1 16 ? -10.385 -12.896 -2.019  1.00 32.55 ? 16  G   A "C3'" 1 
ATOM   322  O  "O3'" . G   A 1 16 ? -11.442 -13.827 -1.863  1.00 32.38 ? 16  G   A "O3'" 1 
ATOM   323  C  "C2'" . G   A 1 16 ? -10.179 -12.087 -0.753  1.00 31.33 ? 16  G   A "C2'" 1 
ATOM   324  O  "O2'" . G   A 1 16 ? -10.271 -12.916 0.382   1.00 31.81 ? 16  G   A "O2'" 1 
ATOM   325  C  "C1'" . G   A 1 16 ? -8.746  -11.576 -0.965  1.00 27.68 ? 16  G   A "C1'" 1 
ATOM   326  N  N9    . G   A 1 16 ? -8.720  -10.308 -1.687  1.00 21.98 ? 16  G   A N9    1 
ATOM   327  C  C8    . G   A 1 16 ? -8.542  -10.116 -3.039  1.00 21.16 ? 16  G   A C8    1 
ATOM   328  N  N7    . G   A 1 16 ? -8.576  -8.860  -3.384  1.00 14.64 ? 16  G   A N7    1 
ATOM   329  C  C5    . G   A 1 16 ? -8.786  -8.188  -2.194  1.00 15.44 ? 16  G   A C5    1 
ATOM   330  C  C6    . G   A 1 16 ? -8.896  -6.797  -1.927  1.00 14.63 ? 16  G   A C6    1 
ATOM   331  O  O6    . G   A 1 16 ? -8.843  -5.867  -2.712  1.00 12.49 ? 16  G   A O6    1 
ATOM   332  N  N1    . G   A 1 16 ? -9.091  -6.548  -0.569  1.00 16.03 ? 16  G   A N1    1 
ATOM   333  C  C2    . G   A 1 16 ? -9.177  -7.522  0.395   1.00 16.87 ? 16  G   A C2    1 
ATOM   334  N  N2    . G   A 1 16 ? -9.387  -7.100  1.619   1.00 18.65 ? 16  G   A N2    1 
ATOM   335  N  N3    . G   A 1 16 ? -9.067  -8.816  0.162   1.00 16.40 ? 16  G   A N3    1 
ATOM   336  C  C4    . G   A 1 16 ? -8.875  -9.074  -1.140  1.00 18.70 ? 16  G   A C4    1 
ATOM   337  P  P     . A   A 1 17 ? -12.815 -13.585 -2.657  1.00 35.32 ? 17  A   A P     1 
ATOM   338  O  OP1   . A   A 1 17 ? -13.637 -14.812 -2.542  1.00 35.69 ? 17  A   A OP1   1 
ATOM   339  O  OP2   . A   A 1 17 ? -12.467 -13.058 -3.995  1.00 33.57 ? 17  A   A OP2   1 
ATOM   340  O  "O5'" . A   A 1 17 ? -13.535 -12.404 -1.875  1.00 34.86 ? 17  A   A "O5'" 1 
ATOM   341  C  "C5'" . A   A 1 17 ? -13.701 -12.464 -0.480  1.00 36.52 ? 17  A   A "C5'" 1 
ATOM   342  C  "C4'" . A   A 1 17 ? -15.161 -12.499 -0.144  1.00 38.73 ? 17  A   A "C4'" 1 
ATOM   343  O  "O4'" . A   A 1 17 ? -15.346 -12.966 1.195   1.00 41.70 ? 17  A   A "O4'" 1 
ATOM   344  C  "C3'" . A   A 1 17 ? -15.962 -11.210 -0.210  1.00 41.21 ? 17  A   A "C3'" 1 
ATOM   345  O  "O3'" . A   A 1 17 ? -16.257 -11.118 -1.604  1.00 37.88 ? 17  A   A "O3'" 1 
ATOM   346  C  "C2'" . A   A 1 17 ? -17.190 -11.563 0.643   1.00 45.63 ? 17  A   A "C2'" 1 
ATOM   347  O  "O2'" . A   A 1 17 ? -18.160 -12.249 -0.144  1.00 54.35 ? 17  A   A "O2'" 1 
ATOM   348  C  "C1'" . A   A 1 17 ? -16.640 -12.631 1.599   1.00 44.67 ? 17  A   A "C1'" 1 
ATOM   349  N  N9    . A   A 1 17 ? -16.647 -12.518 3.058   1.00 47.44 ? 17  A   A N9    1 
ATOM   350  C  C8    . A   A 1 17 ? -15.908 -11.723 3.909   1.00 48.35 ? 17  A   A C8    1 
ATOM   351  N  N7    . A   A 1 17 ? -16.028 -12.056 5.175   1.00 48.29 ? 17  A   A N7    1 
ATOM   352  C  C5    . A   A 1 17 ? -16.948 -13.100 5.157   1.00 48.51 ? 17  A   A C5    1 
ATOM   353  C  C6    . A   A 1 17 ? -17.505 -13.897 6.181   1.00 49.20 ? 17  A   A C6    1 
ATOM   354  N  N6    . A   A 1 17 ? -17.223 -13.747 7.489   1.00 50.15 ? 17  A   A N6    1 
ATOM   355  N  N1    . A   A 1 17 ? -18.387 -14.858 5.813   1.00 48.99 ? 17  A   A N1    1 
ATOM   356  C  C2    . A   A 1 17 ? -18.707 -14.972 4.516   1.00 47.58 ? 17  A   A C2    1 
ATOM   357  N  N3    . A   A 1 17 ? -18.269 -14.272 3.472   1.00 45.95 ? 17  A   A N3    1 
ATOM   358  C  C4    . A   A 1 17 ? -17.374 -13.354 3.866   1.00 46.85 ? 17  A   A C4    1 
ATOM   359  P  P     . A   A 1 18 ? -17.202 -9.957  -2.206  1.00 34.78 ? 18  A   A P     1 
ATOM   360  O  OP1   . A   A 1 18 ? -17.856 -10.681 -3.333  1.00 31.82 ? 18  A   A OP1   1 
ATOM   361  O  OP2   . A   A 1 18 ? -16.439 -8.716  -2.483  1.00 36.35 ? 18  A   A OP2   1 
ATOM   362  O  "O5'" . A   A 1 18 ? -18.317 -9.629  -1.110  1.00 37.14 ? 18  A   A "O5'" 1 
ATOM   363  C  "C5'" . A   A 1 18 ? -19.714 -9.571  -1.471  1.00 29.53 ? 18  A   A "C5'" 1 
ATOM   364  C  "C4'" . A   A 1 18 ? -20.566 -9.258  -0.261  1.00 30.83 ? 18  A   A "C4'" 1 
ATOM   365  O  "O4'" . A   A 1 18 ? -20.023 -9.921  0.907   1.00 29.86 ? 18  A   A "O4'" 1 
ATOM   366  C  "C3'" . A   A 1 18 ? -20.661 -7.795  0.158   1.00 32.10 ? 18  A   A "C3'" 1 
ATOM   367  O  "O3'" . A   A 1 18 ? -21.831 -7.249  -0.441  1.00 35.36 ? 18  A   A "O3'" 1 
ATOM   368  C  "C2'" . A   A 1 18 ? -20.950 -7.858  1.663   1.00 33.39 ? 18  A   A "C2'" 1 
ATOM   369  O  "O2'" . A   A 1 18 ? -22.314 -7.707  1.991   1.00 36.45 ? 18  A   A "O2'" 1 
ATOM   370  C  "C1'" . A   A 1 18 ? -20.548 -9.287  2.037   1.00 34.80 ? 18  A   A "C1'" 1 
ATOM   371  N  N9    . A   A 1 18 ? -19.635 -9.381  3.162   1.00 38.10 ? 18  A   A N9    1 
ATOM   372  C  C8    . A   A 1 18 ? -18.561 -8.600  3.476   1.00 38.30 ? 18  A   A C8    1 
ATOM   373  N  N7    . A   A 1 18 ? -18.007 -8.899  4.623   1.00 40.27 ? 18  A   A N7    1 
ATOM   374  C  C5    . A   A 1 18 ? -18.758 -9.964  5.083   1.00 40.15 ? 18  A   A C5    1 
ATOM   375  C  C6    . A   A 1 18 ? -18.699 -10.714 6.258   1.00 41.06 ? 18  A   A C6    1 
ATOM   376  N  N6    . A   A 1 18 ? -17.805 -10.495 7.227   1.00 40.84 ? 18  A   A N6    1 
ATOM   377  N  N1    . A   A 1 18 ? -19.607 -11.704 6.416   1.00 41.32 ? 18  A   A N1    1 
ATOM   378  C  C2    . A   A 1 18 ? -20.511 -11.907 5.444   1.00 42.43 ? 18  A   A C2    1 
ATOM   379  N  N3    . A   A 1 18 ? -20.672 -11.258 4.297   1.00 40.28 ? 18  A   A N3    1 
ATOM   380  C  C4    . A   A 1 18 ? -19.753 -10.285 4.181   1.00 40.51 ? 18  A   A C4    1 
ATOM   381  P  P     . G   A 1 19 ? -21.748 -5.974  -1.418  1.00 37.74 ? 19  G   A P     1 
ATOM   382  O  OP1   . G   A 1 19 ? -23.153 -5.520  -1.531  1.00 39.51 ? 19  G   A OP1   1 
ATOM   383  O  OP2   . G   A 1 19 ? -20.990 -6.344  -2.646  1.00 37.89 ? 19  G   A OP2   1 
ATOM   384  O  "O5'" . G   A 1 19 ? -20.977 -4.842  -0.611  1.00 35.51 ? 19  G   A "O5'" 1 
ATOM   385  C  "C5'" . G   A 1 19 ? -21.558 -4.278  0.546   1.00 37.79 ? 19  G   A "C5'" 1 
ATOM   386  C  "C4'" . G   A 1 19 ? -20.843 -3.014  0.926   1.00 39.76 ? 19  G   A "C4'" 1 
ATOM   387  O  "O4'" . G   A 1 19 ? -19.445 -3.316  1.191   1.00 37.82 ? 19  G   A "O4'" 1 
ATOM   388  C  "C3'" . G   A 1 19 ? -20.788 -1.961  -0.155  1.00 41.73 ? 19  G   A "C3'" 1 
ATOM   389  O  "O3'" . G   A 1 19 ? -21.977 -1.187  -0.222  1.00 46.67 ? 19  G   A "O3'" 1 
ATOM   390  C  "C2'" . G   A 1 19 ? -19.582 -1.141  0.278   1.00 40.78 ? 19  G   A "C2'" 1 
ATOM   391  O  "O2'" . G   A 1 19 ? -19.883 -0.269  1.354   1.00 43.63 ? 19  G   A "O2'" 1 
ATOM   392  C  "C1'" . G   A 1 19 ? -18.632 -2.250  0.734   1.00 36.36 ? 19  G   A "C1'" 1 
ATOM   393  N  N9    . G   A 1 19 ? -17.815 -2.730  -0.377  1.00 30.65 ? 19  G   A N9    1 
ATOM   394  C  C8    . G   A 1 19 ? -17.815 -3.975  -0.961  1.00 27.71 ? 19  G   A C8    1 
ATOM   395  N  N7    . G   A 1 19 ? -16.988 -4.065  -1.971  1.00 28.98 ? 19  G   A N7    1 
ATOM   396  C  C5    . G   A 1 19 ? -16.408 -2.802  -2.052  1.00 27.74 ? 19  G   A C5    1 
ATOM   397  C  C6    . G   A 1 19 ? -15.450 -2.275  -2.962  1.00 24.07 ? 19  G   A C6    1 
ATOM   398  O  O6    . G   A 1 19 ? -14.910 -2.833  -3.917  1.00 22.98 ? 19  G   A O6    1 
ATOM   399  N  N1    . G   A 1 19 ? -15.143 -0.958  -2.673  1.00 21.93 ? 19  G   A N1    1 
ATOM   400  C  C2    . G   A 1 19 ? -15.681 -0.233  -1.646  1.00 23.00 ? 19  G   A C2    1 
ATOM   401  N  N2    . G   A 1 19 ? -15.251 1.030   -1.507  1.00 18.58 ? 19  G   A N2    1 
ATOM   402  N  N3    . G   A 1 19 ? -16.580 -0.702  -0.803  1.00 24.64 ? 19  G   A N3    1 
ATOM   403  C  C4    . G   A 1 19 ? -16.896 -1.979  -1.063  1.00 28.03 ? 19  G   A C4    1 
ATOM   404  P  P     . U   A 1 20 ? -22.510 -0.698  -1.662  1.00 52.67 ? 20  U   A P     1 
ATOM   405  O  OP1   . U   A 1 20 ? -23.904 -0.196  -1.545  1.00 51.43 ? 20  U   A OP1   1 
ATOM   406  O  OP2   . U   A 1 20 ? -22.223 -1.830  -2.590  1.00 51.04 ? 20  U   A OP2   1 
ATOM   407  O  "O5'" . U   A 1 20 ? -21.539 0.514   -2.031  1.00 46.30 ? 20  U   A "O5'" 1 
ATOM   408  C  "C5'" . U   A 1 20 ? -21.383 1.621   -1.163  1.00 46.20 ? 20  U   A "C5'" 1 
ATOM   409  C  "C4'" . U   A 1 20 ? -20.396 2.607   -1.746  1.00 46.40 ? 20  U   A "C4'" 1 
ATOM   410  O  "O4'" . U   A 1 20 ? -19.076 2.004   -1.880  1.00 46.68 ? 20  U   A "O4'" 1 
ATOM   411  C  "C3'" . U   A 1 20 ? -20.733 3.008   -3.158  1.00 47.27 ? 20  U   A "C3'" 1 
ATOM   412  O  "O3'" . U   A 1 20 ? -21.724 3.996   -3.149  1.00 47.53 ? 20  U   A "O3'" 1 
ATOM   413  C  "C2'" . U   A 1 20 ? -19.388 3.471   -3.703  1.00 44.06 ? 20  U   A "C2'" 1 
ATOM   414  O  "O2'" . U   A 1 20 ? -18.976 4.721   -3.214  1.00 47.16 ? 20  U   A "O2'" 1 
ATOM   415  C  "C1'" . U   A 1 20 ? -18.465 2.435   -3.092  1.00 44.21 ? 20  U   A "C1'" 1 
ATOM   416  N  N1    . U   A 1 20 ? -18.292 1.261   -3.952  1.00 44.94 ? 20  U   A N1    1 
ATOM   417  C  C2    . U   A 1 20 ? -17.340 1.307   -4.940  1.00 44.29 ? 20  U   A C2    1 
ATOM   418  O  O2    . U   A 1 20 ? -16.702 2.307   -5.217  1.00 46.69 ? 20  U   A O2    1 
ATOM   419  N  N3    . U   A 1 20 ? -17.156 0.133   -5.609  1.00 44.08 ? 20  U   A N3    1 
ATOM   420  C  C4    . U   A 1 20 ? -17.821 -1.042  -5.415  1.00 44.61 ? 20  U   A C4    1 
ATOM   421  O  O4    . U   A 1 20 ? -17.410 -2.041  -5.973  1.00 48.76 ? 20  U   A O4    1 
ATOM   422  C  C5    . U   A 1 20 ? -18.840 -0.999  -4.428  1.00 45.85 ? 20  U   A C5    1 
ATOM   423  C  C6    . U   A 1 20 ? -19.040 0.123   -3.744  1.00 46.48 ? 20  U   A C6    1 
ATOM   424  P  P     . C   A 1 21 ? -22.676 4.157   -4.421  1.00 52.79 ? 21  C   A P     1 
ATOM   425  O  OP1   . C   A 1 21 ? -23.631 5.217   -3.986  1.00 53.42 ? 21  C   A OP1   1 
ATOM   426  O  OP2   . C   A 1 21 ? -23.189 2.832   -4.894  1.00 49.03 ? 21  C   A OP2   1 
ATOM   427  O  "O5'" . C   A 1 21 ? -21.720 4.738   -5.560  1.00 48.10 ? 21  C   A "O5'" 1 
ATOM   428  C  "C5'" . C   A 1 21 ? -21.183 6.044   -5.455  1.00 49.55 ? 21  C   A "C5'" 1 
ATOM   429  C  "C4'" . C   A 1 21 ? -20.235 6.310   -6.601  1.00 51.15 ? 21  C   A "C4'" 1 
ATOM   430  O  "O4'" . C   A 1 21 ? -19.078 5.447   -6.478  1.00 49.08 ? 21  C   A "O4'" 1 
ATOM   431  C  "C3'" . C   A 1 21 ? -20.783 6.020   -7.988  1.00 51.81 ? 21  C   A "C3'" 1 
ATOM   432  O  "O3'" . C   A 1 21 ? -21.466 7.144   -8.503  1.00 54.09 ? 21  C   A "O3'" 1 
ATOM   433  C  "C2'" . C   A 1 21 ? -19.516 5.747   -8.781  1.00 50.47 ? 21  C   A "C2'" 1 
ATOM   434  O  "O2'" . C   A 1 21 ? -18.802 6.922   -9.105  1.00 53.10 ? 21  C   A "O2'" 1 
ATOM   435  C  "C1'" . C   A 1 21 ? -18.707 4.962   -7.758  1.00 46.72 ? 21  C   A "C1'" 1 
ATOM   436  N  N1    . C   A 1 21 ? -18.997 3.524   -7.823  1.00 40.24 ? 21  C   A N1    1 
ATOM   437  C  C2    . C   A 1 21 ? -18.332 2.805   -8.747  1.00 37.09 ? 21  C   A C2    1 
ATOM   438  O  O2    . C   A 1 21 ? -17.564 3.409   -9.499  1.00 35.19 ? 21  C   A O2    1 
ATOM   439  N  N3    . C   A 1 21 ? -18.526 1.464   -8.822  1.00 36.17 ? 21  C   A N3    1 
ATOM   440  C  C4    . C   A 1 21 ? -19.373 0.868   -7.990  1.00 31.40 ? 21  C   A C4    1 
ATOM   441  N  N4    . C   A 1 21 ? -19.501 -0.452  -8.074  1.00 26.84 ? 21  C   A N4    1 
ATOM   442  C  C5    . C   A 1 21 ? -20.105 1.601   -7.035  1.00 33.58 ? 21  C   A C5    1 
ATOM   443  C  C6    . C   A 1 21 ? -19.891 2.920   -6.984  1.00 37.09 ? 21  C   A C6    1 
ATOM   444  P  P     . G   A 1 22 ? -22.431 6.964   -9.763  1.00 59.29 ? 22  G   A P     1 
ATOM   445  O  OP1   . G   A 1 22 ? -23.014 8.307   -10.008 1.00 61.05 ? 22  G   A OP1   1 
ATOM   446  O  OP2   . G   A 1 22 ? -23.331 5.791   -9.559  1.00 58.82 ? 22  G   A OP2   1 
ATOM   447  O  "O5'" . G   A 1 22 ? -21.444 6.602   -10.959 1.00 56.79 ? 22  G   A "O5'" 1 
ATOM   448  C  "C5'" . G   A 1 22 ? -20.595 7.589   -11.524 1.00 53.79 ? 22  G   A "C5'" 1 
ATOM   449  C  "C4'" . G   A 1 22 ? -19.732 6.975   -12.594 1.00 50.75 ? 22  G   A "C4'" 1 
ATOM   450  O  "O4'" . G   A 1 22 ? -18.920 5.909   -12.012 1.00 48.53 ? 22  G   A "O4'" 1 
ATOM   451  C  "C3'" . G   A 1 22 ? -20.482 6.240   -13.686 1.00 50.01 ? 22  G   A "C3'" 1 
ATOM   452  O  "O3'" . G   A 1 22 ? -21.078 7.101   -14.647 1.00 51.37 ? 22  G   A "O3'" 1 
ATOM   453  C  "C2'" . G   A 1 22 ? -19.372 5.385   -14.280 1.00 50.16 ? 22  G   A "C2'" 1 
ATOM   454  O  "O2'" . G   A 1 22 ? -18.490 6.110   -15.123 1.00 48.55 ? 22  G   A "O2'" 1 
ATOM   455  C  "C1'" . G   A 1 22 ? -18.656 4.921   -13.006 1.00 47.89 ? 22  G   A "C1'" 1 
ATOM   456  N  N9    . G   A 1 22 ? -19.184 3.622   -12.576 1.00 44.59 ? 22  G   A N9    1 
ATOM   457  C  C8    . G   A 1 22 ? -20.153 3.362   -11.636 1.00 40.97 ? 22  G   A C8    1 
ATOM   458  N  N7    . G   A 1 22 ? -20.445 2.094   -11.545 1.00 33.94 ? 22  G   A N7    1 
ATOM   459  C  C5    . G   A 1 22 ? -19.603 1.480   -12.455 1.00 37.96 ? 22  G   A C5    1 
ATOM   460  C  C6    . G   A 1 22 ? -19.447 0.111   -12.788 1.00 39.12 ? 22  G   A C6    1 
ATOM   461  O  O6    . G   A 1 22 ? -20.031 -0.861  -12.312 1.00 41.82 ? 22  G   A O6    1 
ATOM   462  N  N1    . G   A 1 22 ? -18.491 -0.076  -13.777 1.00 37.88 ? 22  G   A N1    1 
ATOM   463  C  C2    . G   A 1 22 ? -17.770 0.925   -14.363 1.00 40.89 ? 22  G   A C2    1 
ATOM   464  N  N2    . G   A 1 22 ? -16.910 0.553   -15.311 1.00 44.17 ? 22  G   A N2    1 
ATOM   465  N  N3    . G   A 1 22 ? -17.886 2.205   -14.047 1.00 40.73 ? 22  G   A N3    1 
ATOM   466  C  C4    . G   A 1 22 ? -18.816 2.407   -13.094 1.00 40.34 ? 22  G   A C4    1 
ATOM   467  P  P     . C   A 1 23 ? -22.239 6.518   -15.614 1.00 52.84 ? 23  C   A P     1 
ATOM   468  O  OP1   . C   A 1 23 ? -22.624 7.574   -16.605 1.00 51.66 ? 23  C   A OP1   1 
ATOM   469  O  OP2   . C   A 1 23 ? -23.276 5.910   -14.736 1.00 49.28 ? 23  C   A OP2   1 
ATOM   470  O  "O5'" . C   A 1 23 ? -21.475 5.407   -16.461 1.00 47.11 ? 23  C   A "O5'" 1 
ATOM   471  C  "C5'" . C   A 1 23 ? -20.359 5.789   -17.244 1.00 42.50 ? 23  C   A "C5'" 1 
ATOM   472  C  "C4'" . C   A 1 23 ? -19.962 4.679   -18.175 1.00 41.06 ? 23  C   A "C4'" 1 
ATOM   473  O  "O4'" . C   A 1 23 ? -19.255 3.608   -17.485 1.00 37.83 ? 23  C   A "O4'" 1 
ATOM   474  C  "C3'" . C   A 1 23 ? -21.107 3.970   -18.862 1.00 37.71 ? 23  C   A "C3'" 1 
ATOM   475  O  "O3'" . C   A 1 23 ? -21.614 4.808   -19.837 1.00 35.60 ? 23  C   A "O3'" 1 
ATOM   476  C  "C2'" . C   A 1 23 ? -20.410 2.721   -19.359 1.00 35.66 ? 23  C   A "C2'" 1 
ATOM   477  O  "O2'" . C   A 1 23 ? -19.584 3.041   -20.454 1.00 34.93 ? 23  C   A "O2'" 1 
ATOM   478  C  "C1'" . C   A 1 23 ? -19.545 2.384   -18.136 1.00 36.11 ? 23  C   A "C1'" 1 
ATOM   479  N  N1    . C   A 1 23 ? -20.263 1.540   -17.186 1.00 30.76 ? 23  C   A N1    1 
ATOM   480  C  C2    . C   A 1 23 ? -20.113 0.181   -17.284 1.00 28.86 ? 23  C   A C2    1 
ATOM   481  O  O2    . C   A 1 23 ? -19.357 -0.276  -18.154 1.00 27.74 ? 23  C   A O2    1 
ATOM   482  N  N3    . C   A 1 23 ? -20.769 -0.613  -16.439 1.00 30.92 ? 23  C   A N3    1 
ATOM   483  C  C4    . C   A 1 23 ? -21.545 -0.088  -15.504 1.00 30.91 ? 23  C   A C4    1 
ATOM   484  N  N4    . C   A 1 23 ? -22.173 -0.934  -14.681 1.00 34.74 ? 23  C   A N4    1 
ATOM   485  C  C5    . C   A 1 23 ? -21.715 1.317   -15.370 1.00 28.28 ? 23  C   A C5    1 
ATOM   486  C  C6    . C   A 1 23 ? -21.066 2.085   -16.229 1.00 29.29 ? 23  C   A C6    1 
ATOM   487  O  "O5'" . U   B 1 2  ? -21.216 -12.806 -18.087 1.00 65.22 ? 25  U   B "O5'" 1 
ATOM   488  C  "C5'" . U   B 1 2  ? -22.644 -12.694 -17.962 1.00 65.00 ? 25  U   B "C5'" 1 
ATOM   489  C  "C4'" . U   B 1 2  ? -23.105 -11.514 -17.130 1.00 62.40 ? 25  U   B "C4'" 1 
ATOM   490  O  "O4'" . U   B 1 2  ? -24.544 -11.430 -17.143 1.00 63.68 ? 25  U   B "O4'" 1 
ATOM   491  C  "C3'" . U   B 1 2  ? -22.709 -11.542 -15.663 1.00 61.85 ? 25  U   B "C3'" 1 
ATOM   492  O  "O3'" . U   B 1 2  ? -21.501 -10.781 -15.544 1.00 58.45 ? 25  U   B "O3'" 1 
ATOM   493  C  "C2'" . U   B 1 2  ? -23.825 -10.762 -14.955 1.00 63.66 ? 25  U   B "C2'" 1 
ATOM   494  O  "O2'" . U   B 1 2  ? -23.404 -9.448  -14.654 1.00 66.57 ? 25  U   B "O2'" 1 
ATOM   495  C  "C1'" . U   B 1 2  ? -24.962 -10.728 -15.993 1.00 64.01 ? 25  U   B "C1'" 1 
ATOM   496  N  N1    . U   B 1 2  ? -26.339 -11.129 -15.633 1.00 64.15 ? 25  U   B N1    1 
ATOM   497  C  C2    . U   B 1 2  ? -26.914 -10.599 -14.477 1.00 63.86 ? 25  U   B C2    1 
ATOM   498  O  O2    . U   B 1 2  ? -26.312 -9.865  -13.703 1.00 65.08 ? 25  U   B O2    1 
ATOM   499  N  N3    . U   B 1 2  ? -28.227 -10.966 -14.261 1.00 62.81 ? 25  U   B N3    1 
ATOM   500  C  C4    . U   B 1 2  ? -29.010 -11.791 -15.052 1.00 61.38 ? 25  U   B C4    1 
ATOM   501  O  O4    . U   B 1 2  ? -30.198 -11.963 -14.766 1.00 56.69 ? 25  U   B O4    1 
ATOM   502  C  C5    . U   B 1 2  ? -28.340 -12.321 -16.199 1.00 61.42 ? 25  U   B C5    1 
ATOM   503  C  C6    . U   B 1 2  ? -27.063 -11.986 -16.444 1.00 63.43 ? 25  U   B C6    1 
ATOM   504  P  P     . G   B 1 3  ? -20.171 -11.433 -14.908 1.00 56.24 ? 26  G   B P     1 
ATOM   505  O  OP1   . G   B 1 3  ? -20.166 -12.890 -15.165 1.00 57.57 ? 26  G   B OP1   1 
ATOM   506  O  OP2   . G   B 1 3  ? -20.007 -10.924 -13.515 1.00 54.69 ? 26  G   B OP2   1 
ATOM   507  O  "O5'" . G   B 1 3  ? -19.004 -10.815 -15.799 1.00 52.06 ? 26  G   B "O5'" 1 
ATOM   508  C  "C5'" . G   B 1 3  ? -18.694 -11.377 -17.071 1.00 47.45 ? 26  G   B "C5'" 1 
ATOM   509  C  "C4'" . G   B 1 3  ? -18.283 -10.296 -18.050 1.00 44.42 ? 26  G   B "C4'" 1 
ATOM   510  O  "O4'" . G   B 1 3  ? -19.435 -9.543  -18.528 1.00 41.34 ? 26  G   B "O4'" 1 
ATOM   511  C  "C3'" . G   B 1 3  ? -17.343 -9.239  -17.503 1.00 43.21 ? 26  G   B "C3'" 1 
ATOM   512  O  "O3'" . G   B 1 3  ? -16.022 -9.729  -17.515 1.00 42.40 ? 26  G   B "O3'" 1 
ATOM   513  C  "C2'" . G   B 1 3  ? -17.561 -8.109  -18.499 1.00 42.21 ? 26  G   B "C2'" 1 
ATOM   514  O  "O2'" . G   B 1 3  ? -16.929 -8.325  -19.752 1.00 47.21 ? 26  G   B "O2'" 1 
ATOM   515  C  "C1'" . G   B 1 3  ? -19.072 -8.186  -18.699 1.00 38.99 ? 26  G   B "C1'" 1 
ATOM   516  N  N9    . G   B 1 3  ? -19.750 -7.401  -17.678 1.00 36.35 ? 26  G   B N9    1 
ATOM   517  C  C8    . G   B 1 3  ? -20.449 -7.865  -16.591 1.00 32.99 ? 26  G   B C8    1 
ATOM   518  N  N7    . G   B 1 3  ? -20.927 -6.904  -15.845 1.00 31.82 ? 26  G   B N7    1 
ATOM   519  C  C5    . G   B 1 3  ? -20.532 -5.740  -16.483 1.00 31.15 ? 26  G   B C5    1 
ATOM   520  C  C6    . G   B 1 3  ? -20.761 -4.376  -16.142 1.00 31.77 ? 26  G   B C6    1 
ATOM   521  O  O6    . G   B 1 3  ? -21.419 -3.902  -15.197 1.00 28.58 ? 26  G   B O6    1 
ATOM   522  N  N1    . G   B 1 3  ? -20.131 -3.522  -17.039 1.00 33.63 ? 26  G   B N1    1 
ATOM   523  C  C2    . G   B 1 3  ? -19.376 -3.922  -18.132 1.00 34.15 ? 26  G   B C2    1 
ATOM   524  N  N2    . G   B 1 3  ? -18.771 -2.933  -18.838 1.00 32.60 ? 26  G   B N2    1 
ATOM   525  N  N3    . G   B 1 3  ? -19.205 -5.189  -18.485 1.00 31.44 ? 26  G   B N3    1 
ATOM   526  C  C4    . G   B 1 3  ? -19.796 -6.034  -17.616 1.00 33.64 ? 26  G   B C4    1 
ATOM   527  P  P     . C   B 1 4  ? -14.954 -9.173  -16.453 1.00 48.16 ? 27  C   B P     1 
ATOM   528  O  OP1   . C   B 1 4  ? -13.664 -9.829  -16.832 1.00 48.45 ? 27  C   B OP1   1 
ATOM   529  O  OP2   . C   B 1 4  ? -15.471 -9.301  -15.051 1.00 42.21 ? 27  C   B OP2   1 
ATOM   530  O  "O5'" . C   B 1 4  ? -14.813 -7.623  -16.819 1.00 44.43 ? 27  C   B "O5'" 1 
ATOM   531  C  "C5'" . C   B 1 4  ? -14.596 -7.212  -18.156 1.00 41.46 ? 27  C   B "C5'" 1 
ATOM   532  C  "C4'" . C   B 1 4  ? -14.562 -5.714  -18.230 1.00 40.66 ? 27  C   B "C4'" 1 
ATOM   533  O  "O4'" . C   B 1 4  ? -15.883 -5.142  -18.057 1.00 37.35 ? 27  C   B "O4'" 1 
ATOM   534  C  "C3'" . C   B 1 4  ? -13.766 -5.105  -17.107 1.00 43.17 ? 27  C   B "C3'" 1 
ATOM   535  O  "O3'" . C   B 1 4  ? -12.371 -5.247  -17.336 1.00 46.58 ? 27  C   B "O3'" 1 
ATOM   536  C  "C2'" . C   B 1 4  ? -14.309 -3.670  -17.031 1.00 41.53 ? 27  C   B "C2'" 1 
ATOM   537  O  "O2'" . C   B 1 4  ? -13.717 -2.669  -17.843 1.00 42.52 ? 27  C   B "O2'" 1 
ATOM   538  C  "C1'" . C   B 1 4  ? -15.774 -3.878  -17.421 1.00 36.27 ? 27  C   B "C1'" 1 
ATOM   539  N  N1    . C   B 1 4  ? -16.653 -3.869  -16.247 1.00 31.98 ? 27  C   B N1    1 
ATOM   540  C  C2    . C   B 1 4  ? -17.065 -2.647  -15.720 1.00 28.36 ? 27  C   B C2    1 
ATOM   541  O  O2    . C   B 1 4  ? -16.667 -1.602  -16.242 1.00 26.61 ? 27  C   B O2    1 
ATOM   542  N  N3    . C   B 1 4  ? -17.875 -2.635  -14.659 1.00 26.86 ? 27  C   B N3    1 
ATOM   543  C  C4    . C   B 1 4  ? -18.261 -3.782  -14.111 1.00 27.71 ? 27  C   B C4    1 
ATOM   544  N  N4    . C   B 1 4  ? -19.053 -3.728  -13.030 1.00 30.82 ? 27  C   B N4    1 
ATOM   545  C  C5    . C   B 1 4  ? -17.855 -5.035  -14.628 1.00 26.42 ? 27  C   B C5    1 
ATOM   546  C  C6    . C   B 1 4  ? -17.062 -5.035  -15.682 1.00 26.80 ? 27  C   B C6    1 
ATOM   547  P  P     . G   B 1 5  ? -11.348 -4.737  -16.220 1.00 46.32 ? 28  G   B P     1 
ATOM   548  O  OP1   . G   B 1 5  ? -9.946  -5.013  -16.639 1.00 49.35 ? 28  G   B OP1   1 
ATOM   549  O  OP2   . G   B 1 5  ? -11.816 -5.168  -14.866 1.00 44.22 ? 28  G   B OP2   1 
ATOM   550  O  "O5'" . G   B 1 5  ? -11.542 -3.175  -16.347 1.00 48.13 ? 28  G   B "O5'" 1 
ATOM   551  C  "C5'" . G   B 1 5  ? -11.111 -2.339  -15.314 1.00 50.00 ? 28  G   B "C5'" 1 
ATOM   552  C  "C4'" . G   B 1 5  ? -11.720 -0.987  -15.454 1.00 47.44 ? 28  G   B "C4'" 1 
ATOM   553  O  "O4'" . G   B 1 5  ? -13.172 -1.066  -15.445 1.00 44.79 ? 28  G   B "O4'" 1 
ATOM   554  C  "C3'" . G   B 1 5  ? -11.379 -0.185  -14.234 1.00 48.26 ? 28  G   B "C3'" 1 
ATOM   555  O  "O3'" . G   B 1 5  ? -10.058 0.308   -14.393 1.00 55.13 ? 28  G   B "O3'" 1 
ATOM   556  C  "C2'" . G   B 1 5  ? -12.494 0.850   -14.205 1.00 46.74 ? 28  G   B "C2'" 1 
ATOM   557  O  "O2'" . G   B 1 5  ? -12.288 1.946   -15.071 1.00 47.73 ? 28  G   B "O2'" 1 
ATOM   558  C  "C1'" . G   B 1 5  ? -13.687 0.011   -14.671 1.00 43.40 ? 28  G   B "C1'" 1 
ATOM   559  N  N9    . G   B 1 5  ? -14.450 -0.527  -13.548 1.00 39.07 ? 28  G   B N9    1 
ATOM   560  C  C8    . G   B 1 5  ? -14.598 -1.843  -13.173 1.00 38.61 ? 28  G   B C8    1 
ATOM   561  N  N7    . G   B 1 5  ? -15.347 -1.992  -12.106 1.00 34.53 ? 28  G   B N7    1 
ATOM   562  C  C5    . G   B 1 5  ? -15.703 -0.694  -11.756 1.00 33.19 ? 28  G   B C5    1 
ATOM   563  C  C6    . G   B 1 5  ? -16.488 -0.215  -10.679 1.00 31.31 ? 28  G   B C6    1 
ATOM   564  O  O6    . G   B 1 5  ? -17.027 -0.847  -9.777  1.00 29.23 ? 28  G   B O6    1 
ATOM   565  N  N1    . G   B 1 5  ? -16.616 1.156   -10.718 1.00 31.84 ? 28  G   B N1    1 
ATOM   566  C  C2    . G   B 1 5  ? -16.061 1.977   -11.659 1.00 35.39 ? 28  G   B C2    1 
ATOM   567  N  N2    . G   B 1 5  ? -16.342 3.293   -11.540 1.00 38.16 ? 28  G   B N2    1 
ATOM   568  N  N3    . G   B 1 5  ? -15.298 1.550   -12.653 1.00 34.36 ? 28  G   B N3    1 
ATOM   569  C  C4    . G   B 1 5  ? -15.167 0.216   -12.642 1.00 35.27 ? 28  G   B C4    1 
ATOM   570  P  P     . U   B 1 6  ? -8.949  0.012   -13.252 1.00 61.56 ? 29  U   B P     1 
ATOM   571  O  OP1   . U   B 1 6  ? -7.609  0.213   -13.893 1.00 61.31 ? 29  U   B OP1   1 
ATOM   572  O  OP2   . U   B 1 6  ? -9.267  -1.294  -12.623 1.00 58.96 ? 29  U   B OP2   1 
ATOM   573  O  "O5'" . U   B 1 6  ? -9.231  1.163   -12.182 1.00 58.09 ? 29  U   B "O5'" 1 
ATOM   574  C  "C5'" . U   B 1 6  ? -10.571 1.456   -11.855 1.00 59.39 ? 29  U   B "C5'" 1 
ATOM   575  C  "C4'" . U   B 1 6  ? -10.718 2.821   -11.268 1.00 58.98 ? 29  U   B "C4'" 1 
ATOM   576  O  "O4'" . U   B 1 6  ? -12.144 3.113   -11.242 1.00 59.70 ? 29  U   B "O4'" 1 
ATOM   577  C  "C3'" . U   B 1 6  ? -10.249 2.906   -9.829  1.00 59.30 ? 29  U   B "C3'" 1 
ATOM   578  O  "O3'" . U   B 1 6  ? -8.879  3.312   -9.814  1.00 58.86 ? 29  U   B "O3'" 1 
ATOM   579  C  "C2'" . U   B 1 6  ? -11.242 3.891   -9.212  1.00 59.99 ? 29  U   B "C2'" 1 
ATOM   580  O  "O2'" . U   B 1 6  ? -10.961 5.255   -9.464  1.00 63.04 ? 29  U   B "O2'" 1 
ATOM   581  C  "C1'" . U   B 1 6  ? -12.533 3.511   -9.944  1.00 59.88 ? 29  U   B "C1'" 1 
ATOM   582  N  N1    . U   B 1 6  ? -13.240 2.377   -9.335  1.00 59.02 ? 29  U   B N1    1 
ATOM   583  C  C2    . U   B 1 6  ? -14.223 2.644   -8.378  1.00 59.44 ? 29  U   B C2    1 
ATOM   584  O  O2    . U   B 1 6  ? -14.584 3.783   -8.077  1.00 60.18 ? 29  U   B O2    1 
ATOM   585  N  N3    . U   B 1 6  ? -14.770 1.521   -7.795  1.00 56.64 ? 29  U   B N3    1 
ATOM   586  C  C4    . U   B 1 6  ? -14.457 0.202   -8.073  1.00 54.68 ? 29  U   B C4    1 
ATOM   587  O  O4    . U   B 1 6  ? -14.948 -0.685  -7.387  1.00 53.68 ? 29  U   B O4    1 
ATOM   588  C  C5    . U   B 1 6  ? -13.481 0.017   -9.099  1.00 54.76 ? 29  U   B C5    1 
ATOM   589  C  C6    . U   B 1 6  ? -12.922 1.078   -9.680  1.00 56.67 ? 29  U   B C6    1 
ATOM   590  P  P     . C   B 1 7  ? -8.053  3.315   -8.431  1.00 57.41 ? 30  C   B P     1 
ATOM   591  O  OP1   . C   B 1 7  ? -6.725  3.921   -8.708  1.00 58.46 ? 30  C   B OP1   1 
ATOM   592  O  OP2   . C   B 1 7  ? -8.145  1.991   -7.744  1.00 55.69 ? 30  C   B OP2   1 
ATOM   593  O  "O5'" . C   B 1 7  ? -8.841  4.361   -7.539  1.00 55.60 ? 30  C   B "O5'" 1 
ATOM   594  C  "C5'" . C   B 1 7  ? -8.877  4.205   -6.144  1.00 53.16 ? 30  C   B "C5'" 1 
ATOM   595  C  "C4'" . C   B 1 7  ? -10.085 4.879   -5.582  1.00 50.88 ? 30  C   B "C4'" 1 
ATOM   596  O  "O4'" . C   B 1 7  ? -11.272 4.431   -6.286  1.00 48.58 ? 30  C   B "O4'" 1 
ATOM   597  C  "C3'" . C   B 1 7  ? -10.315 4.478   -4.144  1.00 52.20 ? 30  C   B "C3'" 1 
ATOM   598  O  "O3'" . C   B 1 7  ? -9.500  5.263   -3.290  1.00 53.77 ? 30  C   B "O3'" 1 
ATOM   599  C  "C2'" . C   B 1 7  ? -11.811 4.690   -3.993  1.00 50.79 ? 30  C   B "C2'" 1 
ATOM   600  O  "O2'" . C   B 1 7  ? -12.159 6.046   -3.806  1.00 53.20 ? 30  C   B "O2'" 1 
ATOM   601  C  "C1'" . C   B 1 7  ? -12.307 4.175   -5.351  1.00 47.87 ? 30  C   B "C1'" 1 
ATOM   602  N  N1    . C   B 1 7  ? -12.506 2.725   -5.318  1.00 43.13 ? 30  C   B N1    1 
ATOM   603  C  C2    . C   B 1 7  ? -13.469 2.188   -4.463  1.00 42.92 ? 30  C   B C2    1 
ATOM   604  O  O2    . C   B 1 7  ? -14.204 2.955   -3.822  1.00 41.56 ? 30  C   B O2    1 
ATOM   605  N  N3    . C   B 1 7  ? -13.581 0.846   -4.363  1.00 41.58 ? 30  C   B N3    1 
ATOM   606  C  C4    . C   B 1 7  ? -12.787 0.052   -5.085  1.00 41.58 ? 30  C   B C4    1 
ATOM   607  N  N4    . C   B 1 7  ? -12.871 -1.258  -4.890  1.00 42.11 ? 30  C   B N4    1 
ATOM   608  C  C5    . C   B 1 7  ? -11.853 0.571   -6.016  1.00 41.58 ? 30  C   B C5    1 
ATOM   609  C  C6    . C   B 1 7  ? -11.740 1.906   -6.093  1.00 42.58 ? 30  C   B C6    1 
ATOM   610  P  P     . A   B 1 8  ? -8.424  4.536   -2.338  1.00 55.15 ? 31  A   B P     1 
ATOM   611  O  OP1   . A   B 1 8  ? -7.530  5.594   -1.797  1.00 54.14 ? 31  A   B OP1   1 
ATOM   612  O  OP2   . A   B 1 8  ? -7.836  3.344   -3.010  1.00 52.65 ? 31  A   B OP2   1 
ATOM   613  O  "O5'" . A   B 1 8  ? -9.319  4.040   -1.131  1.00 52.16 ? 31  A   B "O5'" 1 
ATOM   614  C  "C5'" . A   B 1 8  ? -10.136 4.972   -0.454  1.00 49.88 ? 31  A   B "C5'" 1 
ATOM   615  C  "C4'" . A   B 1 8  ? -11.061 4.258   0.483   1.00 48.16 ? 31  A   B "C4'" 1 
ATOM   616  O  "O4'" . A   B 1 8  ? -12.137 3.608   -0.261  1.00 46.50 ? 31  A   B "O4'" 1 
ATOM   617  C  "C3'" . A   B 1 8  ? -10.405 3.124   1.239   1.00 43.65 ? 31  A   B "C3'" 1 
ATOM   618  O  "O3'" . A   B 1 8  ? -9.666  3.609   2.334   1.00 39.08 ? 31  A   B "O3'" 1 
ATOM   619  C  "C2'" . A   B 1 8  ? -11.629 2.349   1.667   1.00 44.72 ? 31  A   B "C2'" 1 
ATOM   620  O  "O2'" . A   B 1 8  ? -12.299 3.067   2.682   1.00 41.80 ? 31  A   B "O2'" 1 
ATOM   621  C  "C1'" . A   B 1 8  ? -12.451 2.386   0.370   1.00 45.43 ? 31  A   B "C1'" 1 
ATOM   622  N  N9    . A   B 1 8  ? -12.081 1.311   -0.545  1.00 46.07 ? 31  A   B N9    1 
ATOM   623  C  C8    . A   B 1 8  ? -11.442 1.396   -1.748  1.00 43.86 ? 31  A   B C8    1 
ATOM   624  N  N7    . A   B 1 8  ? -11.254 0.233   -2.325  1.00 45.66 ? 31  A   B N7    1 
ATOM   625  C  C5    . A   B 1 8  ? -11.812 -0.676  -1.439  1.00 47.70 ? 31  A   B C5    1 
ATOM   626  C  C6    . A   B 1 8  ? -11.931 -2.082  -1.459  1.00 49.22 ? 31  A   B C6    1 
ATOM   627  N  N6    . A   B 1 8  ? -11.431 -2.859  -2.419  1.00 53.54 ? 31  A   B N6    1 
ATOM   628  N  N1    . A   B 1 8  ? -12.566 -2.675  -0.430  1.00 47.00 ? 31  A   B N1    1 
ATOM   629  C  C2    . A   B 1 8  ? -13.005 -1.917  0.564   1.00 47.70 ? 31  A   B C2    1 
ATOM   630  N  N3    . A   B 1 8  ? -12.931 -0.596  0.718   1.00 48.20 ? 31  A   B N3    1 
ATOM   631  C  C4    . A   B 1 8  ? -12.322 -0.027  -0.340  1.00 48.15 ? 31  A   B C4    1 
ATOM   632  P  P     . C   B 1 9  ? -8.398  2.778   2.859   1.00 39.98 ? 32  C   B P     1 
ATOM   633  O  OP1   . C   B 1 9  ? -7.911  3.504   4.056   1.00 40.25 ? 32  C   B OP1   1 
ATOM   634  O  OP2   . C   B 1 9  ? -7.452  2.502   1.738   1.00 38.24 ? 32  C   B OP2   1 
ATOM   635  O  "O5'" . C   B 1 9  ? -9.007  1.375   3.320   1.00 35.62 ? 32  C   B "O5'" 1 
ATOM   636  C  "C5'" . C   B 1 9  ? -9.830  1.291   4.460   1.00 35.20 ? 32  C   B "C5'" 1 
ATOM   637  C  "C4'" . C   B 1 9  ? -10.103 -0.151  4.809   1.00 36.32 ? 32  C   B "C4'" 1 
ATOM   638  O  "O4'" . C   B 1 9  ? -10.949 -0.766  3.805   1.00 33.31 ? 32  C   B "O4'" 1 
ATOM   639  C  "C3'" . C   B 1 9  ? -8.893  -1.054  4.872   1.00 38.89 ? 32  C   B "C3'" 1 
ATOM   640  O  "O3'" . C   B 1 9  ? -8.193  -0.931  6.107   1.00 39.84 ? 32  C   B "O3'" 1 
ATOM   641  C  "C2'" . C   B 1 9  ? -9.538  -2.419  4.702   1.00 38.95 ? 32  C   B "C2'" 1 
ATOM   642  O  "O2'" . C   B 1 9  ? -10.146 -2.886  5.894   1.00 41.62 ? 32  C   B "O2'" 1 
ATOM   643  C  "C1'" . C   B 1 9  ? -10.589 -2.108  3.634   1.00 33.43 ? 32  C   B "C1'" 1 
ATOM   644  N  N1    . C   B 1 9  ? -10.019 -2.217  2.301   1.00 34.78 ? 32  C   B N1    1 
ATOM   645  C  C2    . C   B 1 9  ? -9.786  -3.491  1.774   1.00 33.96 ? 32  C   B C2    1 
ATOM   646  O  O2    . C   B 1 9  ? -10.077 -4.478  2.472   1.00 33.91 ? 32  C   B O2    1 
ATOM   647  N  N3    . C   B 1 9  ? -9.247  -3.608  0.527   1.00 32.42 ? 32  C   B N3    1 
ATOM   648  C  C4    . C   B 1 9  ? -8.957  -2.506  -0.175  1.00 33.29 ? 32  C   B C4    1 
ATOM   649  N  N4    . C   B 1 9  ? -8.468  -2.654  -1.387  1.00 32.12 ? 32  C   B N4    1 
ATOM   650  C  C5    . C   B 1 9  ? -9.175  -1.193  0.347   1.00 33.42 ? 32  C   B C5    1 
ATOM   651  C  C6    . C   B 1 9  ? -9.706  -1.097  1.579   1.00 35.86 ? 32  C   B C6    1 
ATOM   652  P  P     . A   B 1 10 ? -6.638  -1.305  6.159   1.00 39.73 ? 33  A   B P     1 
ATOM   653  O  OP1   . A   B 1 10 ? -6.194  -1.182  7.568   1.00 40.23 ? 33  A   B OP1   1 
ATOM   654  O  OP2   . A   B 1 10 ? -5.925  -0.546  5.089   1.00 40.21 ? 33  A   B OP2   1 
ATOM   655  O  "O5'" . A   B 1 10 ? -6.642  -2.852  5.782   1.00 41.50 ? 33  A   B "O5'" 1 
ATOM   656  C  "C5'" . A   B 1 10 ? -7.230  -3.806  6.666   1.00 42.07 ? 33  A   B "C5'" 1 
ATOM   657  C  "C4'" . A   B 1 10 ? -6.949  -5.217  6.193   1.00 41.65 ? 33  A   B "C4'" 1 
ATOM   658  O  "O4'" . A   B 1 10 ? -7.721  -5.528  4.994   1.00 38.37 ? 33  A   B "O4'" 1 
ATOM   659  C  "C3'" . A   B 1 10 ? -5.519  -5.504  5.795   1.00 42.60 ? 33  A   B "C3'" 1 
ATOM   660  O  "O3'" . A   B 1 10 ? -4.715  -5.715  6.951   1.00 48.33 ? 33  A   B "O3'" 1 
ATOM   661  C  "C2'" . A   B 1 10 ? -5.700  -6.733  4.908   1.00 40.58 ? 33  A   B "C2'" 1 
ATOM   662  O  "O2'" . A   B 1 10 ? -6.034  -7.883  5.647   1.00 42.52 ? 33  A   B "O2'" 1 
ATOM   663  C  "C1'" . A   B 1 10 ? -6.958  -6.351  4.135   1.00 36.01 ? 33  A   B "C1'" 1 
ATOM   664  N  N9    . A   B 1 10 ? -6.691  -5.579  2.929   1.00 33.44 ? 33  A   B N9    1 
ATOM   665  C  C8    . A   B 1 10 ? -6.683  -4.215  2.805   1.00 30.06 ? 33  A   B C8    1 
ATOM   666  N  N7    . A   B 1 10 ? -6.444  -3.800  1.590   1.00 28.23 ? 33  A   B N7    1 
ATOM   667  C  C5    . A   B 1 10 ? -6.272  -4.967  0.870   1.00 26.43 ? 33  A   B C5    1 
ATOM   668  C  C6    . A   B 1 10 ? -5.971  -5.196  -0.462  1.00 23.68 ? 33  A   B C6    1 
ATOM   669  N  N6    . A   B 1 10 ? -5.782  -4.228  -1.346  1.00 24.34 ? 33  A   B N6    1 
ATOM   670  N  N1    . A   B 1 10 ? -5.853  -6.462  -0.867  1.00 23.03 ? 33  A   B N1    1 
ATOM   671  C  C2    . A   B 1 10 ? -6.018  -7.438  0.031   1.00 27.34 ? 33  A   B C2    1 
ATOM   672  N  N3    . A   B 1 10 ? -6.297  -7.351  1.324   1.00 26.83 ? 33  A   B N3    1 
ATOM   673  C  C4    . A   B 1 10 ? -6.414  -6.069  1.682   1.00 29.30 ? 33  A   B C4    1 
ATOM   674  P  P     . C   B 1 11 ? -3.117  -5.488  6.865   1.00 51.44 ? 34  C   B P     1 
ATOM   675  O  OP1   . C   B 1 11 ? -2.526  -5.616  8.231   1.00 44.65 ? 34  C   B OP1   1 
ATOM   676  O  OP2   . C   B 1 11 ? -2.845  -4.260  6.059   1.00 51.55 ? 34  C   B OP2   1 
ATOM   677  O  "O5'" . C   B 1 11 ? -2.655  -6.719  5.963   1.00 49.55 ? 34  C   B "O5'" 1 
ATOM   678  C  "C5'" . C   B 1 11 ? -2.825  -8.053  6.416   1.00 45.71 ? 34  C   B "C5'" 1 
ATOM   679  C  "C4'" . C   B 1 11 ? -2.547  -9.008  5.286   1.00 44.35 ? 34  C   B "C4'" 1 
ATOM   680  O  "O4'" . C   B 1 11 ? -3.478  -8.724  4.220   1.00 41.10 ? 34  C   B "O4'" 1 
ATOM   681  C  "C3'" . C   B 1 11 ? -1.201  -8.856  4.601   1.00 43.90 ? 34  C   B "C3'" 1 
ATOM   682  O  "O3'" . C   B 1 11 ? -0.159  -9.498  5.315   1.00 47.13 ? 34  C   B "O3'" 1 
ATOM   683  C  "C2'" . C   B 1 11 ? -1.459  -9.491  3.241   1.00 40.14 ? 34  C   B "C2'" 1 
ATOM   684  O  "O2'" . C   B 1 11 ? -1.368  -10.895 3.174   1.00 43.38 ? 34  C   B "O2'" 1 
ATOM   685  C  "C1'" . C   B 1 11 ? -2.891  -9.047  2.981   1.00 35.62 ? 34  C   B "C1'" 1 
ATOM   686  N  N1    . C   B 1 11 ? -2.871  -7.847  2.172   1.00 29.40 ? 34  C   B N1    1 
ATOM   687  C  C2    . C   B 1 11 ? -2.760  -8.015  0.825   1.00 24.78 ? 34  C   B C2    1 
ATOM   688  O  O2    . C   B 1 11 ? -2.739  -9.173  0.409   1.00 28.29 ? 34  C   B O2    1 
ATOM   689  N  N3    . C   B 1 11 ? -2.683  -6.941  0.012   1.00 16.97 ? 34  C   B N3    1 
ATOM   690  C  C4    . C   B 1 11 ? -2.730  -5.721  0.536   1.00 20.77 ? 34  C   B C4    1 
ATOM   691  N  N4    . C   B 1 11 ? -2.643  -4.678  -0.289  1.00 14.67 ? 34  C   B N4    1 
ATOM   692  C  C5    . C   B 1 11 ? -2.871  -5.512  1.947   1.00 24.24 ? 34  C   B C5    1 
ATOM   693  C  C6    . C   B 1 11 ? -2.937  -6.597  2.724   1.00 27.15 ? 34  C   B C6    1 
ATOM   694  P  P     . C   B 1 12 ? 1.304   -8.836  5.334   1.00 51.09 ? 35  C   B P     1 
ATOM   695  O  OP1   . C   B 1 12 ? 2.033   -9.528  6.434   1.00 51.12 ? 35  C   B OP1   1 
ATOM   696  O  OP2   . C   B 1 12 ? 1.247   -7.341  5.297   1.00 49.58 ? 35  C   B OP2   1 
ATOM   697  O  "O5'" . C   B 1 12 ? 1.930   -9.292  3.952   1.00 45.81 ? 35  C   B "O5'" 1 
ATOM   698  C  "C5'" . C   B 1 12 ? 1.895   -10.645 3.579   1.00 43.58 ? 35  C   B "C5'" 1 
ATOM   699  C  "C4'" . C   B 1 12 ? 2.241   -10.758 2.136   1.00 44.50 ? 35  C   B "C4'" 1 
ATOM   700  O  "O4'" . C   B 1 12 ? 1.143   -10.259 1.321   1.00 42.09 ? 35  C   B "O4'" 1 
ATOM   701  C  "C3'" . C   B 1 12 ? 3.387   -9.863  1.711   1.00 45.15 ? 35  C   B "C3'" 1 
ATOM   702  O  "O3'" . C   B 1 12 ? 4.653   -10.374 2.097   1.00 51.54 ? 35  C   B "O3'" 1 
ATOM   703  C  "C2'" . C   B 1 12 ? 3.192   -9.879  0.209   1.00 42.94 ? 35  C   B "C2'" 1 
ATOM   704  O  "O2'" . C   B 1 12 ? 3.595   -11.126 -0.317  1.00 45.96 ? 35  C   B "O2'" 1 
ATOM   705  C  "C1'" . C   B 1 12 ? 1.669   -9.724  0.116   1.00 38.26 ? 35  C   B "C1'" 1 
ATOM   706  N  N1    . C   B 1 12 ? 1.273   -8.302  -0.021  1.00 31.25 ? 35  C   B N1    1 
ATOM   707  C  C2    . C   B 1 12 ? 1.296   -7.754  -1.295  1.00 27.63 ? 35  C   B C2    1 
ATOM   708  O  O2    . C   B 1 12 ? 1.558   -8.503  -2.248  1.00 29.07 ? 35  C   B O2    1 
ATOM   709  N  N3    . C   B 1 12 ? 1.028   -6.447  -1.474  1.00 22.32 ? 35  C   B N3    1 
ATOM   710  C  C4    . C   B 1 12 ? 0.698   -5.689  -0.436  1.00 25.73 ? 35  C   B C4    1 
ATOM   711  N  N4    . C   B 1 12 ? 0.405   -4.403  -0.680  1.00 24.81 ? 35  C   B N4    1 
ATOM   712  C  C5    . C   B 1 12 ? 0.637   -6.218  0.901   1.00 25.63 ? 35  C   B C5    1 
ATOM   713  C  C6    . C   B 1 12 ? 0.925   -7.526  1.059   1.00 30.03 ? 35  C   B C6    1 
ATOM   714  P  P     . G   B 1 13 ? 5.945   -9.409  2.085   1.00 57.62 ? 36  G   B P     1 
ATOM   715  O  OP1   . G   B 1 13 ? 7.060   -10.284 2.535   1.00 57.30 ? 36  G   B OP1   1 
ATOM   716  O  OP2   . G   B 1 13 ? 5.679   -8.137  2.800   1.00 55.42 ? 36  G   B OP2   1 
ATOM   717  O  "O5'" . G   B 1 13 ? 6.169   -9.075  0.543   1.00 53.59 ? 36  G   B "O5'" 1 
ATOM   718  C  "C5'" . G   B 1 13 ? 6.792   -10.030 -0.292  1.00 51.32 ? 36  G   B "C5'" 1 
ATOM   719  C  "C4'" . G   B 1 13 ? 6.874   -9.527  -1.705  1.00 51.23 ? 36  G   B "C4'" 1 
ATOM   720  O  "O4'" . G   B 1 13 ? 5.538   -9.288  -2.220  1.00 48.79 ? 36  G   B "O4'" 1 
ATOM   721  C  "C3'" . G   B 1 13 ? 7.548   -8.183  -1.889  1.00 52.46 ? 36  G   B "C3'" 1 
ATOM   722  O  "O3'" . G   B 1 13 ? 8.966   -8.245  -1.767  1.00 53.78 ? 36  G   B "O3'" 1 
ATOM   723  C  "C2'" . G   B 1 13 ? 7.026   -7.811  -3.269  1.00 49.41 ? 36  G   B "C2'" 1 
ATOM   724  O  "O2'" . G   B 1 13 ? 7.562   -8.612  -4.310  1.00 48.15 ? 36  G   B "O2'" 1 
ATOM   725  C  "C1'" . G   B 1 13 ? 5.553   -8.156  -3.077  1.00 46.74 ? 36  G   B "C1'" 1 
ATOM   726  N  N9    . G   B 1 13 ? 4.897   -7.064  -2.370  1.00 44.88 ? 36  G   B N9    1 
ATOM   727  C  C8    . G   B 1 13 ? 4.471   -7.057  -1.061  1.00 42.53 ? 36  G   B C8    1 
ATOM   728  N  N7    . G   B 1 13 ? 3.953   -5.911  -0.698  1.00 42.27 ? 36  G   B N7    1 
ATOM   729  C  C5    . G   B 1 13 ? 4.049   -5.112  -1.834  1.00 42.30 ? 36  G   B C5    1 
ATOM   730  C  C6    . G   B 1 13 ? 3.690   -3.744  -2.045  1.00 40.71 ? 36  G   B C6    1 
ATOM   731  O  O6    . G   B 1 13 ? 3.227   -2.929  -1.240  1.00 40.15 ? 36  G   B O6    1 
ATOM   732  N  N1    . G   B 1 13 ? 3.947   -3.350  -3.349  1.00 38.89 ? 36  G   B N1    1 
ATOM   733  C  C2    . G   B 1 13 ? 4.495   -4.147  -4.321  1.00 38.70 ? 36  G   B C2    1 
ATOM   734  N  N2    . G   B 1 13 ? 4.648   -3.590  -5.522  1.00 35.83 ? 36  G   B N2    1 
ATOM   735  N  N3    . G   B 1 13 ? 4.860   -5.400  -4.133  1.00 39.54 ? 36  G   B N3    1 
ATOM   736  C  C4    . G   B 1 13 ? 4.611   -5.817  -2.879  1.00 42.45 ? 36  G   B C4    1 
ATOM   737  P  P     . G   B 1 14 ? 9.732   -7.086  -0.957  1.00 55.04 ? 37  G   B P     1 
ATOM   738  O  OP1   . G   B 1 14 ? 10.901  -7.676  -0.256  1.00 56.19 ? 37  G   B OP1   1 
ATOM   739  O  OP2   . G   B 1 14 ? 8.731   -6.348  -0.169  1.00 58.06 ? 37  G   B OP2   1 
ATOM   740  O  "O5'" . G   B 1 14 ? 10.208  -6.117  -2.124  1.00 47.29 ? 37  G   B "O5'" 1 
ATOM   741  C  "C5'" . G   B 1 14 ? 10.221  -6.576  -3.465  1.00 41.14 ? 37  G   B "C5'" 1 
ATOM   742  C  "C4'" . G   B 1 14 ? 9.968   -5.431  -4.409  1.00 40.29 ? 37  G   B "C4'" 1 
ATOM   743  O  "O4'" . G   B 1 14 ? 8.565   -5.053  -4.405  1.00 38.46 ? 37  G   B "O4'" 1 
ATOM   744  C  "C3'" . G   B 1 14 ? 10.633  -4.115  -4.067  1.00 38.35 ? 37  G   B "C3'" 1 
ATOM   745  O  "O3'" . G   B 1 14 ? 12.024  -4.100  -4.335  1.00 39.70 ? 37  G   B "O3'" 1 
ATOM   746  C  "C2'" . G   B 1 14 ? 9.871   -3.157  -4.974  1.00 36.41 ? 37  G   B "C2'" 1 
ATOM   747  O  "O2'" . G   B 1 14 ? 10.310  -3.231  -6.322  1.00 30.51 ? 37  G   B "O2'" 1 
ATOM   748  C  "C1'" . G   B 1 14 ? 8.448   -3.704  -4.833  1.00 34.26 ? 37  G   B "C1'" 1 
ATOM   749  N  N9    . G   B 1 14 ? 7.615   -2.980  -3.877  1.00 31.81 ? 37  G   B N9    1 
ATOM   750  C  C8    . G   B 1 14 ? 7.169   -3.429  -2.665  1.00 29.30 ? 37  G   B C8    1 
ATOM   751  N  N7    . G   B 1 14 ? 6.410   -2.563  -2.047  1.00 30.76 ? 37  G   B N7    1 
ATOM   752  C  C5    . G   B 1 14 ? 6.355   -1.478  -2.906  1.00 28.56 ? 37  G   B C5    1 
ATOM   753  C  C6    . G   B 1 14 ? 5.664   -0.252  -2.785  1.00 29.42 ? 37  G   B C6    1 
ATOM   754  O  O6    . G   B 1 14 ? 4.927   0.129   -1.879  1.00 34.20 ? 37  G   B O6    1 
ATOM   755  N  N1    . G   B 1 14 ? 5.885   0.572   -3.868  1.00 30.31 ? 37  G   B N1    1 
ATOM   756  C  C2    . G   B 1 14 ? 6.668   0.265   -4.939  1.00 35.07 ? 37  G   B C2    1 
ATOM   757  N  N2    . G   B 1 14 ? 6.769   1.230   -5.885  1.00 36.39 ? 37  G   B N2    1 
ATOM   758  N  N3    . G   B 1 14 ? 7.308   -0.890  -5.080  1.00 32.13 ? 37  G   B N3    1 
ATOM   759  C  C4    . G   B 1 14 ? 7.104   -1.707  -4.030  1.00 30.01 ? 37  G   B C4    1 
ATOM   760  P  P     . U   B 1 15 ? 12.941  -3.003  -3.620  1.00 37.29 ? 38  U   B P     1 
ATOM   761  O  OP1   . U   B 1 15 ? 14.306  -3.240  -4.126  1.00 39.98 ? 38  U   B OP1   1 
ATOM   762  O  OP2   . U   B 1 15 ? 12.673  -3.027  -2.164  1.00 39.29 ? 38  U   B OP2   1 
ATOM   763  O  "O5'" . U   B 1 15 ? 12.443  -1.620  -4.202  1.00 33.04 ? 38  U   B "O5'" 1 
ATOM   764  C  "C5'" . U   B 1 15 ? 12.879  -1.217  -5.468  1.00 33.05 ? 38  U   B "C5'" 1 
ATOM   765  C  "C4'" . U   B 1 15 ? 12.447  0.190   -5.757  1.00 33.73 ? 38  U   B "C4'" 1 
ATOM   766  O  "O4'" . U   B 1 15 ? 10.990  0.279   -5.740  1.00 33.29 ? 38  U   B "O4'" 1 
ATOM   767  C  "C3'" . U   B 1 15 ? 12.868  1.231   -4.742  1.00 33.32 ? 38  U   B "C3'" 1 
ATOM   768  O  "O3'" . U   B 1 15 ? 14.251  1.568   -4.835  1.00 29.01 ? 38  U   B "O3'" 1 
ATOM   769  C  "C2'" . U   B 1 15 ? 11.910  2.359   -5.101  1.00 33.84 ? 38  U   B "C2'" 1 
ATOM   770  O  "O2'" . U   B 1 15 ? 12.247  2.951   -6.336  1.00 35.83 ? 38  U   B "O2'" 1 
ATOM   771  C  "C1'" . U   B 1 15 ? 10.606  1.571   -5.285  1.00 32.71 ? 38  U   B "C1'" 1 
ATOM   772  N  N1    . U   B 1 15 ? 9.900   1.417   -4.005  1.00 30.89 ? 38  U   B N1    1 
ATOM   773  C  C2    . U   B 1 15 ? 8.990   2.390   -3.649  1.00 27.00 ? 38  U   B C2    1 
ATOM   774  O  O2    . U   B 1 15 ? 8.734   3.340   -4.365  1.00 24.10 ? 38  U   B O2    1 
ATOM   775  N  N3    . U   B 1 15 ? 8.399   2.204   -2.418  1.00 24.62 ? 38  U   B N3    1 
ATOM   776  C  C4    . U   B 1 15 ? 8.637   1.169   -1.529  1.00 25.48 ? 38  U   B C4    1 
ATOM   777  O  O4    . U   B 1 15 ? 8.190   1.237   -0.386  1.00 25.61 ? 38  U   B O4    1 
ATOM   778  C  C5    . U   B 1 15 ? 9.567   0.196   -1.992  1.00 27.10 ? 38  U   B C5    1 
ATOM   779  C  C6    . U   B 1 15 ? 10.151  0.347   -3.182  1.00 30.12 ? 38  U   B C6    1 
ATOM   780  P  P     . G   B 1 16 ? 15.024  2.125   -3.537  1.00 22.49 ? 39  G   B P     1 
ATOM   781  O  OP1   . G   B 1 16 ? 16.405  2.369   -3.982  1.00 24.37 ? 39  G   B OP1   1 
ATOM   782  O  OP2   . G   B 1 16 ? 14.785  1.286   -2.353  1.00 20.64 ? 39  G   B OP2   1 
ATOM   783  O  "O5'" . G   B 1 16 ? 14.300  3.510   -3.224  1.00 25.91 ? 39  G   B "O5'" 1 
ATOM   784  C  "C5'" . G   B 1 16 ? 14.442  4.642   -4.089  1.00 21.38 ? 39  G   B "C5'" 1 
ATOM   785  C  "C4'" . G   B 1 16 ? 13.802  5.863   -3.469  1.00 20.91 ? 39  G   B "C4'" 1 
ATOM   786  O  "O4'" . G   B 1 16 ? 12.360  5.723   -3.410  1.00 21.25 ? 39  G   B "O4'" 1 
ATOM   787  C  "C3'" . G   B 1 16 ? 14.191  6.136   -2.041  1.00 18.75 ? 39  G   B "C3'" 1 
ATOM   788  O  "O3'" . G   B 1 16 ? 15.411  6.832   -2.046  1.00 18.25 ? 39  G   B "O3'" 1 
ATOM   789  C  "C2'" . G   B 1 16 ? 13.054  7.033   -1.574  1.00 19.16 ? 39  G   B "C2'" 1 
ATOM   790  O  "O2'" . G   B 1 16 ? 13.238  8.387   -1.974  1.00 16.12 ? 39  G   B "O2'" 1 
ATOM   791  C  "C1'" . G   B 1 16 ? 11.853  6.390   -2.275  1.00 20.53 ? 39  G   B "C1'" 1 
ATOM   792  N  N9    . G   B 1 16 ? 11.168  5.403   -1.445  1.00 19.97 ? 39  G   B N9    1 
ATOM   793  C  C8    . G   B 1 16 ? 11.487  4.082   -1.314  1.00 21.79 ? 39  G   B C8    1 
ATOM   794  N  N7    . G   B 1 16 ? 10.759  3.466   -0.423  1.00 20.27 ? 39  G   B N7    1 
ATOM   795  C  C5    . G   B 1 16 ? 9.895   4.439   0.042   1.00 21.72 ? 39  G   B C5    1 
ATOM   796  C  C6    . G   B 1 16 ? 8.886   4.376   1.053   1.00 26.54 ? 39  G   B C6    1 
ATOM   797  O  O6    . G   B 1 16 ? 8.563   3.388   1.784   1.00 30.03 ? 39  G   B O6    1 
ATOM   798  N  N1    . G   B 1 16 ? 8.222   5.603   1.192   1.00 23.21 ? 39  G   B N1    1 
ATOM   799  C  C2    . G   B 1 16 ? 8.493   6.727   0.453   1.00 25.26 ? 39  G   B C2    1 
ATOM   800  N  N2    . G   B 1 16 ? 7.696   7.787   0.643   1.00 23.02 ? 39  G   B N2    1 
ATOM   801  N  N3    . G   B 1 16 ? 9.464   6.802   -0.442  1.00 24.96 ? 39  G   B N3    1 
ATOM   802  C  C4    . G   B 1 16 ? 10.113  5.629   -0.601  1.00 20.61 ? 39  G   B C4    1 
ATOM   803  P  P     . A   B 1 17 ? 16.327  6.813   -0.749  1.00 19.93 ? 40  A   B P     1 
ATOM   804  O  OP1   . A   B 1 17 ? 17.606  7.472   -1.116  1.00 22.10 ? 40  A   B OP1   1 
ATOM   805  O  OP2   . A   B 1 17 ? 16.342  5.455   -0.181  1.00 20.55 ? 40  A   B OP2   1 
ATOM   806  O  "O5'" . A   B 1 17 ? 15.655  7.848   0.262   1.00 21.80 ? 40  A   B "O5'" 1 
ATOM   807  C  "C5'" . A   B 1 17 ? 15.397  7.479   1.592   1.00 24.35 ? 40  A   B "C5'" 1 
ATOM   808  C  "C4'" . A   B 1 17 ? 16.428  8.044   2.559   1.00 27.96 ? 40  A   B "C4'" 1 
ATOM   809  O  "O4'" . A   B 1 17 ? 17.778  8.060   2.011   1.00 29.11 ? 40  A   B "O4'" 1 
ATOM   810  C  "C3'" . A   B 1 17 ? 16.255  9.452   3.094   1.00 27.17 ? 40  A   B "C3'" 1 
ATOM   811  O  "O3'" . A   B 1 17 ? 15.215  9.477   4.074   1.00 24.59 ? 40  A   B "O3'" 1 
ATOM   812  C  "C2'" . A   B 1 17 ? 17.617  9.654   3.755   1.00 28.42 ? 40  A   B "C2'" 1 
ATOM   813  O  "O2'" . A   B 1 17 ? 17.740  8.850   4.906   1.00 30.45 ? 40  A   B "O2'" 1 
ATOM   814  C  "C1'" . A   B 1 17 ? 18.545  9.012   2.732   1.00 31.44 ? 40  A   B "C1'" 1 
ATOM   815  N  N9    . A   B 1 17 ? 19.120  9.985   1.804   1.00 34.65 ? 40  A   B N9    1 
ATOM   816  C  C8    . A   B 1 17 ? 18.858  10.160  0.475   1.00 33.61 ? 40  A   B C8    1 
ATOM   817  N  N7    . A   B 1 17 ? 19.580  11.098  -0.083  1.00 35.66 ? 40  A   B N7    1 
ATOM   818  C  C5    . A   B 1 17 ? 20.366  11.578  0.953   1.00 38.22 ? 40  A   B C5    1 
ATOM   819  C  C6    . A   B 1 17 ? 21.369  12.574  1.007   1.00 40.19 ? 40  A   B C6    1 
ATOM   820  N  N6    . A   B 1 17 ? 21.723  13.318  -0.045  1.00 42.02 ? 40  A   B N6    1 
ATOM   821  N  N1    . A   B 1 17 ? 21.988  12.786  2.196   1.00 39.07 ? 40  A   B N1    1 
ATOM   822  C  C2    . A   B 1 17 ? 21.601  12.072  3.248   1.00 38.51 ? 40  A   B C2    1 
ATOM   823  N  N3    . A   B 1 17 ? 20.659  11.125  3.326   1.00 40.49 ? 40  A   B N3    1 
ATOM   824  C  C4    . A   B 1 17 ? 20.081  10.917  2.125   1.00 37.54 ? 40  A   B C4    1 
ATOM   825  P  P     . A   B 1 18 ? 14.362  10.814  4.300   1.00 20.03 ? 41  A   B P     1 
ATOM   826  O  OP1   . A   B 1 18 ? 12.992  10.463  4.008   1.00 24.96 ? 41  A   B OP1   1 
ATOM   827  O  OP2   . A   B 1 18 ? 14.977  11.948  3.600   1.00 29.31 ? 41  A   B OP2   1 
ATOM   828  O  "O5'" . A   B 1 18 ? 14.464  11.122  5.861   1.00 27.93 ? 41  A   B "O5'" 1 
ATOM   829  C  "C5'" . A   B 1 18 ? 15.633  11.717  6.462   1.00 30.10 ? 41  A   B "C5'" 1 
ATOM   830  C  "C4'" . A   B 1 18 ? 15.454  13.221  6.619   1.00 32.16 ? 41  A   B "C4'" 1 
ATOM   831  O  "O4'" . A   B 1 18 ? 15.925  13.877  5.443   1.00 35.96 ? 41  A   B "O4'" 1 
ATOM   832  C  "C3'" . A   B 1 18 ? 14.036  13.742  6.855   1.00 32.84 ? 41  A   B "C3'" 1 
ATOM   833  O  "O3'" . A   B 1 18 ? 13.933  14.284  8.166   1.00 33.26 ? 41  A   B "O3'" 1 
ATOM   834  C  "C2'" . A   B 1 18 ? 13.932  15.021  6.032   1.00 33.18 ? 41  A   B "C2'" 1 
ATOM   835  O  "O2'" . A   B 1 18 ? 13.762  16.158  6.834   1.00 36.27 ? 41  A   B "O2'" 1 
ATOM   836  C  "C1'" . A   B 1 18 ? 15.291  15.117  5.352   1.00 37.57 ? 41  A   B "C1'" 1 
ATOM   837  N  N9    . A   B 1 18 ? 15.231  15.508  3.963   1.00 43.17 ? 41  A   B N9    1 
ATOM   838  C  C8    . A   B 1 18 ? 14.445  15.012  2.972   1.00 46.01 ? 41  A   B C8    1 
ATOM   839  N  N7    . A   B 1 18 ? 14.629  15.594  1.819   1.00 49.34 ? 41  A   B N7    1 
ATOM   840  C  C5    . A   B 1 18 ? 15.611  16.537  2.072   1.00 47.16 ? 41  A   B C5    1 
ATOM   841  C  C6    . A   B 1 18 ? 16.236  17.478  1.258   1.00 47.91 ? 41  A   B C6    1 
ATOM   842  N  N6    . A   B 1 18 ? 15.922  17.649  -0.028  1.00 49.35 ? 41  A   B N6    1 
ATOM   843  N  N1    . A   B 1 18 ? 17.189  18.261  1.815   1.00 48.44 ? 41  A   B N1    1 
ATOM   844  C  C2    . A   B 1 18 ? 17.454  18.117  3.125   1.00 49.02 ? 41  A   B C2    1 
ATOM   845  N  N3    . A   B 1 18 ? 16.911  17.273  4.004   1.00 48.96 ? 41  A   B N3    1 
ATOM   846  C  C4    . A   B 1 18 ? 15.989  16.496  3.395   1.00 47.09 ? 41  A   B C4    1 
ATOM   847  P  P     . G   B 1 19 ? 13.729  13.347  9.427   1.00 30.01 ? 42  G   B P     1 
ATOM   848  O  OP1   . G   B 1 19 ? 13.992  14.184  10.611  1.00 27.76 ? 42  G   B OP1   1 
ATOM   849  O  OP2   . G   B 1 19 ? 14.570  12.147  9.176   1.00 29.69 ? 42  G   B OP2   1 
ATOM   850  O  "O5'" . G   B 1 19 ? 12.161  13.059  9.401   1.00 27.16 ? 42  G   B "O5'" 1 
ATOM   851  C  "C5'" . G   B 1 19 ? 11.270  14.112  9.690   1.00 26.74 ? 42  G   B "C5'" 1 
ATOM   852  C  "C4'" . G   B 1 19 ? 9.983   13.576  10.188  1.00 28.07 ? 42  G   B "C4'" 1 
ATOM   853  O  "O4'" . G   B 1 19 ? 9.385   12.831  9.109   1.00 34.21 ? 42  G   B "O4'" 1 
ATOM   854  C  "C3'" . G   B 1 19 ? 10.065  12.610  11.358  1.00 32.17 ? 42  G   B "C3'" 1 
ATOM   855  O  "O3'" . G   B 1 19 ? 9.983   13.347  12.578  1.00 33.22 ? 42  G   B "O3'" 1 
ATOM   856  C  "C2'" . G   B 1 19 ? 8.801   11.785  11.142  1.00 34.48 ? 42  G   B "C2'" 1 
ATOM   857  O  "O2'" . G   B 1 19 ? 7.631   12.483  11.513  1.00 35.39 ? 42  G   B "O2'" 1 
ATOM   858  C  "C1'" . G   B 1 19 ? 8.779   11.657  9.619   1.00 35.02 ? 42  G   B "C1'" 1 
ATOM   859  N  N9    . G   B 1 19 ? 9.539   10.512  9.136   1.00 32.42 ? 42  G   B N9    1 
ATOM   860  C  C8    . G   B 1 19 ? 10.733  10.541  8.465   1.00 32.92 ? 42  G   B C8    1 
ATOM   861  N  N7    . G   B 1 19 ? 11.173  9.357   8.154   1.00 35.90 ? 42  G   B N7    1 
ATOM   862  C  C5    . G   B 1 19 ? 10.207  8.496   8.647   1.00 34.25 ? 42  G   B C5    1 
ATOM   863  C  C6    . G   B 1 19 ? 10.131  7.075   8.608   1.00 34.09 ? 42  G   B C6    1 
ATOM   864  O  O6    . G   B 1 19 ? 10.898  6.262   8.054   1.00 32.73 ? 42  G   B O6    1 
ATOM   865  N  N1    . G   B 1 19 ? 9.008   6.615   9.285   1.00 31.82 ? 42  G   B N1    1 
ATOM   866  C  C2    . G   B 1 19 ? 8.063   7.412   9.884   1.00 32.60 ? 42  G   B C2    1 
ATOM   867  N  N2    . G   B 1 19 ? 7.056   6.777   10.492  1.00 30.60 ? 42  G   B N2    1 
ATOM   868  N  N3    . G   B 1 19 ? 8.104   8.734   9.887   1.00 33.92 ? 42  G   B N3    1 
ATOM   869  C  C4    . G   B 1 19 ? 9.199   9.201   9.264   1.00 32.20 ? 42  G   B C4    1 
ATOM   870  P  P     . U   B 1 20 ? 10.637  12.773  13.935  1.00 31.86 ? 43  U   B P     1 
ATOM   871  O  OP1   . U   B 1 20 ? 9.973   13.569  14.969  1.00 35.54 ? 43  U   B OP1   1 
ATOM   872  O  OP2   . U   B 1 20 ? 12.118  12.770  13.867  1.00 30.23 ? 43  U   B OP2   1 
ATOM   873  O  "O5'" . U   B 1 20 ? 10.075  11.286  14.069  1.00 30.24 ? 43  U   B "O5'" 1 
ATOM   874  C  "C5'" . U   B 1 20 ? 8.740   11.071  14.507  1.00 28.75 ? 43  U   B "C5'" 1 
ATOM   875  C  "C4'" . U   B 1 20 ? 8.403   9.600   14.524  1.00 28.15 ? 43  U   B "C4'" 1 
ATOM   876  O  "O4'" . U   B 1 20 ? 8.397   9.059   13.179  1.00 28.33 ? 43  U   B "O4'" 1 
ATOM   877  C  "C3'" . U   B 1 20 ? 9.313   8.704   15.333  1.00 26.91 ? 43  U   B "C3'" 1 
ATOM   878  O  "O3'" . U   B 1 20 ? 8.779   8.648   16.636  1.00 29.95 ? 43  U   B "O3'" 1 
ATOM   879  C  "C2'" . U   B 1 20 ? 9.110   7.348   14.654  1.00 28.12 ? 43  U   B "C2'" 1 
ATOM   880  O  "O2'" . U   B 1 20 ? 7.951   6.650   15.033  1.00 28.58 ? 43  U   B "O2'" 1 
ATOM   881  C  "C1'" . U   B 1 20 ? 8.905   7.743   13.198  1.00 25.54 ? 43  U   B "C1'" 1 
ATOM   882  N  N1    . U   B 1 20 ? 10.164  7.726   12.452  1.00 23.62 ? 43  U   B N1    1 
ATOM   883  C  C2    . U   B 1 20 ? 10.580  6.528   11.979  1.00 25.08 ? 43  U   B C2    1 
ATOM   884  O  O2    . U   B 1 20 ? 9.996   5.486   12.224  1.00 26.15 ? 43  U   B O2    1 
ATOM   885  N  N3    . U   B 1 20 ? 11.715  6.578   11.209  1.00 26.76 ? 43  U   B N3    1 
ATOM   886  C  C4    . U   B 1 20 ? 12.448  7.694   10.899  1.00 22.65 ? 43  U   B C4    1 
ATOM   887  O  O4    . U   B 1 20 ? 13.340  7.612   10.062  1.00 17.76 ? 43  U   B O4    1 
ATOM   888  C  C5    . U   B 1 20 ? 11.961  8.898   11.492  1.00 23.45 ? 43  U   B C5    1 
ATOM   889  C  C6    . U   B 1 20 ? 10.870  8.871   12.225  1.00 21.01 ? 43  U   B C6    1 
ATOM   890  P  P     . C   B 1 21 ? 9.720   8.865   17.925  1.00 37.47 ? 44  C   B P     1 
ATOM   891  O  OP1   . C   B 1 21 ? 8.679   9.035   18.982  1.00 37.61 ? 44  C   B OP1   1 
ATOM   892  O  OP2   . C   B 1 21 ? 10.800  9.895   17.767  1.00 36.54 ? 44  C   B OP2   1 
ATOM   893  O  "O5'" . C   B 1 21 ? 10.478  7.490   18.150  1.00 35.30 ? 44  C   B "O5'" 1 
ATOM   894  C  "C5'" . C   B 1 21 ? 9.953   6.547   19.043  1.00 35.08 ? 44  C   B "C5'" 1 
ATOM   895  C  "C4'" . C   B 1 21 ? 10.417  5.196   18.670  1.00 32.69 ? 44  C   B "C4'" 1 
ATOM   896  O  "O4'" . C   B 1 21 ? 10.217  5.036   17.242  1.00 33.64 ? 44  C   B "O4'" 1 
ATOM   897  C  "C3'" . C   B 1 21 ? 11.895  4.971   18.730  1.00 34.61 ? 44  C   B "C3'" 1 
ATOM   898  O  "O3'" . C   B 1 21 ? 12.401  5.020   20.058  1.00 41.59 ? 44  C   B "O3'" 1 
ATOM   899  C  "C2'" . C   B 1 21 ? 11.968  3.677   17.956  1.00 36.29 ? 44  C   B "C2'" 1 
ATOM   900  O  "O2'" . C   B 1 21 ? 11.254  2.660   18.624  1.00 40.20 ? 44  C   B "O2'" 1 
ATOM   901  C  "C1'" . C   B 1 21 ? 11.097  4.041   16.761  1.00 34.35 ? 44  C   B "C1'" 1 
ATOM   902  N  N1    . C   B 1 21 ? 11.871  4.576   15.638  1.00 34.67 ? 44  C   B N1    1 
ATOM   903  C  C2    . C   B 1 21 ? 12.083  3.748   14.505  1.00 35.60 ? 44  C   B C2    1 
ATOM   904  O  O2    . C   B 1 21 ? 11.590  2.599   14.493  1.00 35.99 ? 44  C   B O2    1 
ATOM   905  N  N3    . C   B 1 21 ? 12.811  4.227   13.456  1.00 34.69 ? 44  C   B N3    1 
ATOM   906  C  C4    . C   B 1 21 ? 13.313  5.464   13.507  1.00 35.01 ? 44  C   B C4    1 
ATOM   907  N  N4    . C   B 1 21 ? 13.984  5.900   12.458  1.00 33.65 ? 44  C   B N4    1 
ATOM   908  C  C5    . C   B 1 21 ? 13.129  6.316   14.647  1.00 35.90 ? 44  C   B C5    1 
ATOM   909  C  C6    . C   B 1 21 ? 12.398  5.837   15.677  1.00 35.76 ? 44  C   B C6    1 
ATOM   910  P  P     . G   B 1 22 ? 12.211  3.783   21.069  1.00 46.53 ? 45  G   B P     1 
ATOM   911  O  OP1   . G   B 1 22 ? 10.754  3.488   21.238  1.00 46.34 ? 45  G   B OP1   1 
ATOM   912  O  OP2   . G   B 1 22 ? 13.047  4.116   22.256  1.00 46.87 ? 45  G   B OP2   1 
ATOM   913  O  "O5'" . G   B 1 22 ? 12.858  2.514   20.362  1.00 43.27 ? 45  G   B "O5'" 1 
ATOM   914  C  "C5'" . G   B 1 22 ? 12.318  1.223   20.591  1.00 36.15 ? 45  G   B "C5'" 1 
ATOM   915  C  "C4'" . G   B 1 22 ? 13.095  0.168   19.824  1.00 34.38 ? 45  G   B "C4'" 1 
ATOM   916  O  "O4'" . G   B 1 22 ? 12.896  0.315   18.391  1.00 29.71 ? 45  G   B "O4'" 1 
ATOM   917  C  "C3'" . G   B 1 22 ? 14.611  0.152   19.891  1.00 33.23 ? 45  G   B "C3'" 1 
ATOM   918  O  "O3'" . G   B 1 22 ? 15.174  -0.281  21.112  1.00 37.50 ? 45  G   B "O3'" 1 
ATOM   919  C  "C2'" . G   B 1 22 ? 14.904  -0.848  18.797  1.00 29.60 ? 45  G   B "C2'" 1 
ATOM   920  O  "O2'" . G   B 1 22 ? 14.511  -2.113  19.252  1.00 24.91 ? 45  G   B "O2'" 1 
ATOM   921  C  "C1'" . G   B 1 22 ? 13.940  -0.366  17.712  1.00 30.31 ? 45  G   B "C1'" 1 
ATOM   922  N  N9    . G   B 1 22 ? 14.608  0.561   16.803  1.00 28.31 ? 45  G   B N9    1 
ATOM   923  C  C8    . G   B 1 22 ? 14.681  1.927   16.898  1.00 29.07 ? 45  G   B C8    1 
ATOM   924  N  N7    . G   B 1 22 ? 15.457  2.463   15.990  1.00 29.96 ? 45  G   B N7    1 
ATOM   925  C  C5    . G   B 1 22 ? 15.903  1.381   15.241  1.00 30.27 ? 45  G   B C5    1 
ATOM   926  C  C6    . G   B 1 22 ? 16.796  1.325   14.123  1.00 32.89 ? 45  G   B C6    1 
ATOM   927  O  O6    . G   B 1 22 ? 17.417  2.249   13.582  1.00 33.27 ? 45  G   B O6    1 
ATOM   928  N  N1    . G   B 1 22 ? 16.946  0.023   13.652  1.00 30.99 ? 45  G   B N1    1 
ATOM   929  C  C2    . G   B 1 22 ? 16.329  -1.078  14.190  1.00 29.50 ? 45  G   B C2    1 
ATOM   930  N  N2    . G   B 1 22 ? 16.608  -2.254  13.613  1.00 29.24 ? 45  G   B N2    1 
ATOM   931  N  N3    . G   B 1 22 ? 15.504  -1.036  15.223  1.00 27.07 ? 45  G   B N3    1 
ATOM   932  C  C4    . G   B 1 22 ? 15.348  0.209   15.701  1.00 28.07 ? 45  G   B C4    1 
ATOM   933  P  P     . C   B 1 23 ? 16.760  -0.131  21.325  1.00 44.62 ? 46  C   B P     1 
ATOM   934  O  OP1   . C   B 1 23 ? 17.181  -0.800  22.579  1.00 45.08 ? 46  C   B OP1   1 
ATOM   935  O  OP2   . C   B 1 23 ? 17.145  1.286   21.113  1.00 43.75 ? 46  C   B OP2   1 
ATOM   936  O  "O5'" . C   B 1 23 ? 17.324  -1.007  20.116  1.00 42.34 ? 46  C   B "O5'" 1 
ATOM   937  C  "C5'" . C   B 1 23 ? 18.526  -1.760  20.236  1.00 42.95 ? 46  C   B "C5'" 1 
ATOM   938  C  "C4'" . C   B 1 23 ? 18.702  -2.626  19.012  1.00 43.83 ? 46  C   B "C4'" 1 
ATOM   939  O  "O4'" . C   B 1 23 ? 18.042  -1.975  17.898  1.00 43.26 ? 46  C   B "O4'" 1 
ATOM   940  C  "C3'" . C   B 1 23 ? 20.152  -2.844  18.583  1.00 44.74 ? 46  C   B "C3'" 1 
ATOM   941  O  "O3'" . C   B 1 23 ? 20.848  -3.901  19.273  1.00 43.45 ? 46  C   B "O3'" 1 
ATOM   942  C  "C2'" . C   B 1 23 ? 20.054  -2.968  17.062  1.00 43.66 ? 46  C   B "C2'" 1 
ATOM   943  O  "O2'" . C   B 1 23 ? 19.756  -4.259  16.565  1.00 45.65 ? 46  C   B "O2'" 1 
ATOM   944  C  "C1'" . C   B 1 23 ? 18.872  -2.047  16.750  1.00 42.57 ? 46  C   B "C1'" 1 
ATOM   945  N  N1    . C   B 1 23 ? 19.251  -0.685  16.341  1.00 40.17 ? 46  C   B N1    1 
ATOM   946  C  C2    . C   B 1 23 ? 20.172  -0.537  15.304  1.00 40.73 ? 46  C   B C2    1 
ATOM   947  O  O2    . C   B 1 23 ? 20.608  -1.555  14.745  1.00 42.62 ? 46  C   B O2    1 
ATOM   948  N  N3    . C   B 1 23 ? 20.552  0.705   14.927  1.00 39.31 ? 46  C   B N3    1 
ATOM   949  C  C4    . C   B 1 23 ? 20.017  1.771   15.532  1.00 38.52 ? 46  C   B C4    1 
ATOM   950  N  N4    . C   B 1 23 ? 20.415  2.978   15.132  1.00 36.42 ? 46  C   B N4    1 
ATOM   951  C  C5    . C   B 1 23 ? 19.054  1.646   16.572  1.00 35.37 ? 46  C   B C5    1 
ATOM   952  C  C6    . C   B 1 23 ? 18.712  0.413   16.948  1.00 37.63 ? 46  C   B C6    1 
HETATM 953  C  CA1   . AM2 C 2 .  ? -13.085 -6.736  -3.607  1.00 27.03 ? 151 AM2 A CA1   1 
HETATM 954  C  CA2   . AM2 C 2 .  ? -12.099 -7.939  -3.653  1.00 28.11 ? 151 AM2 A CA2   1 
HETATM 955  C  CA3   . AM2 C 2 .  ? -12.405 -8.976  -2.548  1.00 28.13 ? 151 AM2 A CA3   1 
HETATM 956  C  CA4   . AM2 C 2 .  ? -12.411 -8.261  -1.185  1.00 28.41 ? 151 AM2 A CA4   1 
HETATM 957  C  CA5   . AM2 C 2 .  ? -13.491 -7.108  -1.192  1.00 26.55 ? 151 AM2 A CA5   1 
HETATM 958  C  CA6   . AM2 C 2 .  ? -13.582 -6.366  0.175   1.00 26.54 ? 151 AM2 A CA6   1 
HETATM 959  C  CA7   . AM2 C 2 .  ? -13.774 -7.393  1.338   1.00 28.83 ? 151 AM2 A CA7   1 
HETATM 960  C  CA8   . AM2 C 2 .  ? -12.681 -8.558  1.243   1.00 30.48 ? 151 AM2 A CA8   1 
HETATM 961  C  CA9   . AM2 C 2 .  ? -14.992 -5.795  2.948   1.00 34.78 ? 151 AM2 A CA9   1 
HETATM 962  O  OA4   . AM2 C 2 .  ? -13.186 -6.151  -2.282  1.00 23.86 ? 151 AM2 A OA4   1 
HETATM 963  O  OA5   . AM2 C 2 .  ? -12.683 -9.206  -0.100  1.00 29.91 ? 151 AM2 A OA5   1 
HETATM 964  N  NA2   . AM2 C 2 .  ? -12.074 -8.592  -5.006  1.00 27.43 ? 151 AM2 A NA2   1 
HETATM 965  N  NA7   . AM2 C 2 .  ? -13.804 -6.664  2.664   1.00 29.99 ? 151 AM2 A NA7   1 
HETATM 966  O  OA6   . AM2 C 2 .  ? -12.450 -5.537  0.349   1.00 25.70 ? 151 AM2 A OA6   1 
HETATM 967  O  OA8   . AM2 C 2 .  ? -12.894 -9.603  2.213   1.00 30.45 ? 151 AM2 A OA8   1 
HETATM 968  O  OA1   . AM2 C 2 .  ? -14.399 -7.062  -4.043  1.00 32.92 ? 151 AM2 A OA1   1 
HETATM 969  C  CB1   . AM2 C 2 .  ? -11.683 -10.358 2.513   1.00 35.11 ? 151 AM2 A CB1   1 
HETATM 970  C  CB2   . AM2 C 2 .  ? -11.897 -11.593 3.453   1.00 36.18 ? 151 AM2 A CB2   1 
HETATM 971  C  CB3   . AM2 C 2 .  ? -12.241 -11.146 4.911   1.00 36.67 ? 151 AM2 A CB3   1 
HETATM 972  C  CB4   . AM2 C 2 .  ? -11.076 -10.249 5.432   1.00 37.43 ? 151 AM2 A CB4   1 
HETATM 973  C  CB5   . AM2 C 2 .  ? -10.907 -8.984  4.490   1.00 37.82 ? 151 AM2 A CB5   1 
HETATM 974  C  CB6   . AM2 C 2 .  ? -9.744  -8.033  4.871   1.00 37.65 ? 151 AM2 A CB6   1 
HETATM 975  O  OB1   . AM2 C 2 .  ? -10.665 -9.429  3.110   1.00 37.52 ? 151 AM2 A OB1   1 
HETATM 976  N  NB4   . AM2 C 2 .  ? -11.366 -9.842  6.826   1.00 38.94 ? 151 AM2 A NB4   1 
HETATM 977  O  OB2   . AM2 C 2 .  ? -12.905 -12.438 2.886   1.00 36.06 ? 151 AM2 A OB2   1 
HETATM 978  O  OB3   . AM2 C 2 .  ? -12.397 -12.305 5.748   1.00 33.47 ? 151 AM2 A OB3   1 
HETATM 979  O  OB6   . AM2 C 2 .  ? -10.131 -6.981  5.775   1.00 36.32 ? 151 AM2 A OB6   1 
HETATM 980  C  CC1   . AM2 C 2 .  ? -15.240 -5.981  -4.599  1.00 35.52 ? 151 AM2 A CC1   1 
HETATM 981  C  CC2   . AM2 C 2 .  ? -14.835 -5.805  -6.088  1.00 36.28 ? 151 AM2 A CC2   1 
HETATM 982  C  CC3   . AM2 C 2 .  ? -15.691 -4.686  -6.736  1.00 36.64 ? 151 AM2 A CC3   1 
HETATM 983  C  CC4   . AM2 C 2 .  ? -17.195 -5.051  -6.648  1.00 36.12 ? 151 AM2 A CC4   1 
HETATM 984  C  CC5   . AM2 C 2 .  ? -17.627 -5.204  -5.148  1.00 34.71 ? 151 AM2 A CC5   1 
HETATM 985  C  CC6   . AM2 C 2 .  ? -16.766 -6.324  -4.502  1.00 32.47 ? 151 AM2 A CC6   1 
HETATM 986  N  NC4   . AM2 C 2 .  ? -18.005 -3.999  -7.273  1.00 41.18 ? 151 AM2 A NC4   1 
HETATM 987  N  NC6   . AM2 C 2 .  ? -17.177 -6.461  -3.104  1.00 27.14 ? 151 AM2 A NC6   1 
HETATM 988  O  OC2   . AM2 C 2 .  ? -13.443 -5.468  -6.151  1.00 34.24 ? 151 AM2 A OC2   1 
HETATM 989  O  OC3   . AM2 C 2 .  ? -15.290 -4.561  -8.091  1.00 44.20 ? 151 AM2 A OC3   1 
HETATM 990  MG MG    . MG  D 3 .  ? -8.046  -5.071  -4.924  1.00 24.99 ? 101 MG  A MG    1 
HETATM 991  C  CA1   . AM2 E 2 .  ? 12.608  4.720   4.248   1.00 12.50 ? 150 AM2 B CA1   1 
HETATM 992  C  CA2   . AM2 E 2 .  ? 12.680  4.475   2.728   1.00 12.97 ? 150 AM2 B CA2   1 
HETATM 993  C  CA3   . AM2 E 2 .  ? 12.827  5.789   1.944   1.00 13.60 ? 150 AM2 B CA3   1 
HETATM 994  C  CA4   . AM2 E 2 .  ? 11.680  6.763   2.318   1.00 16.27 ? 150 AM2 B CA4   1 
HETATM 995  C  CA5   . AM2 E 2 .  ? 11.678  7.018   3.837   1.00 14.75 ? 150 AM2 B CA5   1 
HETATM 996  C  CA6   . AM2 E 2 .  ? 10.504  8.026   4.190   1.00 14.71 ? 150 AM2 B CA6   1 
HETATM 997  C  CA7   . AM2 E 2 .  ? 10.709  9.346   3.429   1.00 15.51 ? 150 AM2 B CA7   1 
HETATM 998  C  CA8   . AM2 E 2 .  ? 10.753  9.029   1.915   1.00 17.02 ? 150 AM2 B CA8   1 
HETATM 999  C  CA9   . AM2 E 2 .  ? 9.861   11.153  5.017   1.00 22.01 ? 150 AM2 B CA9   1 
HETATM 1000 O  OA4   . AM2 E 2 .  ? 11.555  5.717   4.526   1.00 8.38  ? 150 AM2 B OA4   1 
HETATM 1001 O  OA5   . AM2 E 2 .  ? 11.798  8.061   1.616   1.00 16.53 ? 150 AM2 B OA5   1 
HETATM 1002 N  NA2   . AM2 E 2 .  ? 13.765  3.546   2.373   1.00 15.76 ? 150 AM2 B NA2   1 
HETATM 1003 N  NA7   . AM2 E 2 .  ? 9.634   10.320  3.795   1.00 21.81 ? 150 AM2 B NA7   1 
HETATM 1004 O  OA6   . AM2 E 2 .  ? 9.273   7.481   3.763   1.00 10.57 ? 150 AM2 B OA6   1 
HETATM 1005 O  OA8   . AM2 E 2 .  ? 11.003  10.197  1.133   1.00 16.25 ? 150 AM2 B OA8   1 
HETATM 1006 O  OA1   . AM2 E 2 .  ? 13.874  5.073   4.837   1.00 14.11 ? 150 AM2 B OA1   1 
HETATM 1007 C  CB1   . AM2 E 2 .  ? 10.572  10.068  -0.242  1.00 18.97 ? 150 AM2 B CB1   1 
HETATM 1008 C  CB2   . AM2 E 2 .  ? 11.242  11.078  -1.188  1.00 22.35 ? 150 AM2 B CB2   1 
HETATM 1009 C  CB3   . AM2 E 2 .  ? 10.748  12.522  -0.905  1.00 22.03 ? 150 AM2 B CB3   1 
HETATM 1010 C  CB4   . AM2 E 2 .  ? 9.244   12.587  -1.038  1.00 19.55 ? 150 AM2 B CB4   1 
HETATM 1011 C  CB5   . AM2 E 2 .  ? 8.600   11.582  -0.054  1.00 19.78 ? 150 AM2 B CB5   1 
HETATM 1012 C  CB6   . AM2 E 2 .  ? 7.077   11.546  -0.156  1.00 18.41 ? 150 AM2 B CB6   1 
HETATM 1013 O  OB1   . AM2 E 2 .  ? 9.102   10.225  -0.336  1.00 20.59 ? 150 AM2 B OB1   1 
HETATM 1014 N  NB4   . AM2 E 2 .  ? 8.805   13.970  -0.758  1.00 24.93 ? 150 AM2 B NB4   1 
HETATM 1015 O  OB2   . AM2 E 2 .  ? 12.664  10.954  -1.049  1.00 23.08 ? 150 AM2 B OB2   1 
HETATM 1016 O  OB3   . AM2 E 2 .  ? 11.334  13.426  -1.851  1.00 23.47 ? 150 AM2 B OB3   1 
HETATM 1017 O  OB6   . AM2 E 2 .  ? 6.705   11.014  -1.400  1.00 23.30 ? 150 AM2 B OB6   1 
HETATM 1018 C  CC1   . AM2 E 2 .  ? 14.282  4.705   6.256   1.00 19.63 ? 150 AM2 B CC1   1 
HETATM 1019 C  CC2   . AM2 E 2 .  ? 15.567  3.855   6.154   1.00 23.11 ? 150 AM2 B CC2   1 
HETATM 1020 C  CC3   . AM2 E 2 .  ? 16.105  3.483   7.557   1.00 24.36 ? 150 AM2 B CC3   1 
HETATM 1021 C  CC4   . AM2 E 2 .  ? 16.393  4.756   8.361   1.00 21.23 ? 150 AM2 B CC4   1 
HETATM 1022 C  CC5   . AM2 E 2 .  ? 15.103  5.603   8.503   1.00 17.29 ? 150 AM2 B CC5   1 
HETATM 1023 C  CC6   . AM2 E 2 .  ? 14.597  5.973   7.105   1.00 15.09 ? 150 AM2 B CC6   1 
HETATM 1024 N  NC4   . AM2 E 2 .  ? 16.896  4.394   9.705   1.00 21.70 ? 150 AM2 B NC4   1 
HETATM 1025 N  NC6   . AM2 E 2 .  ? 13.394  6.782   7.281   1.00 16.90 ? 150 AM2 B NC6   1 
HETATM 1026 O  OC2   . AM2 E 2 .  ? 15.270  2.637   5.436   1.00 28.63 ? 150 AM2 B OC2   1 
HETATM 1027 O  OC3   . AM2 E 2 .  ? 17.316  2.712   7.403   1.00 27.52 ? 150 AM2 B OC3   1 
HETATM 1028 K  K     . K   F 4 .  ? 8.851   3.019   15.451  1.00 37.37 ? 100 K   B K     1 
HETATM 1029 O  O     . HOH G 5 .  ? 7.327   10.637  3.069   1.00 25.31 ? 152 HOH A O     1 
HETATM 1030 O  O     . HOH G 5 .  ? -3.568  6.979   -0.261  1.00 11.73 ? 153 HOH A O     1 
HETATM 1031 O  O     . HOH G 5 .  ? -20.183 10.142  -8.287  1.00 39.73 ? 154 HOH A O     1 
HETATM 1032 O  O     . HOH G 5 .  ? -16.201 6.322   -8.617  1.00 35.88 ? 155 HOH A O     1 
HETATM 1033 O  O     . HOH G 5 .  ? -14.507 -12.997 -5.238  1.00 28.42 ? 156 HOH A O     1 
HETATM 1034 O  O     . HOH G 5 .  ? 19.646  4.197   9.048   1.00 33.15 ? 157 HOH A O     1 
HETATM 1035 O  O     . HOH G 5 .  ? -8.308  -8.219  -5.764  1.00 25.43 ? 158 HOH A O     1 
HETATM 1036 O  O     . HOH G 5 .  ? -7.605  -10.043 -8.003  1.00 38.44 ? 159 HOH A O     1 
HETATM 1037 O  O     . HOH G 5 .  ? 1.307   11.156  -5.371  1.00 45.70 ? 160 HOH A O     1 
HETATM 1038 O  O     . HOH G 5 .  ? -4.984  -13.832 -0.523  1.00 47.77 ? 161 HOH A O     1 
HETATM 1039 O  O     . HOH G 5 .  ? -18.791 -15.562 8.375   1.00 55.86 ? 162 HOH A O     1 
HETATM 1040 O  O     . HOH G 5 .  ? 25.043  13.205  4.004   1.00 61.08 ? 163 HOH A O     1 
HETATM 1041 O  O     . HOH G 5 .  ? -22.038 0.785   -9.884  1.00 33.13 ? 164 HOH A O     1 
HETATM 1042 O  O     . HOH G 5 .  ? -4.813  -11.539 0.381   1.00 28.92 ? 165 HOH A O     1 
HETATM 1043 O  O     . HOH G 5 .  ? -24.105 -0.338  -13.396 1.00 30.15 ? 166 HOH A O     1 
HETATM 1044 O  O     . HOH G 5 .  ? -24.298 6.630   -7.787  1.00 45.11 ? 167 HOH A O     1 
HETATM 1045 O  O     . HOH G 5 .  ? -26.867 -0.058  -5.697  1.00 42.10 ? 168 HOH A O     1 
HETATM 1046 O  O     . HOH G 5 .  ? -8.519  -11.132 1.948   1.00 37.84 ? 169 HOH A O     1 
HETATM 1047 O  O     . HOH G 5 .  ? -11.549 -15.883 6.342   1.00 49.26 ? 170 HOH A O     1 
HETATM 1048 O  O     . HOH G 5 .  ? -21.363 -2.606  -9.541  1.00 55.03 ? 171 HOH A O     1 
HETATM 1049 O  O     . HOH G 5 .  ? -12.519 -8.176  -8.001  1.00 23.12 ? 172 HOH A O     1 
HETATM 1050 O  O     . HOH G 5 .  ? -17.471 1.641   0.899   1.00 23.30 ? 173 HOH A O     1 
HETATM 1051 O  O     . HOH G 5 .  ? 15.656  -3.019  3.019   1.00 42.82 ? 174 HOH A O     1 
HETATM 1052 O  O     . HOH G 5 .  ? -24.195 2.803   -7.991  1.00 29.19 ? 175 HOH A O     1 
HETATM 1053 O  O     . HOH G 5 .  ? -5.692  -2.738  -9.159  1.00 36.04 ? 176 HOH A O     1 
HETATM 1054 O  O     . HOH G 5 .  ? -3.302  -3.219  -16.204 1.00 49.90 ? 177 HOH A O     1 
HETATM 1055 O  O     . HOH G 5 .  ? 20.717  5.931   5.555   1.00 30.84 ? 178 HOH A O     1 
HETATM 1056 O  O     . HOH G 5 .  ? 4.212   -8.125  -6.356  1.00 39.54 ? 179 HOH A O     1 
HETATM 1057 O  O     . HOH G 5 .  ? -13.879 -11.890 8.435   1.00 51.03 ? 180 HOH A O     1 
HETATM 1058 O  O     . HOH G 5 .  ? -21.200 -4.103  -3.422  1.00 22.76 ? 181 HOH A O     1 
HETATM 1059 O  O     . HOH G 5 .  ? 6.783   -9.513  10.768  1.00 25.94 ? 182 HOH A O     1 
HETATM 1060 O  O     . HOH G 5 .  ? -5.369  -11.962 2.706   1.00 34.94 ? 183 HOH A O     1 
HETATM 1061 O  O     . HOH G 5 .  ? -9.867  -14.595 -10.499 1.00 59.75 ? 184 HOH A O     1 
HETATM 1062 O  O     . HOH G 5 .  ? 0.314   0.484   -0.156  1.00 33.06 ? 185 HOH A O     1 
HETATM 1063 O  O     . HOH H 5 .  ? 22.310  3.901   0.297   1.00 21.27 ? 151 HOH B O     1 
HETATM 1064 O  O     . HOH H 5 .  ? -17.186 -6.006  -20.464 1.00 25.24 ? 152 HOH B O     1 
HETATM 1065 O  O     . HOH H 5 .  ? 9.060   -1.532  -7.646  1.00 23.48 ? 153 HOH B O     1 
HETATM 1066 O  O     . HOH H 5 .  ? 9.555   -10.334 -1.404  1.00 27.17 ? 154 HOH B O     1 
HETATM 1067 O  O     . HOH H 5 .  ? 9.080   8.679   22.853  1.00 35.98 ? 155 HOH B O     1 
HETATM 1068 O  O     . HOH H 5 .  ? -19.589 -10.348 -9.988  1.00 35.18 ? 156 HOH B O     1 
HETATM 1069 O  O     . HOH H 5 .  ? 19.249  4.103   0.652   1.00 48.01 ? 157 HOH B O     1 
HETATM 1070 O  O     . HOH H 5 .  ? 14.832  3.873   19.954  1.00 22.47 ? 158 HOH B O     1 
HETATM 1071 O  O     . HOH H 5 .  ? -13.707 4.152   -14.569 1.00 38.68 ? 159 HOH B O     1 
HETATM 1072 O  O     . HOH H 5 .  ? 7.331   -6.738  -6.429  1.00 48.90 ? 160 HOH B O     1 
HETATM 1073 O  O     . HOH H 5 .  ? -23.728 -9.862  -7.949  1.00 45.69 ? 161 HOH B O     1 
HETATM 1074 O  O     . HOH H 5 .  ? 15.456  -4.630  -6.058  1.00 41.87 ? 162 HOH B O     1 
HETATM 1075 O  O     . HOH H 5 .  ? 21.147  -3.654  13.463  1.00 22.54 ? 163 HOH B O     1 
HETATM 1076 O  O     . HOH H 5 .  ? 8.063   9.369   -2.998  1.00 38.10 ? 164 HOH B O     1 
HETATM 1077 O  O     . HOH H 5 .  ? 18.122  5.815   13.331  1.00 25.81 ? 165 HOH B O     1 
HETATM 1078 O  O     . HOH H 5 .  ? -9.304  -1.488  -4.111  1.00 28.25 ? 166 HOH B O     1 
HETATM 1079 O  O     . HOH H 5 .  ? 17.690  20.609  0.967   1.00 31.65 ? 167 HOH B O     1 
HETATM 1080 O  O     . HOH H 5 .  ? -3.865  -2.571  0.702   1.00 20.23 ? 168 HOH B O     1 
HETATM 1081 O  O     . HOH H 5 .  ? 13.462  8.995   6.402   1.00 29.17 ? 169 HOH B O     1 
HETATM 1082 O  O     . HOH H 5 .  ? 20.046  6.795   -1.647  1.00 30.80 ? 170 HOH B O     1 
HETATM 1083 O  O     . HOH H 5 .  ? -2.741  0.413   1.761   1.00 60.40 ? 171 HOH B O     1 
HETATM 1084 O  O     . HOH H 5 .  ? 9.027   15.012  5.767   1.00 43.74 ? 172 HOH B O     1 
HETATM 1085 O  O     . HOH H 5 .  ? -11.229 -2.671  8.710   1.00 39.45 ? 173 HOH B O     1 
HETATM 1086 O  O     . HOH H 5 .  ? -1.756  -2.451  10.834  1.00 19.53 ? 174 HOH B O     1 
HETATM 1087 O  O     . HOH H 5 .  ? -23.546 -12.758 -20.859 1.00 39.58 ? 175 HOH B O     1 
HETATM 1088 O  O     . HOH H 5 .  ? 17.435  7.228   10.590  1.00 41.72 ? 176 HOH B O     1 
HETATM 1089 O  O     . HOH H 5 .  ? -14.684 -6.453  -13.715 1.00 35.24 ? 177 HOH B O     1 
HETATM 1090 O  O     . HOH H 5 .  ? -15.099 5.601   -12.973 1.00 36.69 ? 178 HOH B O     1 
HETATM 1091 O  O     . HOH H 5 .  ? 7.078   7.667   20.509  1.00 47.06 ? 179 HOH B O     1 
HETATM 1092 O  O     . HOH H 5 .  ? 6.096   10.729  13.033  1.00 60.90 ? 180 HOH B O     1 
HETATM 1093 O  O     . HOH H 5 .  ? 4.080   7.526   12.582  1.00 22.72 ? 181 HOH B O     1 
# 
loop_
_pdbx_poly_seq_scheme.asym_id 
_pdbx_poly_seq_scheme.entity_id 
_pdbx_poly_seq_scheme.seq_id 
_pdbx_poly_seq_scheme.mon_id 
_pdbx_poly_seq_scheme.ndb_seq_num 
_pdbx_poly_seq_scheme.pdb_seq_num 
_pdbx_poly_seq_scheme.auth_seq_num 
_pdbx_poly_seq_scheme.pdb_mon_id 
_pdbx_poly_seq_scheme.auth_mon_id 
_pdbx_poly_seq_scheme.pdb_strand_id 
_pdbx_poly_seq_scheme.pdb_ins_code 
_pdbx_poly_seq_scheme.hetero 
A 1 1  U 1  1  1  U U A . n 
A 1 2  U 2  2  2  U U A . n 
A 1 3  G 3  3  3  G G A . n 
A 1 4  C 4  4  4  C C A . n 
A 1 5  G 5  5  5  G G A . n 
A 1 6  U 6  6  6  U U A . n 
A 1 7  C 7  7  7  C C A . n 
A 1 8  A 8  8  8  A A A . n 
A 1 9  C 9  9  9  C C A . n 
A 1 10 A 10 10 10 A A A . n 
A 1 11 C 11 11 11 C C A . n 
A 1 12 C 12 12 12 C C A . n 
A 1 13 G 13 13 13 G G A . n 
A 1 14 G 14 14 14 G G A . n 
A 1 15 U 15 15 15 U U A . n 
A 1 16 G 16 16 16 G G A . n 
A 1 17 A 17 17 17 A A A . n 
A 1 18 A 18 18 18 A A A . n 
A 1 19 G 19 19 19 G G A . n 
A 1 20 U 20 20 20 U U A . n 
A 1 21 C 21 21 21 C C A . n 
A 1 22 G 22 22 22 G G A . n 
A 1 23 C 23 23 23 C C A . n 
B 1 1  U 1  24 ?  ? ? B . n 
B 1 2  U 2  25 25 U U B . n 
B 1 3  G 3  26 26 G G B . n 
B 1 4  C 4  27 27 C C B . n 
B 1 5  G 5  28 28 G G B . n 
B 1 6  U 6  29 29 U U B . n 
B 1 7  C 7  30 30 C C B . n 
B 1 8  A 8  31 31 A A B . n 
B 1 9  C 9  32 32 C C B . n 
B 1 10 A 10 33 33 A A B . n 
B 1 11 C 11 34 34 C C B . n 
B 1 12 C 12 35 35 C C B . n 
B 1 13 G 13 36 36 G G B . n 
B 1 14 G 14 37 37 G G B . n 
B 1 15 U 15 38 38 U U B . n 
B 1 16 G 16 39 39 G G B . n 
B 1 17 A 17 40 40 A A B . n 
B 1 18 A 18 41 41 A A B . n 
B 1 19 G 19 42 42 G G B . n 
B 1 20 U 20 43 43 U U B . n 
B 1 21 C 21 44 44 C C B . n 
B 1 22 G 22 45 45 G G B . n 
B 1 23 C 23 46 46 C C B . n 
# 
loop_
_pdbx_nonpoly_scheme.asym_id 
_pdbx_nonpoly_scheme.entity_id 
_pdbx_nonpoly_scheme.mon_id 
_pdbx_nonpoly_scheme.ndb_seq_num 
_pdbx_nonpoly_scheme.pdb_seq_num 
_pdbx_nonpoly_scheme.auth_seq_num 
_pdbx_nonpoly_scheme.pdb_mon_id 
_pdbx_nonpoly_scheme.auth_mon_id 
_pdbx_nonpoly_scheme.pdb_strand_id 
_pdbx_nonpoly_scheme.pdb_ins_code 
C 2 AM2 1  151 151 AM2 AM2 A . 
D 3 MG  1  101 101 MG  MG  A . 
E 2 AM2 1  150 150 AM2 AM2 B . 
F 4 K   1  100 100 K   K   B . 
G 5 HOH 1  152 2   HOH HOH A . 
G 5 HOH 2  153 3   HOH HOH A . 
G 5 HOH 3  154 9   HOH HOH A . 
G 5 HOH 4  155 10  HOH HOH A . 
G 5 HOH 5  156 14  HOH HOH A . 
G 5 HOH 6  157 15  HOH HOH A . 
G 5 HOH 7  158 16  HOH HOH A . 
G 5 HOH 8  159 18  HOH HOH A . 
G 5 HOH 9  160 19  HOH HOH A . 
G 5 HOH 10 161 20  HOH HOH A . 
G 5 HOH 11 162 22  HOH HOH A . 
G 5 HOH 12 163 23  HOH HOH A . 
G 5 HOH 13 164 25  HOH HOH A . 
G 5 HOH 14 165 26  HOH HOH A . 
G 5 HOH 15 166 29  HOH HOH A . 
G 5 HOH 16 167 30  HOH HOH A . 
G 5 HOH 17 168 33  HOH HOH A . 
G 5 HOH 18 169 37  HOH HOH A . 
G 5 HOH 19 170 39  HOH HOH A . 
G 5 HOH 20 171 41  HOH HOH A . 
G 5 HOH 21 172 42  HOH HOH A . 
G 5 HOH 22 173 43  HOH HOH A . 
G 5 HOH 23 174 45  HOH HOH A . 
G 5 HOH 24 175 49  HOH HOH A . 
G 5 HOH 25 176 50  HOH HOH A . 
G 5 HOH 26 177 51  HOH HOH A . 
G 5 HOH 27 178 52  HOH HOH A . 
G 5 HOH 28 179 53  HOH HOH A . 
G 5 HOH 29 180 54  HOH HOH A . 
G 5 HOH 30 181 55  HOH HOH A . 
G 5 HOH 31 182 58  HOH HOH A . 
G 5 HOH 32 183 60  HOH HOH A . 
G 5 HOH 33 184 62  HOH HOH A . 
G 5 HOH 34 185 65  HOH HOH A . 
H 5 HOH 1  151 1   HOH HOH B . 
H 5 HOH 2  152 4   HOH HOH B . 
H 5 HOH 3  153 5   HOH HOH B . 
H 5 HOH 4  154 6   HOH HOH B . 
H 5 HOH 5  155 7   HOH HOH B . 
H 5 HOH 6  156 8   HOH HOH B . 
H 5 HOH 7  157 11  HOH HOH B . 
H 5 HOH 8  158 12  HOH HOH B . 
H 5 HOH 9  159 13  HOH HOH B . 
H 5 HOH 10 160 17  HOH HOH B . 
H 5 HOH 11 161 21  HOH HOH B . 
H 5 HOH 12 162 24  HOH HOH B . 
H 5 HOH 13 163 27  HOH HOH B . 
H 5 HOH 14 164 28  HOH HOH B . 
H 5 HOH 15 165 31  HOH HOH B . 
H 5 HOH 16 166 32  HOH HOH B . 
H 5 HOH 17 167 34  HOH HOH B . 
H 5 HOH 18 168 35  HOH HOH B . 
H 5 HOH 19 169 36  HOH HOH B . 
H 5 HOH 20 170 38  HOH HOH B . 
H 5 HOH 21 171 40  HOH HOH B . 
H 5 HOH 22 172 44  HOH HOH B . 
H 5 HOH 23 173 46  HOH HOH B . 
H 5 HOH 24 174 47  HOH HOH B . 
H 5 HOH 25 175 48  HOH HOH B . 
H 5 HOH 26 176 56  HOH HOH B . 
H 5 HOH 27 177 57  HOH HOH B . 
H 5 HOH 28 178 59  HOH HOH B . 
H 5 HOH 29 179 61  HOH HOH B . 
H 5 HOH 30 180 63  HOH HOH B . 
H 5 HOH 31 181 64  HOH HOH B . 
# 
_struct_site_keywords.site_id   1 
_struct_site_keywords.text      BIS-INTERCALATION 
# 
_pdbx_struct_assembly.id                   1 
_pdbx_struct_assembly.details              author_defined_assembly 
_pdbx_struct_assembly.method_details       ? 
_pdbx_struct_assembly.oligomeric_details   dimeric 
_pdbx_struct_assembly.oligomeric_count     2 
# 
_pdbx_struct_assembly_gen.assembly_id       1 
_pdbx_struct_assembly_gen.oper_expression   1 
_pdbx_struct_assembly_gen.asym_id_list      A,B,C,D,E,F,G,H 
# 
_pdbx_struct_oper_list.id                   1 
_pdbx_struct_oper_list.type                 'identity operation' 
_pdbx_struct_oper_list.name                 1_555 
_pdbx_struct_oper_list.symmetry_operation   x,y,z 
_pdbx_struct_oper_list.matrix[1][1]         1.0000000000 
_pdbx_struct_oper_list.matrix[1][2]         0.0000000000 
_pdbx_struct_oper_list.matrix[1][3]         0.0000000000 
_pdbx_struct_oper_list.vector[1]            0.0000000000 
_pdbx_struct_oper_list.matrix[2][1]         0.0000000000 
_pdbx_struct_oper_list.matrix[2][2]         1.0000000000 
_pdbx_struct_oper_list.matrix[2][3]         0.0000000000 
_pdbx_struct_oper_list.vector[2]            0.0000000000 
_pdbx_struct_oper_list.matrix[3][1]         0.0000000000 
_pdbx_struct_oper_list.matrix[3][2]         0.0000000000 
_pdbx_struct_oper_list.matrix[3][3]         1.0000000000 
_pdbx_struct_oper_list.vector[3]            0.0000000000 
# 
loop_
_pdbx_struct_conn_angle.id 
_pdbx_struct_conn_angle.ptnr1_label_atom_id 
_pdbx_struct_conn_angle.ptnr1_label_alt_id 
_pdbx_struct_conn_angle.ptnr1_label_asym_id 
_pdbx_struct_conn_angle.ptnr1_label_comp_id 
_pdbx_struct_conn_angle.ptnr1_label_seq_id 
_pdbx_struct_conn_angle.ptnr1_auth_atom_id 
_pdbx_struct_conn_angle.ptnr1_auth_asym_id 
_pdbx_struct_conn_angle.ptnr1_auth_comp_id 
_pdbx_struct_conn_angle.ptnr1_auth_seq_id 
_pdbx_struct_conn_angle.ptnr1_PDB_ins_code 
_pdbx_struct_conn_angle.ptnr1_symmetry 
_pdbx_struct_conn_angle.ptnr2_label_atom_id 
_pdbx_struct_conn_angle.ptnr2_label_alt_id 
_pdbx_struct_conn_angle.ptnr2_label_asym_id 
_pdbx_struct_conn_angle.ptnr2_label_comp_id 
_pdbx_struct_conn_angle.ptnr2_label_seq_id 
_pdbx_struct_conn_angle.ptnr2_auth_atom_id 
_pdbx_struct_conn_angle.ptnr2_auth_asym_id 
_pdbx_struct_conn_angle.ptnr2_auth_comp_id 
_pdbx_struct_conn_angle.ptnr2_auth_seq_id 
_pdbx_struct_conn_angle.ptnr2_PDB_ins_code 
_pdbx_struct_conn_angle.ptnr2_symmetry 
_pdbx_struct_conn_angle.ptnr3_label_atom_id 
_pdbx_struct_conn_angle.ptnr3_label_alt_id 
_pdbx_struct_conn_angle.ptnr3_label_asym_id 
_pdbx_struct_conn_angle.ptnr3_label_comp_id 
_pdbx_struct_conn_angle.ptnr3_label_seq_id 
_pdbx_struct_conn_angle.ptnr3_auth_atom_id 
_pdbx_struct_conn_angle.ptnr3_auth_asym_id 
_pdbx_struct_conn_angle.ptnr3_auth_comp_id 
_pdbx_struct_conn_angle.ptnr3_auth_seq_id 
_pdbx_struct_conn_angle.ptnr3_PDB_ins_code 
_pdbx_struct_conn_angle.ptnr3_symmetry 
_pdbx_struct_conn_angle.value 
_pdbx_struct_conn_angle.value_esd 
1  O2    ? A U 6  ? A U 6  ? 1_555 K  ? F K  . ? B K  100 ? 1_555 "O2'" ? A A 18 ? A A 18 ? 3_556 55.4  ? 
2  O2    ? A U 6  ? A U 6  ? 1_555 K  ? F K  . ? B K  100 ? 1_555 "O3'" ? A A 18 ? A A 18 ? 3_556 110.4 ? 
3  "O2'" ? A A 18 ? A A 18 ? 3_556 K  ? F K  . ? B K  100 ? 1_555 "O3'" ? A A 18 ? A A 18 ? 3_556 56.9  ? 
4  O2    ? A U 6  ? A U 6  ? 1_555 K  ? F K  . ? B K  100 ? 1_555 OP1   ? A G 19 ? A G 19 ? 3_556 137.8 ? 
5  "O2'" ? A A 18 ? A A 18 ? 3_556 K  ? F K  . ? B K  100 ? 1_555 OP1   ? A G 19 ? A G 19 ? 3_556 100.7 ? 
6  "O3'" ? A A 18 ? A A 18 ? 3_556 K  ? F K  . ? B K  100 ? 1_555 OP1   ? A G 19 ? A G 19 ? 3_556 48.2  ? 
7  O2    ? A U 6  ? A U 6  ? 1_555 K  ? F K  . ? B K  100 ? 1_555 "O4'" ? B C 21 ? B C 44 ? 1_555 135.4 ? 
8  "O2'" ? A A 18 ? A A 18 ? 3_556 K  ? F K  . ? B K  100 ? 1_555 "O4'" ? B C 21 ? B C 44 ? 1_555 129.6 ? 
9  "O3'" ? A A 18 ? A A 18 ? 3_556 K  ? F K  . ? B K  100 ? 1_555 "O4'" ? B C 21 ? B C 44 ? 1_555 99.5  ? 
10 OP1   ? A G 19 ? A G 19 ? 3_556 K  ? F K  . ? B K  100 ? 1_555 "O4'" ? B C 21 ? B C 44 ? 1_555 86.8  ? 
11 O2    ? A U 6  ? A U 6  ? 1_555 K  ? F K  . ? B K  100 ? 1_555 N1    ? B C 21 ? B C 44 ? 1_555 93.2  ? 
12 "O2'" ? A A 18 ? A A 18 ? 3_556 K  ? F K  . ? B K  100 ? 1_555 N1    ? B C 21 ? B C 44 ? 1_555 107.2 ? 
13 "O3'" ? A A 18 ? A A 18 ? 3_556 K  ? F K  . ? B K  100 ? 1_555 N1    ? B C 21 ? B C 44 ? 1_555 120.1 ? 
14 OP1   ? A G 19 ? A G 19 ? 3_556 K  ? F K  . ? B K  100 ? 1_555 N1    ? B C 21 ? B C 44 ? 1_555 128.6 ? 
15 "O4'" ? B C 21 ? B C 44 ? 1_555 K  ? F K  . ? B K  100 ? 1_555 N1    ? B C 21 ? B C 44 ? 1_555 42.4  ? 
16 O2    ? A U 6  ? A U 6  ? 1_555 K  ? F K  . ? B K  100 ? 1_555 O2    ? B C 21 ? B C 44 ? 1_555 56.5  ? 
17 "O2'" ? A A 18 ? A A 18 ? 3_556 K  ? F K  . ? B K  100 ? 1_555 O2    ? B C 21 ? B C 44 ? 1_555 70.0  ? 
18 "O3'" ? A A 18 ? A A 18 ? 3_556 K  ? F K  . ? B K  100 ? 1_555 O2    ? B C 21 ? B C 44 ? 1_555 111.4 ? 
19 OP1   ? A G 19 ? A G 19 ? 3_556 K  ? F K  . ? B K  100 ? 1_555 O2    ? B C 21 ? B C 44 ? 1_555 154.8 ? 
20 "O4'" ? B C 21 ? B C 44 ? 1_555 K  ? F K  . ? B K  100 ? 1_555 O2    ? B C 21 ? B C 44 ? 1_555 82.4  ? 
21 N1    ? B C 21 ? B C 44 ? 1_555 K  ? F K  . ? B K  100 ? 1_555 O2    ? B C 21 ? B C 44 ? 1_555 41.8  ? 
22 O4    ? A U 15 ? A U 15 ? 1_555 MG ? D MG . ? A MG 101 ? 1_555 O6    ? A G 16 ? A G 16 ? 1_555 75.5  ? 
# 
loop_
_pdbx_audit_revision_history.ordinal 
_pdbx_audit_revision_history.data_content_type 
_pdbx_audit_revision_history.major_revision 
_pdbx_audit_revision_history.minor_revision 
_pdbx_audit_revision_history.revision_date 
1 'Structure model' 1 0 2005-06-07 
2 'Structure model' 1 1 2008-04-30 
3 'Structure model' 1 2 2011-07-13 
4 'Structure model' 1 3 2016-11-30 
5 'Structure model' 1 4 2023-08-23 
# 
_pdbx_audit_revision_details.ordinal             1 
_pdbx_audit_revision_details.revision_ordinal    1 
_pdbx_audit_revision_details.data_content_type   'Structure model' 
_pdbx_audit_revision_details.provider            repository 
_pdbx_audit_revision_details.type                'Initial release' 
_pdbx_audit_revision_details.description         ? 
_pdbx_audit_revision_details.details             ? 
# 
loop_
_pdbx_audit_revision_group.ordinal 
_pdbx_audit_revision_group.revision_ordinal 
_pdbx_audit_revision_group.data_content_type 
_pdbx_audit_revision_group.group 
1 2 'Structure model' 'Version format compliance' 
2 3 'Structure model' 'Version format compliance' 
3 4 'Structure model' Other                       
4 5 'Structure model' 'Data collection'           
5 5 'Structure model' 'Database references'       
6 5 'Structure model' 'Derived calculations'      
7 5 'Structure model' 'Refinement description'    
8 5 'Structure model' 'Structure summary'         
# 
loop_
_pdbx_audit_revision_category.ordinal 
_pdbx_audit_revision_category.revision_ordinal 
_pdbx_audit_revision_category.data_content_type 
_pdbx_audit_revision_category.category 
1 5 'Structure model' chem_comp                     
2 5 'Structure model' chem_comp_atom                
3 5 'Structure model' chem_comp_bond                
4 5 'Structure model' database_2                    
5 5 'Structure model' pdbx_initial_refinement_model 
6 5 'Structure model' pdbx_struct_conn_angle        
7 5 'Structure model' struct_conn                   
8 5 'Structure model' struct_site                   
# 
loop_
_pdbx_audit_revision_item.ordinal 
_pdbx_audit_revision_item.revision_ordinal 
_pdbx_audit_revision_item.data_content_type 
_pdbx_audit_revision_item.item 
1  5 'Structure model' '_chem_comp.pdbx_synonyms'                    
2  5 'Structure model' '_database_2.pdbx_DOI'                        
3  5 'Structure model' '_database_2.pdbx_database_accession'         
4  5 'Structure model' '_pdbx_struct_conn_angle.ptnr1_auth_asym_id'  
5  5 'Structure model' '_pdbx_struct_conn_angle.ptnr1_auth_comp_id'  
6  5 'Structure model' '_pdbx_struct_conn_angle.ptnr1_auth_seq_id'   
7  5 'Structure model' '_pdbx_struct_conn_angle.ptnr1_label_asym_id' 
8  5 'Structure model' '_pdbx_struct_conn_angle.ptnr1_label_atom_id' 
9  5 'Structure model' '_pdbx_struct_conn_angle.ptnr1_label_comp_id' 
10 5 'Structure model' '_pdbx_struct_conn_angle.ptnr1_label_seq_id'  
11 5 'Structure model' '_pdbx_struct_conn_angle.ptnr1_symmetry'      
12 5 'Structure model' '_pdbx_struct_conn_angle.ptnr2_auth_asym_id'  
13 5 'Structure model' '_pdbx_struct_conn_angle.ptnr2_auth_comp_id'  
14 5 'Structure model' '_pdbx_struct_conn_angle.ptnr2_auth_seq_id'   
15 5 'Structure model' '_pdbx_struct_conn_angle.ptnr2_label_asym_id' 
16 5 'Structure model' '_pdbx_struct_conn_angle.ptnr2_label_atom_id' 
17 5 'Structure model' '_pdbx_struct_conn_angle.ptnr2_label_comp_id' 
18 5 'Structure model' '_pdbx_struct_conn_angle.ptnr3_auth_asym_id'  
19 5 'Structure model' '_pdbx_struct_conn_angle.ptnr3_auth_comp_id'  
20 5 'Structure model' '_pdbx_struct_conn_angle.ptnr3_auth_seq_id'   
21 5 'Structure model' '_pdbx_struct_conn_angle.ptnr3_label_asym_id' 
22 5 'Structure model' '_pdbx_struct_conn_angle.ptnr3_label_atom_id' 
23 5 'Structure model' '_pdbx_struct_conn_angle.ptnr3_label_comp_id' 
24 5 'Structure model' '_pdbx_struct_conn_angle.ptnr3_label_seq_id'  
25 5 'Structure model' '_pdbx_struct_conn_angle.ptnr3_symmetry'      
26 5 'Structure model' '_pdbx_struct_conn_angle.value'               
27 5 'Structure model' '_struct_conn.pdbx_dist_value'                
28 5 'Structure model' '_struct_conn.ptnr1_auth_asym_id'             
29 5 'Structure model' '_struct_conn.ptnr1_auth_comp_id'             
30 5 'Structure model' '_struct_conn.ptnr1_auth_seq_id'              
31 5 'Structure model' '_struct_conn.ptnr1_label_asym_id'            
32 5 'Structure model' '_struct_conn.ptnr1_label_atom_id'            
33 5 'Structure model' '_struct_conn.ptnr1_label_comp_id'            
34 5 'Structure model' '_struct_conn.ptnr1_label_seq_id'             
35 5 'Structure model' '_struct_conn.ptnr1_symmetry'                 
36 5 'Structure model' '_struct_conn.ptnr2_auth_asym_id'             
37 5 'Structure model' '_struct_conn.ptnr2_auth_comp_id'             
38 5 'Structure model' '_struct_conn.ptnr2_auth_seq_id'              
39 5 'Structure model' '_struct_conn.ptnr2_label_asym_id'            
40 5 'Structure model' '_struct_conn.ptnr2_label_atom_id'            
41 5 'Structure model' '_struct_conn.ptnr2_label_comp_id'            
42 5 'Structure model' '_struct_conn.ptnr2_label_seq_id'             
43 5 'Structure model' '_struct_conn.ptnr2_symmetry'                 
44 5 'Structure model' '_struct_site.pdbx_auth_asym_id'              
45 5 'Structure model' '_struct_site.pdbx_auth_comp_id'              
46 5 'Structure model' '_struct_site.pdbx_auth_seq_id'               
# 
loop_
_software.name 
_software.classification 
_software.version 
_software.citation_id 
_software.pdbx_ordinal 
DENZO     'data reduction' . ? 1 
SCALEPACK 'data scaling'   . ? 2 
AMoRE     phasing          . ? 3 
CNS       refinement       . ? 4 
# 
_pdbx_validate_close_contact.id               1 
_pdbx_validate_close_contact.PDB_model_num    1 
_pdbx_validate_close_contact.auth_atom_id_1   OP2 
_pdbx_validate_close_contact.auth_asym_id_1   A 
_pdbx_validate_close_contact.auth_comp_id_1   G 
_pdbx_validate_close_contact.auth_seq_id_1    22 
_pdbx_validate_close_contact.PDB_ins_code_1   ? 
_pdbx_validate_close_contact.label_alt_id_1   ? 
_pdbx_validate_close_contact.auth_atom_id_2   O 
_pdbx_validate_close_contact.auth_asym_id_2   A 
_pdbx_validate_close_contact.auth_comp_id_2   HOH 
_pdbx_validate_close_contact.auth_seq_id_2    167 
_pdbx_validate_close_contact.PDB_ins_code_2   ? 
_pdbx_validate_close_contact.label_alt_id_2   ? 
_pdbx_validate_close_contact.dist             2.19 
# 
loop_
_pdbx_validate_rmsd_angle.id 
_pdbx_validate_rmsd_angle.PDB_model_num 
_pdbx_validate_rmsd_angle.auth_atom_id_1 
_pdbx_validate_rmsd_angle.auth_asym_id_1 
_pdbx_validate_rmsd_angle.auth_comp_id_1 
_pdbx_validate_rmsd_angle.auth_seq_id_1 
_pdbx_validate_rmsd_angle.PDB_ins_code_1 
_pdbx_validate_rmsd_angle.label_alt_id_1 
_pdbx_validate_rmsd_angle.auth_atom_id_2 
_pdbx_validate_rmsd_angle.auth_asym_id_2 
_pdbx_validate_rmsd_angle.auth_comp_id_2 
_pdbx_validate_rmsd_angle.auth_seq_id_2 
_pdbx_validate_rmsd_angle.PDB_ins_code_2 
_pdbx_validate_rmsd_angle.label_alt_id_2 
_pdbx_validate_rmsd_angle.auth_atom_id_3 
_pdbx_validate_rmsd_angle.auth_asym_id_3 
_pdbx_validate_rmsd_angle.auth_comp_id_3 
_pdbx_validate_rmsd_angle.auth_seq_id_3 
_pdbx_validate_rmsd_angle.PDB_ins_code_3 
_pdbx_validate_rmsd_angle.label_alt_id_3 
_pdbx_validate_rmsd_angle.angle_value 
_pdbx_validate_rmsd_angle.angle_target_value 
_pdbx_validate_rmsd_angle.angle_deviation 
_pdbx_validate_rmsd_angle.angle_standard_deviation 
_pdbx_validate_rmsd_angle.linker_flag 
1 1 N1 A U 1  ? ? "C1'" A U 1  ? ? "C2'" A U 1  ? ? 123.03 114.00 9.03  1.30 N 
2 1 N9 A A 17 ? ? "C1'" A A 17 ? ? "C2'" A A 17 ? ? 124.40 114.00 10.40 1.30 N 
# 
loop_
_pdbx_validate_planes.id 
_pdbx_validate_planes.PDB_model_num 
_pdbx_validate_planes.auth_comp_id 
_pdbx_validate_planes.auth_asym_id 
_pdbx_validate_planes.auth_seq_id 
_pdbx_validate_planes.PDB_ins_code 
_pdbx_validate_planes.label_alt_id 
_pdbx_validate_planes.rmsd 
_pdbx_validate_planes.type 
1 1 U A 1  ? ? 0.099 'SIDE CHAIN' 
2 1 A A 17 ? ? 0.068 'SIDE CHAIN' 
3 1 U A 20 ? ? 0.079 'SIDE CHAIN' 
4 1 U B 38 ? ? 0.059 'SIDE CHAIN' 
5 1 U B 43 ? ? 0.067 'SIDE CHAIN' 
6 1 G B 45 ? ? 0.052 'SIDE CHAIN' 
# 
loop_
_pdbx_unobs_or_zero_occ_atoms.id 
_pdbx_unobs_or_zero_occ_atoms.PDB_model_num 
_pdbx_unobs_or_zero_occ_atoms.polymer_flag 
_pdbx_unobs_or_zero_occ_atoms.occupancy_flag 
_pdbx_unobs_or_zero_occ_atoms.auth_asym_id 
_pdbx_unobs_or_zero_occ_atoms.auth_comp_id 
_pdbx_unobs_or_zero_occ_atoms.auth_seq_id 
_pdbx_unobs_or_zero_occ_atoms.PDB_ins_code 
_pdbx_unobs_or_zero_occ_atoms.auth_atom_id 
_pdbx_unobs_or_zero_occ_atoms.label_alt_id 
_pdbx_unobs_or_zero_occ_atoms.label_asym_id 
_pdbx_unobs_or_zero_occ_atoms.label_comp_id 
_pdbx_unobs_or_zero_occ_atoms.label_seq_id 
_pdbx_unobs_or_zero_occ_atoms.label_atom_id 
1 1 Y 1 B U 25 ? P   ? B U 2 P   
2 1 Y 1 B U 25 ? OP1 ? B U 2 OP1 
3 1 Y 1 B U 25 ? OP2 ? B U 2 OP2 
# 
_pdbx_unobs_or_zero_occ_residues.id               1 
_pdbx_unobs_or_zero_occ_residues.PDB_model_num    1 
_pdbx_unobs_or_zero_occ_residues.polymer_flag     Y 
_pdbx_unobs_or_zero_occ_residues.occupancy_flag   1 
_pdbx_unobs_or_zero_occ_residues.auth_asym_id     B 
_pdbx_unobs_or_zero_occ_residues.auth_comp_id     U 
_pdbx_unobs_or_zero_occ_residues.auth_seq_id      24 
_pdbx_unobs_or_zero_occ_residues.PDB_ins_code     ? 
_pdbx_unobs_or_zero_occ_residues.label_asym_id    B 
_pdbx_unobs_or_zero_occ_residues.label_comp_id    U 
_pdbx_unobs_or_zero_occ_residues.label_seq_id     1 
# 
loop_
_chem_comp_atom.comp_id 
_chem_comp_atom.atom_id 
_chem_comp_atom.type_symbol 
_chem_comp_atom.pdbx_aromatic_flag 
_chem_comp_atom.pdbx_stereo_config 
_chem_comp_atom.pdbx_ordinal 
A   OP3    O  N N 1   
A   P      P  N N 2   
A   OP1    O  N N 3   
A   OP2    O  N N 4   
A   "O5'"  O  N N 5   
A   "C5'"  C  N N 6   
A   "C4'"  C  N R 7   
A   "O4'"  O  N N 8   
A   "C3'"  C  N S 9   
A   "O3'"  O  N N 10  
A   "C2'"  C  N R 11  
A   "O2'"  O  N N 12  
A   "C1'"  C  N R 13  
A   N9     N  Y N 14  
A   C8     C  Y N 15  
A   N7     N  Y N 16  
A   C5     C  Y N 17  
A   C6     C  Y N 18  
A   N6     N  N N 19  
A   N1     N  Y N 20  
A   C2     C  Y N 21  
A   N3     N  Y N 22  
A   C4     C  Y N 23  
A   HOP3   H  N N 24  
A   HOP2   H  N N 25  
A   "H5'"  H  N N 26  
A   "H5''" H  N N 27  
A   "H4'"  H  N N 28  
A   "H3'"  H  N N 29  
A   "HO3'" H  N N 30  
A   "H2'"  H  N N 31  
A   "HO2'" H  N N 32  
A   "H1'"  H  N N 33  
A   H8     H  N N 34  
A   H61    H  N N 35  
A   H62    H  N N 36  
A   H2     H  N N 37  
AM2 CA1    C  N S 38  
AM2 CA2    C  N R 39  
AM2 CA3    C  N N 40  
AM2 CA4    C  N S 41  
AM2 CA5    C  N R 42  
AM2 CA6    C  N R 43  
AM2 CA7    C  N S 44  
AM2 CA8    C  N R 45  
AM2 CA9    C  N N 46  
AM2 OA4    O  N N 47  
AM2 OA5    O  N N 48  
AM2 NA2    N  N N 49  
AM2 NA7    N  N N 50  
AM2 OA6    O  N N 51  
AM2 OA8    O  N N 52  
AM2 OA1    O  N N 53  
AM2 CB1    C  N R 54  
AM2 CB2    C  N R 55  
AM2 CB3    C  N S 56  
AM2 CB4    C  N S 57  
AM2 CB5    C  N S 58  
AM2 CB6    C  N N 59  
AM2 OB1    O  N N 60  
AM2 NB4    N  N N 61  
AM2 OB2    O  N N 62  
AM2 OB3    O  N N 63  
AM2 OB6    O  N N 64  
AM2 CC1    C  N R 65  
AM2 CC2    C  N R 66  
AM2 CC3    C  N S 67  
AM2 CC4    C  N R 68  
AM2 CC5    C  N N 69  
AM2 CC6    C  N S 70  
AM2 NC4    N  N N 71  
AM2 NC6    N  N N 72  
AM2 OC2    O  N N 73  
AM2 OC3    O  N N 74  
AM2 HA1    H  N N 75  
AM2 HA2    H  N N 76  
AM2 HA31   H  N N 77  
AM2 HA32   H  N N 78  
AM2 HA4    H  N N 79  
AM2 HA5    H  N N 80  
AM2 HA6    H  N N 81  
AM2 HA7    H  N N 82  
AM2 HA8    H  N N 83  
AM2 HA91   H  N N 84  
AM2 HA92   H  N N 85  
AM2 HA93   H  N N 86  
AM2 HA21   H  N N 87  
AM2 HA22   H  N N 88  
AM2 H2     H  N N 89  
AM2 H1     H  N N 90  
AM2 HB1    H  N N 91  
AM2 HB2    H  N N 92  
AM2 HB3    H  N N 93  
AM2 HB4    H  N N 94  
AM2 HB5    H  N N 95  
AM2 HB61   H  N N 96  
AM2 HB62   H  N N 97  
AM2 HB41   H  N N 98  
AM2 HB42   H  N N 99  
AM2 H5     H  N N 100 
AM2 H6     H  N N 101 
AM2 HB6    H  N N 102 
AM2 HC1    H  N N 103 
AM2 HC2    H  N N 104 
AM2 HC3    H  N N 105 
AM2 HC4    H  N N 106 
AM2 HC51   H  N N 107 
AM2 HC52   H  N N 108 
AM2 HC6    H  N N 109 
AM2 HC41   H  N N 110 
AM2 HC42   H  N N 111 
AM2 HC61   H  N N 112 
AM2 HC62   H  N N 113 
AM2 H3     H  N N 114 
AM2 H4     H  N N 115 
C   OP3    O  N N 116 
C   P      P  N N 117 
C   OP1    O  N N 118 
C   OP2    O  N N 119 
C   "O5'"  O  N N 120 
C   "C5'"  C  N N 121 
C   "C4'"  C  N R 122 
C   "O4'"  O  N N 123 
C   "C3'"  C  N S 124 
C   "O3'"  O  N N 125 
C   "C2'"  C  N R 126 
C   "O2'"  O  N N 127 
C   "C1'"  C  N R 128 
C   N1     N  N N 129 
C   C2     C  N N 130 
C   O2     O  N N 131 
C   N3     N  N N 132 
C   C4     C  N N 133 
C   N4     N  N N 134 
C   C5     C  N N 135 
C   C6     C  N N 136 
C   HOP3   H  N N 137 
C   HOP2   H  N N 138 
C   "H5'"  H  N N 139 
C   "H5''" H  N N 140 
C   "H4'"  H  N N 141 
C   "H3'"  H  N N 142 
C   "HO3'" H  N N 143 
C   "H2'"  H  N N 144 
C   "HO2'" H  N N 145 
C   "H1'"  H  N N 146 
C   H41    H  N N 147 
C   H42    H  N N 148 
C   H5     H  N N 149 
C   H6     H  N N 150 
G   OP3    O  N N 151 
G   P      P  N N 152 
G   OP1    O  N N 153 
G   OP2    O  N N 154 
G   "O5'"  O  N N 155 
G   "C5'"  C  N N 156 
G   "C4'"  C  N R 157 
G   "O4'"  O  N N 158 
G   "C3'"  C  N S 159 
G   "O3'"  O  N N 160 
G   "C2'"  C  N R 161 
G   "O2'"  O  N N 162 
G   "C1'"  C  N R 163 
G   N9     N  Y N 164 
G   C8     C  Y N 165 
G   N7     N  Y N 166 
G   C5     C  Y N 167 
G   C6     C  N N 168 
G   O6     O  N N 169 
G   N1     N  N N 170 
G   C2     C  N N 171 
G   N2     N  N N 172 
G   N3     N  N N 173 
G   C4     C  Y N 174 
G   HOP3   H  N N 175 
G   HOP2   H  N N 176 
G   "H5'"  H  N N 177 
G   "H5''" H  N N 178 
G   "H4'"  H  N N 179 
G   "H3'"  H  N N 180 
G   "HO3'" H  N N 181 
G   "H2'"  H  N N 182 
G   "HO2'" H  N N 183 
G   "H1'"  H  N N 184 
G   H8     H  N N 185 
G   H1     H  N N 186 
G   H21    H  N N 187 
G   H22    H  N N 188 
HOH O      O  N N 189 
HOH H1     H  N N 190 
HOH H2     H  N N 191 
K   K      K  N N 192 
MG  MG     MG N N 193 
U   OP3    O  N N 194 
U   P      P  N N 195 
U   OP1    O  N N 196 
U   OP2    O  N N 197 
U   "O5'"  O  N N 198 
U   "C5'"  C  N N 199 
U   "C4'"  C  N R 200 
U   "O4'"  O  N N 201 
U   "C3'"  C  N S 202 
U   "O3'"  O  N N 203 
U   "C2'"  C  N R 204 
U   "O2'"  O  N N 205 
U   "C1'"  C  N R 206 
U   N1     N  N N 207 
U   C2     C  N N 208 
U   O2     O  N N 209 
U   N3     N  N N 210 
U   C4     C  N N 211 
U   O4     O  N N 212 
U   C5     C  N N 213 
U   C6     C  N N 214 
U   HOP3   H  N N 215 
U   HOP2   H  N N 216 
U   "H5'"  H  N N 217 
U   "H5''" H  N N 218 
U   "H4'"  H  N N 219 
U   "H3'"  H  N N 220 
U   "HO3'" H  N N 221 
U   "H2'"  H  N N 222 
U   "HO2'" H  N N 223 
U   "H1'"  H  N N 224 
U   H3     H  N N 225 
U   H5     H  N N 226 
U   H6     H  N N 227 
# 
loop_
_chem_comp_bond.comp_id 
_chem_comp_bond.atom_id_1 
_chem_comp_bond.atom_id_2 
_chem_comp_bond.value_order 
_chem_comp_bond.pdbx_aromatic_flag 
_chem_comp_bond.pdbx_stereo_config 
_chem_comp_bond.pdbx_ordinal 
A   OP3   P      sing N N 1   
A   OP3   HOP3   sing N N 2   
A   P     OP1    doub N N 3   
A   P     OP2    sing N N 4   
A   P     "O5'"  sing N N 5   
A   OP2   HOP2   sing N N 6   
A   "O5'" "C5'"  sing N N 7   
A   "C5'" "C4'"  sing N N 8   
A   "C5'" "H5'"  sing N N 9   
A   "C5'" "H5''" sing N N 10  
A   "C4'" "O4'"  sing N N 11  
A   "C4'" "C3'"  sing N N 12  
A   "C4'" "H4'"  sing N N 13  
A   "O4'" "C1'"  sing N N 14  
A   "C3'" "O3'"  sing N N 15  
A   "C3'" "C2'"  sing N N 16  
A   "C3'" "H3'"  sing N N 17  
A   "O3'" "HO3'" sing N N 18  
A   "C2'" "O2'"  sing N N 19  
A   "C2'" "C1'"  sing N N 20  
A   "C2'" "H2'"  sing N N 21  
A   "O2'" "HO2'" sing N N 22  
A   "C1'" N9     sing N N 23  
A   "C1'" "H1'"  sing N N 24  
A   N9    C8     sing Y N 25  
A   N9    C4     sing Y N 26  
A   C8    N7     doub Y N 27  
A   C8    H8     sing N N 28  
A   N7    C5     sing Y N 29  
A   C5    C6     sing Y N 30  
A   C5    C4     doub Y N 31  
A   C6    N6     sing N N 32  
A   C6    N1     doub Y N 33  
A   N6    H61    sing N N 34  
A   N6    H62    sing N N 35  
A   N1    C2     sing Y N 36  
A   C2    N3     doub Y N 37  
A   C2    H2     sing N N 38  
A   N3    C4     sing Y N 39  
AM2 CA1   CA2    sing N N 40  
AM2 CA1   OA4    sing N N 41  
AM2 CA1   OA1    sing N N 42  
AM2 CA1   HA1    sing N N 43  
AM2 CA2   CA3    sing N N 44  
AM2 CA2   NA2    sing N N 45  
AM2 CA2   HA2    sing N N 46  
AM2 CA3   CA4    sing N N 47  
AM2 CA3   HA31   sing N N 48  
AM2 CA3   HA32   sing N N 49  
AM2 CA4   CA5    sing N N 50  
AM2 CA4   OA5    sing N N 51  
AM2 CA4   HA4    sing N N 52  
AM2 CA5   CA6    sing N N 53  
AM2 CA5   OA4    sing N N 54  
AM2 CA5   HA5    sing N N 55  
AM2 CA6   CA7    sing N N 56  
AM2 CA6   OA6    sing N N 57  
AM2 CA6   HA6    sing N N 58  
AM2 CA7   CA8    sing N N 59  
AM2 CA7   NA7    sing N N 60  
AM2 CA7   HA7    sing N N 61  
AM2 CA8   OA5    sing N N 62  
AM2 CA8   OA8    sing N N 63  
AM2 CA8   HA8    sing N N 64  
AM2 CA9   NA7    sing N N 65  
AM2 CA9   HA91   sing N N 66  
AM2 CA9   HA92   sing N N 67  
AM2 CA9   HA93   sing N N 68  
AM2 NA2   HA21   sing N N 69  
AM2 NA2   HA22   sing N N 70  
AM2 NA7   H2     sing N N 71  
AM2 OA6   H1     sing N N 72  
AM2 OA8   CB1    sing N N 73  
AM2 OA1   CC1    sing N N 74  
AM2 CB1   CB2    sing N N 75  
AM2 CB1   OB1    sing N N 76  
AM2 CB1   HB1    sing N N 77  
AM2 CB2   CB3    sing N N 78  
AM2 CB2   OB2    sing N N 79  
AM2 CB2   HB2    sing N N 80  
AM2 CB3   CB4    sing N N 81  
AM2 CB3   OB3    sing N N 82  
AM2 CB3   HB3    sing N N 83  
AM2 CB4   CB5    sing N N 84  
AM2 CB4   NB4    sing N N 85  
AM2 CB4   HB4    sing N N 86  
AM2 CB5   CB6    sing N N 87  
AM2 CB5   OB1    sing N N 88  
AM2 CB5   HB5    sing N N 89  
AM2 CB6   OB6    sing N N 90  
AM2 CB6   HB61   sing N N 91  
AM2 CB6   HB62   sing N N 92  
AM2 NB4   HB41   sing N N 93  
AM2 NB4   HB42   sing N N 94  
AM2 OB2   H5     sing N N 95  
AM2 OB3   H6     sing N N 96  
AM2 OB6   HB6    sing N N 97  
AM2 CC1   CC2    sing N N 98  
AM2 CC1   CC6    sing N N 99  
AM2 CC1   HC1    sing N N 100 
AM2 CC2   CC3    sing N N 101 
AM2 CC2   OC2    sing N N 102 
AM2 CC2   HC2    sing N N 103 
AM2 CC3   CC4    sing N N 104 
AM2 CC3   OC3    sing N N 105 
AM2 CC3   HC3    sing N N 106 
AM2 CC4   CC5    sing N N 107 
AM2 CC4   NC4    sing N N 108 
AM2 CC4   HC4    sing N N 109 
AM2 CC5   CC6    sing N N 110 
AM2 CC5   HC51   sing N N 111 
AM2 CC5   HC52   sing N N 112 
AM2 CC6   NC6    sing N N 113 
AM2 CC6   HC6    sing N N 114 
AM2 NC4   HC41   sing N N 115 
AM2 NC4   HC42   sing N N 116 
AM2 NC6   HC61   sing N N 117 
AM2 NC6   HC62   sing N N 118 
AM2 OC2   H3     sing N N 119 
AM2 OC3   H4     sing N N 120 
C   OP3   P      sing N N 121 
C   OP3   HOP3   sing N N 122 
C   P     OP1    doub N N 123 
C   P     OP2    sing N N 124 
C   P     "O5'"  sing N N 125 
C   OP2   HOP2   sing N N 126 
C   "O5'" "C5'"  sing N N 127 
C   "C5'" "C4'"  sing N N 128 
C   "C5'" "H5'"  sing N N 129 
C   "C5'" "H5''" sing N N 130 
C   "C4'" "O4'"  sing N N 131 
C   "C4'" "C3'"  sing N N 132 
C   "C4'" "H4'"  sing N N 133 
C   "O4'" "C1'"  sing N N 134 
C   "C3'" "O3'"  sing N N 135 
C   "C3'" "C2'"  sing N N 136 
C   "C3'" "H3'"  sing N N 137 
C   "O3'" "HO3'" sing N N 138 
C   "C2'" "O2'"  sing N N 139 
C   "C2'" "C1'"  sing N N 140 
C   "C2'" "H2'"  sing N N 141 
C   "O2'" "HO2'" sing N N 142 
C   "C1'" N1     sing N N 143 
C   "C1'" "H1'"  sing N N 144 
C   N1    C2     sing N N 145 
C   N1    C6     sing N N 146 
C   C2    O2     doub N N 147 
C   C2    N3     sing N N 148 
C   N3    C4     doub N N 149 
C   C4    N4     sing N N 150 
C   C4    C5     sing N N 151 
C   N4    H41    sing N N 152 
C   N4    H42    sing N N 153 
C   C5    C6     doub N N 154 
C   C5    H5     sing N N 155 
C   C6    H6     sing N N 156 
G   OP3   P      sing N N 157 
G   OP3   HOP3   sing N N 158 
G   P     OP1    doub N N 159 
G   P     OP2    sing N N 160 
G   P     "O5'"  sing N N 161 
G   OP2   HOP2   sing N N 162 
G   "O5'" "C5'"  sing N N 163 
G   "C5'" "C4'"  sing N N 164 
G   "C5'" "H5'"  sing N N 165 
G   "C5'" "H5''" sing N N 166 
G   "C4'" "O4'"  sing N N 167 
G   "C4'" "C3'"  sing N N 168 
G   "C4'" "H4'"  sing N N 169 
G   "O4'" "C1'"  sing N N 170 
G   "C3'" "O3'"  sing N N 171 
G   "C3'" "C2'"  sing N N 172 
G   "C3'" "H3'"  sing N N 173 
G   "O3'" "HO3'" sing N N 174 
G   "C2'" "O2'"  sing N N 175 
G   "C2'" "C1'"  sing N N 176 
G   "C2'" "H2'"  sing N N 177 
G   "O2'" "HO2'" sing N N 178 
G   "C1'" N9     sing N N 179 
G   "C1'" "H1'"  sing N N 180 
G   N9    C8     sing Y N 181 
G   N9    C4     sing Y N 182 
G   C8    N7     doub Y N 183 
G   C8    H8     sing N N 184 
G   N7    C5     sing Y N 185 
G   C5    C6     sing N N 186 
G   C5    C4     doub Y N 187 
G   C6    O6     doub N N 188 
G   C6    N1     sing N N 189 
G   N1    C2     sing N N 190 
G   N1    H1     sing N N 191 
G   C2    N2     sing N N 192 
G   C2    N3     doub N N 193 
G   N2    H21    sing N N 194 
G   N2    H22    sing N N 195 
G   N3    C4     sing N N 196 
HOH O     H1     sing N N 197 
HOH O     H2     sing N N 198 
U   OP3   P      sing N N 199 
U   OP3   HOP3   sing N N 200 
U   P     OP1    doub N N 201 
U   P     OP2    sing N N 202 
U   P     "O5'"  sing N N 203 
U   OP2   HOP2   sing N N 204 
U   "O5'" "C5'"  sing N N 205 
U   "C5'" "C4'"  sing N N 206 
U   "C5'" "H5'"  sing N N 207 
U   "C5'" "H5''" sing N N 208 
U   "C4'" "O4'"  sing N N 209 
U   "C4'" "C3'"  sing N N 210 
U   "C4'" "H4'"  sing N N 211 
U   "O4'" "C1'"  sing N N 212 
U   "C3'" "O3'"  sing N N 213 
U   "C3'" "C2'"  sing N N 214 
U   "C3'" "H3'"  sing N N 215 
U   "O3'" "HO3'" sing N N 216 
U   "C2'" "O2'"  sing N N 217 
U   "C2'" "C1'"  sing N N 218 
U   "C2'" "H2'"  sing N N 219 
U   "O2'" "HO2'" sing N N 220 
U   "C1'" N1     sing N N 221 
U   "C1'" "H1'"  sing N N 222 
U   N1    C2     sing N N 223 
U   N1    C6     sing N N 224 
U   C2    O2     doub N N 225 
U   C2    N3     sing N N 226 
U   N3    C4     sing N N 227 
U   N3    H3     sing N N 228 
U   C4    O4     doub N N 229 
U   C4    C5     sing N N 230 
U   C5    C6     doub N N 231 
U   C5    H5     sing N N 232 
U   C6    H6     sing N N 233 
# 
loop_
_ndb_struct_conf_na.entry_id 
_ndb_struct_conf_na.feature 
1YRJ 'double helix'         
1YRJ 'a-form double helix'  
1YRJ 'mismatched base pair' 
1YRJ 'internal loop'        
# 
loop_
_ndb_struct_na_base_pair.model_number 
_ndb_struct_na_base_pair.i_label_asym_id 
_ndb_struct_na_base_pair.i_label_comp_id 
_ndb_struct_na_base_pair.i_label_seq_id 
_ndb_struct_na_base_pair.i_symmetry 
_ndb_struct_na_base_pair.j_label_asym_id 
_ndb_struct_na_base_pair.j_label_comp_id 
_ndb_struct_na_base_pair.j_label_seq_id 
_ndb_struct_na_base_pair.j_symmetry 
_ndb_struct_na_base_pair.shear 
_ndb_struct_na_base_pair.stretch 
_ndb_struct_na_base_pair.stagger 
_ndb_struct_na_base_pair.buckle 
_ndb_struct_na_base_pair.propeller 
_ndb_struct_na_base_pair.opening 
_ndb_struct_na_base_pair.pair_number 
_ndb_struct_na_base_pair.pair_name 
_ndb_struct_na_base_pair.i_auth_asym_id 
_ndb_struct_na_base_pair.i_auth_seq_id 
_ndb_struct_na_base_pair.i_PDB_ins_code 
_ndb_struct_na_base_pair.j_auth_asym_id 
_ndb_struct_na_base_pair.j_auth_seq_id 
_ndb_struct_na_base_pair.j_PDB_ins_code 
_ndb_struct_na_base_pair.hbond_type_28 
_ndb_struct_na_base_pair.hbond_type_12 
1 A G 3  1_555 B C 23 1_555 0.333  -0.348 0.408  -4.051  7.547   -6.749 1  A_G3:C46_B  A 3  ? B 46 ? 19 1 
1 A C 4  1_555 B G 22 1_555 0.969  -0.321 0.041  -4.987  -9.811  -5.458 2  A_C4:G45_B  A 4  ? B 45 ? 19 1 
1 A G 5  1_555 B C 21 1_555 -0.664 -0.678 -1.030 -23.140 -9.398  1.696  3  A_G5:C44_B  A 5  ? B 44 ? 19 1 
1 A U 6  1_555 B U 20 1_555 -2.689 -1.946 1.051  -5.222  -26.013 10.839 4  A_U6:U43_B  A 6  ? B 43 ? 16 1 
1 A C 7  1_555 B G 19 1_555 0.281  -0.058 0.547  -2.161  -21.371 9.132  5  A_C7:G42_B  A 7  ? B 42 ? 19 1 
1 A C 9  1_555 B G 16 1_555 0.454  -0.100 0.218  1.127   -0.146  7.873  6  A_C9:G39_B  A 9  ? B 39 ? 19 1 
1 A A 10 1_555 B U 15 1_555 -0.457 0.106  0.152  3.060   -24.467 1.983  7  A_A10:U38_B A 10 ? B 38 ? 20 1 
1 A C 11 1_555 B G 14 1_555 1.367  -0.529 -0.002 8.392   -10.985 5.405  8  A_C11:G37_B A 11 ? B 37 ? 19 1 
1 A C 12 1_555 B G 13 1_555 -0.555 -0.300 0.446  2.629   -11.704 5.890  9  A_C12:G36_B A 12 ? B 36 ? 19 1 
1 A G 13 1_555 B C 12 1_555 -0.071 -0.130 0.217  -3.981  -12.814 2.801  10 A_G13:C35_B A 13 ? B 35 ? 19 1 
1 A G 14 1_555 B C 11 1_555 -0.458 -0.761 -0.189 -2.585  -21.917 -0.771 11 A_G14:C34_B A 14 ? B 34 ? 19 1 
1 A U 15 1_555 B A 10 1_555 -0.800 -0.535 -0.211 3.873   -12.853 7.803  12 A_U15:A33_B A 15 ? B 33 ? 20 1 
1 A G 16 1_555 B C 9  1_555 -0.238 0.183  0.468  4.616   -15.025 5.973  13 A_G16:C32_B A 16 ? B 32 ? 19 1 
1 A G 19 1_555 B C 7  1_555 0.616  -0.140 -0.102 4.008   -17.838 -5.288 14 A_G19:C30_B A 19 ? B 30 ? 19 1 
1 A U 20 1_555 B U 6  1_555 1.647  -1.678 0.058  -0.702  -17.370 2.240  15 A_U20:U29_B A 20 ? B 29 ? 16 1 
1 A C 21 1_555 B G 5  1_555 1.153  -0.637 0.515  -2.422  -14.550 6.160  16 A_C21:G28_B A 21 ? B 28 ? 19 1 
1 A G 22 1_555 B C 4  1_555 -0.285 -0.179 0.101  -0.993  -10.370 7.747  17 A_G22:C27_B A 22 ? B 27 ? 19 1 
1 A C 23 1_555 B G 3  1_555 0.567  -0.051 0.124  2.537   -5.439  2.779  18 A_C23:G26_B A 23 ? B 26 ? 19 1 
# 
loop_
_ndb_struct_na_base_pair_step.model_number 
_ndb_struct_na_base_pair_step.i_label_asym_id_1 
_ndb_struct_na_base_pair_step.i_label_comp_id_1 
_ndb_struct_na_base_pair_step.i_label_seq_id_1 
_ndb_struct_na_base_pair_step.i_symmetry_1 
_ndb_struct_na_base_pair_step.j_label_asym_id_1 
_ndb_struct_na_base_pair_step.j_label_comp_id_1 
_ndb_struct_na_base_pair_step.j_label_seq_id_1 
_ndb_struct_na_base_pair_step.j_symmetry_1 
_ndb_struct_na_base_pair_step.i_label_asym_id_2 
_ndb_struct_na_base_pair_step.i_label_comp_id_2 
_ndb_struct_na_base_pair_step.i_label_seq_id_2 
_ndb_struct_na_base_pair_step.i_symmetry_2 
_ndb_struct_na_base_pair_step.j_label_asym_id_2 
_ndb_struct_na_base_pair_step.j_label_comp_id_2 
_ndb_struct_na_base_pair_step.j_label_seq_id_2 
_ndb_struct_na_base_pair_step.j_symmetry_2 
_ndb_struct_na_base_pair_step.shift 
_ndb_struct_na_base_pair_step.slide 
_ndb_struct_na_base_pair_step.rise 
_ndb_struct_na_base_pair_step.tilt 
_ndb_struct_na_base_pair_step.roll 
_ndb_struct_na_base_pair_step.twist 
_ndb_struct_na_base_pair_step.x_displacement 
_ndb_struct_na_base_pair_step.y_displacement 
_ndb_struct_na_base_pair_step.helical_rise 
_ndb_struct_na_base_pair_step.inclination 
_ndb_struct_na_base_pair_step.tip 
_ndb_struct_na_base_pair_step.helical_twist 
_ndb_struct_na_base_pair_step.step_number 
_ndb_struct_na_base_pair_step.step_name 
_ndb_struct_na_base_pair_step.i_auth_asym_id_1 
_ndb_struct_na_base_pair_step.i_auth_seq_id_1 
_ndb_struct_na_base_pair_step.i_PDB_ins_code_1 
_ndb_struct_na_base_pair_step.j_auth_asym_id_1 
_ndb_struct_na_base_pair_step.j_auth_seq_id_1 
_ndb_struct_na_base_pair_step.j_PDB_ins_code_1 
_ndb_struct_na_base_pair_step.i_auth_asym_id_2 
_ndb_struct_na_base_pair_step.i_auth_seq_id_2 
_ndb_struct_na_base_pair_step.i_PDB_ins_code_2 
_ndb_struct_na_base_pair_step.j_auth_asym_id_2 
_ndb_struct_na_base_pair_step.j_auth_seq_id_2 
_ndb_struct_na_base_pair_step.j_PDB_ins_code_2 
1 A G 3  1_555 B C 23 1_555 A C 4  1_555 B G 22 1_555 -0.859 -2.645 3.344 3.787   -2.906 31.201 -4.301  2.315  3.444 -5.364 -6.989 
31.555 1  AA_G3C4:G45C46_BB   A 3  ? B 46 ? A 4  ? B 45 ? 
1 A C 4  1_555 B G 22 1_555 A G 5  1_555 B C 21 1_555 1.061  -2.016 3.909 8.621   6.218  20.686 -7.526  0.859  3.341 16.023 
-22.215 23.230 2  AA_C4G5:C44G45_BB   A 4  ? B 45 ? A 5  ? B 44 ? 
1 A G 5  1_555 B C 21 1_555 A U 6  1_555 B U 20 1_555 0.569  -1.478 2.684 -15.842 1.350  24.873 -3.128  -3.706 1.906 2.798  32.842 
29.453 3  AA_G5U6:U43C44_BB   A 5  ? B 44 ? A 6  ? B 43 ? 
1 A U 6  1_555 B U 20 1_555 A C 7  1_555 B G 19 1_555 0.025  -0.699 2.969 4.511   3.941  50.200 -1.070  0.258  2.902 4.626  -5.295 
50.533 4  AA_U6C7:G42U43_BB   A 6  ? B 43 ? A 7  ? B 42 ? 
1 A C 7  1_555 B G 19 1_555 A C 9  1_555 B G 16 1_555 1.930  -2.799 6.309 -10.960 17.523 84.819 -2.746  -1.849 5.536 12.827 8.023 
86.835 5  AA_C7C9:G39G42_BB   A 7  ? B 42 ? A 9  ? B 39 ? 
1 A C 9  1_555 B G 16 1_555 A A 10 1_555 B U 15 1_555 -0.808 -1.413 3.162 -0.778  10.295 27.078 -4.864  1.462  2.491 21.042 1.590 
28.945 6  AA_C9A10:U38G39_BB  A 9  ? B 39 ? A 10 ? B 38 ? 
1 A A 10 1_555 B U 15 1_555 A C 11 1_555 B G 14 1_555 0.789  -1.500 3.147 0.577   5.738  39.124 -2.847  -1.103 2.918 8.512  -0.856 
39.530 7  AA_A10C11:G37U38_BB A 10 ? B 38 ? A 11 ? B 37 ? 
1 A C 11 1_555 B G 14 1_555 A C 12 1_555 B G 13 1_555 -0.083 -2.758 2.948 -4.371  12.976 17.865 -10.129 -0.816 0.785 35.741 12.040 
22.475 8  AA_C11C12:G36G37_BB A 11 ? B 37 ? A 12 ? B 36 ? 
1 A C 12 1_555 B G 13 1_555 A G 13 1_555 B C 12 1_555 -0.156 -1.396 3.170 3.211   8.912  36.270 -3.249  0.631  2.740 14.024 -5.052 
37.446 9  AA_C12G13:C35G36_BB A 12 ? B 36 ? A 13 ? B 35 ? 
1 A G 13 1_555 B C 12 1_555 A G 14 1_555 B C 11 1_555 -0.368 -2.066 3.257 3.999   8.045  28.700 -5.480  1.453  2.525 15.750 -7.830 
30.045 10 AA_G13G14:C34C35_BB A 13 ? B 35 ? A 14 ? B 34 ? 
1 A G 14 1_555 B C 11 1_555 A U 15 1_555 B A 10 1_555 0.655  -1.323 3.030 0.336   4.871  27.242 -3.821  -1.298 2.763 10.238 -0.706 
27.668 11 AA_G14U15:A33C34_BB A 14 ? B 34 ? A 15 ? B 33 ? 
1 A U 15 1_555 B A 10 1_555 A G 16 1_555 B C 9  1_555 0.094  -1.325 3.056 -2.683  8.882  35.404 -3.197  -0.478 2.644 14.304 4.320 
36.562 12 AA_U15G16:C32A33_BB A 15 ? B 33 ? A 16 ? B 32 ? 
1 A G 19 1_555 B C 7  1_555 A U 20 1_555 B U 6  1_555 -0.453 -1.772 3.496 1.179   1.226  37.715 -2.906  0.861  3.424 1.896  -1.822 
37.752 13 AA_G19U20:U29C30_BB A 19 ? B 30 ? A 20 ? B 29 ? 
1 A U 20 1_555 B U 6  1_555 A C 21 1_555 B G 5  1_555 -0.107 -1.621 3.216 -3.612  8.192  33.028 -3.958  -0.347 2.744 14.089 6.213 
34.187 14 AA_U20C21:G28U29_BB A 20 ? B 29 ? A 21 ? B 28 ? 
1 A C 21 1_555 B G 5  1_555 A G 22 1_555 B C 4  1_555 -0.304 -2.181 3.236 1.303   -2.400 20.323 -5.037  1.446  3.441 -6.762 -3.671 
20.504 15 AA_C21G22:C27G28_BB A 21 ? B 28 ? A 22 ? B 27 ? 
1 A G 22 1_555 B C 4  1_555 A C 23 1_555 B G 3  1_555 -0.375 -2.209 3.196 1.832   5.658  31.807 -4.883  0.970  2.747 10.212 -3.306 
32.344 16 AA_G22C23:G26C27_BB A 22 ? B 27 ? A 23 ? B 26 ? 
# 
loop_
_pdbx_entity_nonpoly.entity_id 
_pdbx_entity_nonpoly.name 
_pdbx_entity_nonpoly.comp_id 
2 APRAMYCIN       AM2 
3 'MAGNESIUM ION' MG  
4 'POTASSIUM ION' K   
5 water           HOH 
# 
_pdbx_initial_refinement_model.id               1 
_pdbx_initial_refinement_model.entity_id_list   ? 
_pdbx_initial_refinement_model.type             'experimental model' 
_pdbx_initial_refinement_model.source_name      PDB 
_pdbx_initial_refinement_model.accession_code   1LC4 
_pdbx_initial_refinement_model.details          'PDB entry 1LC4' 
# 
